data_8ZWA
#
_entry.id   8ZWA
#
_cell.length_a   1.00
_cell.length_b   1.00
_cell.length_c   1.00
_cell.angle_alpha   90.00
_cell.angle_beta   90.00
_cell.angle_gamma   90.00
#
_symmetry.space_group_name_H-M   'P 1'
#
loop_
_entity.id
_entity.type
_entity.pdbx_description
1 polymer 'Disease resistance protein ADR1'
2 polymer 'Isoform 1 of Protein EDS1'
3 polymer PAD4
4 non-polymer "2'-O-[(5'-PHOSPHO)RIBOSYL]ADENOSINE-5'-MONOPHOSPHATE"
#
loop_
_entity_poly.entity_id
_entity_poly.type
_entity_poly.pdbx_seq_one_letter_code
_entity_poly.pdbx_strand_id
1 'polypeptide(L)'
;MASFIDLFAGDITTQLLKLLALVANTVYSCKGIAERLITMIRDVQPTIREIQYSGAELSNHHQTQLGVFYEILEKARKLC
EKVLRCNRWNLKHVYHANKMKDLEKQISRFLNSQILLFVLAEVCHLRVNGDRIERNMDRLLTERNDSLSFPETMMEIETV
SDPEIQTVLELGKKKVKEMMFKFTDTHLFGISGMSGSGKTTLAIELSKDDDVRGLFKNKVLFLTVSRSPNFENLESCIRE
FLYDGVHQRKLVILDDVWTRESLDRLMSKIRGSTTLVVSRSKLADPRTTYNVELLKKDEAMSLLCLCAFEQKSPPSPFNK
YLVKQVVDECKGLPLSLKVLGASLKNKPERYWEGVVKRLLRGEAADETHESRVFAHMEESLENLDPKIRDCFLDMGAFPE
DKKIPLDLLTSVWVERHDIDEETAFSFVLRLADKNLLTIVNNPRFGDVHIGYYDVFVTQHDVLRDLALHMSNRVDVNRRE
RLLMPKTEPVLPREWEKNKDEPFDAKIVSLHTGEMDEMNWFDMDLPKAEVLILNFSSDNYVLPPFIGKMSRLRVLVIINN
GMSPARLHGFSIFANLAKLRSLWLKRVHVPELTSCTIPLKNLHKIHLIFCKVKNSFVQTSFDISKIFPSLSDLTIDHCDD
LLELKSIFGITSLNSLSITNCPRILELPKNLSNVQSLERLRLYACPELISLPVEVCELPCLKYVDISQCVSLVSLPEKFG
KLGSLEKIDMRECSLLGLPSSVAALVSLRHVICDEETSSMWEMVKKVVPELCIEVAKKCFTVDWLDD
;
A
2 'polypeptide(L)'
;MAFEALTGINGDLITRSWSASKQAYLTERYHKEEAGAVVIFAFQPSFSEKDFFDPDNKSSFGEIKLNRVQFPCMRKIGKG
DVATVNEAFLKNLEAIIDPRTSFQASVEMAVRSRKQIVFTGHSSGGATAILATVWYLEKYFIRNPNVYLEPRCVTFGAPL
VGDSIFSHALGREKWSRFFVNFVSRFDIVPRIMLARKASVEETLPHVLAQLDPRKSSVQESEQRITEFYTRVMRDTSTVA
NQAVCELTGSAEAFLETLSSFLELSPYRPAGTFVFSTEKRLVAVNNSDAILQMLFYTSQASDEQEWSLIPFRSIRDHHSY
EELVQSMGKKLFNHLDGENSIESTLNDLGVSTRGRQYVQAALEEEKKRVENQKKIIQVIEQERFLKKLAWIEDEYKPKCQ
AHKNGYYDSFKVSNEENDFKANVKRAELAGVFDEVLGLMKKCQLPDEFEGDIDWIKLATRYRRLVEPLDIANYHRHLKNE
DTGPYMKRGRPTRYIYAQRGYEHYILKPNGMIAEDVFWNKVNGLNLGLQLEEIQETLKNSGSECGSCFWAEVEELKGKPY
EEVEVRVKTLEGMLGEWITDGEVDDKEIFLEGSTFRKWWITLPKNHKSHSPLRDYMMDEITDT
;
B
3 'polypeptide(L)'
;MDDCRFETSELQASVMISTPLFTDSWSSCNTANCNGSIKIHDIAGITYVAIPAVSMIQLGNLVGLPVTGDVLFPGLSSDE
PLPMVDAAILKLFLQLKIKEGLELELLGKKLVVITGHSTGGALAAFTALWLLSQSSPPSFRVFCITFGSPLLGNQSLSTS
ISRSRLAHNFCHVVSIHDLVPRSSNEQFWPFGTYLFCSDKGGVCLDNAGSVRLMFNILNTTATQNTEEHQRYGHYVFTLS
HMFLKSRSFLGGSIPDNSYQAGVALAVEALGFSNDDTSGVLVKECIETATRIVRAPILRSAELANELASVLPARLEIQWY
KDRCDASEEQLGYYDFFKRYSLKRDFKVNMSRIRLAKFWDTVIKMVETNELPFDFHLGKKWIYASQFYQLLAEPLDIANF
YKNRDIKTGGHYLEGNRPKRYEVIDKWQKGVKVPEECVRSRYASTTQDTCFWAKLEQAKEWLDEARKESSDPQRRSLLRE
KIVPFESYANTLVTKKEVSLDVKAKNSSYSVWEANLKEFKCKMGYENEIEMVVDESDAMET
;
C
#
loop_
_chem_comp.id
_chem_comp.type
_chem_comp.name
_chem_comp.formula
RIA RNA linking 2'-O-[(5'-PHOSPHO)RIBOSYL]ADENOSINE-5'-MONOPHOSPHATE 'C15 H23 N5 O14 P2'
#
# COMPACT_ATOMS: atom_id res chain seq x y z
N PHE A 374 -41.16 -19.67 42.89
CA PHE A 374 -42.49 -19.50 42.31
C PHE A 374 -43.37 -18.66 43.24
N ALA A 375 -43.33 -18.98 44.53
CA ALA A 375 -44.06 -18.20 45.51
C ALA A 375 -43.53 -16.77 45.58
N HIS A 376 -42.20 -16.61 45.52
CA HIS A 376 -41.62 -15.27 45.50
C HIS A 376 -42.03 -14.50 44.26
N MET A 377 -42.27 -15.21 43.15
CA MET A 377 -42.77 -14.55 41.95
C MET A 377 -44.16 -13.97 42.18
N GLU A 378 -45.03 -14.73 42.83
CA GLU A 378 -46.36 -14.22 43.17
C GLU A 378 -46.25 -13.04 44.14
N GLU A 379 -45.36 -13.14 45.11
CA GLU A 379 -45.18 -12.05 46.06
C GLU A 379 -44.71 -10.77 45.35
N SER A 380 -43.77 -10.91 44.42
CA SER A 380 -43.29 -9.76 43.66
C SER A 380 -44.39 -9.18 42.79
N LEU A 381 -45.21 -10.04 42.18
CA LEU A 381 -46.34 -9.56 41.39
C LEU A 381 -47.31 -8.77 42.25
N GLU A 382 -47.57 -9.25 43.47
CA GLU A 382 -48.44 -8.52 44.39
C GLU A 382 -47.81 -7.20 44.81
N ASN A 383 -46.49 -7.18 45.00
CA ASN A 383 -45.80 -5.94 45.38
C ASN A 383 -46.00 -4.87 44.32
N LEU A 384 -45.90 -5.29 43.05
CA LEU A 384 -46.14 -4.34 41.93
C LEU A 384 -47.63 -3.97 41.93
N ASP A 385 -47.96 -2.68 41.87
CA ASP A 385 -49.34 -2.26 41.79
C ASP A 385 -49.91 -2.62 40.42
N PRO A 386 -51.24 -2.61 40.26
CA PRO A 386 -51.81 -2.99 38.96
C PRO A 386 -51.20 -2.28 37.77
N LYS A 387 -50.92 -0.98 37.93
CA LYS A 387 -50.35 -0.19 36.80
C LYS A 387 -49.13 -0.91 36.23
N ILE A 388 -48.34 -1.56 37.10
CA ILE A 388 -47.09 -2.26 36.65
C ILE A 388 -47.35 -3.77 36.66
N ARG A 389 -48.04 -4.26 37.69
CA ARG A 389 -48.32 -5.71 37.81
C ARG A 389 -48.95 -6.21 36.51
N ASP A 390 -50.02 -5.55 36.05
CA ASP A 390 -50.73 -5.98 34.82
C ASP A 390 -49.78 -5.83 33.63
N CYS A 391 -49.07 -4.69 33.56
CA CYS A 391 -48.11 -4.46 32.45
C CYS A 391 -47.18 -5.66 32.34
N PHE A 392 -46.58 -6.07 33.47
CA PHE A 392 -45.67 -7.25 33.48
C PHE A 392 -46.45 -8.48 33.01
N LEU A 393 -47.60 -8.76 33.63
CA LEU A 393 -48.37 -9.94 33.27
C LEU A 393 -48.60 -10.02 31.76
N ASP A 394 -48.93 -8.87 31.14
CA ASP A 394 -49.15 -8.86 29.70
C ASP A 394 -47.83 -8.94 28.93
N MET A 395 -46.74 -8.43 29.51
CA MET A 395 -45.43 -8.56 28.87
C MET A 395 -44.98 -10.01 28.84
N GLY A 396 -45.31 -10.76 29.87
CA GLY A 396 -44.98 -12.18 29.90
C GLY A 396 -45.72 -13.01 28.86
N ALA A 397 -46.73 -12.43 28.20
CA ALA A 397 -47.50 -13.13 27.18
C ALA A 397 -46.84 -13.13 25.80
N PHE A 398 -45.70 -12.45 25.69
CA PHE A 398 -44.95 -12.42 24.40
C PHE A 398 -44.24 -13.76 24.20
N PRO A 399 -43.86 -14.13 22.95
CA PRO A 399 -43.13 -15.38 22.71
C PRO A 399 -41.91 -15.45 23.63
N GLU A 400 -41.81 -16.53 24.43
CA GLU A 400 -40.70 -16.64 25.40
C GLU A 400 -39.36 -16.75 24.67
N ASP A 401 -39.28 -17.61 23.65
CA ASP A 401 -37.99 -17.82 22.94
C ASP A 401 -37.59 -16.53 22.20
N LYS A 402 -38.54 -15.86 21.56
CA LYS A 402 -38.21 -14.64 20.77
C LYS A 402 -37.91 -13.47 21.71
N LYS A 403 -37.08 -12.52 21.26
CA LYS A 403 -36.76 -11.32 22.08
C LYS A 403 -37.92 -10.32 21.95
N ILE A 404 -38.01 -9.37 22.89
CA ILE A 404 -39.10 -8.39 22.87
C ILE A 404 -38.49 -7.00 22.71
N PRO A 405 -38.79 -6.28 21.62
CA PRO A 405 -38.34 -4.90 21.50
C PRO A 405 -38.90 -4.04 22.61
N LEU A 406 -38.08 -3.11 23.11
CA LEU A 406 -38.54 -2.21 24.17
C LEU A 406 -39.61 -1.25 23.66
N ASP A 407 -39.46 -0.78 22.42
CA ASP A 407 -40.46 0.12 21.85
C ASP A 407 -41.82 -0.56 21.74
N LEU A 408 -41.82 -1.82 21.28
CA LEU A 408 -43.07 -2.58 21.22
C LEU A 408 -43.65 -2.77 22.61
N LEU A 409 -42.79 -3.04 23.59
CA LEU A 409 -43.25 -3.26 24.96
C LEU A 409 -43.93 -2.01 25.53
N THR A 410 -43.29 -0.86 25.39
CA THR A 410 -43.91 0.35 25.90
C THR A 410 -45.14 0.72 25.09
N SER A 411 -45.15 0.37 23.80
CA SER A 411 -46.33 0.62 22.98
C SER A 411 -47.54 -0.14 23.49
N VAL A 412 -47.39 -1.45 23.71
CA VAL A 412 -48.52 -2.24 24.20
C VAL A 412 -48.89 -1.81 25.62
N TRP A 413 -47.89 -1.47 26.43
CA TRP A 413 -48.15 -1.02 27.79
C TRP A 413 -48.98 0.26 27.80
N VAL A 414 -48.65 1.20 26.90
CA VAL A 414 -49.42 2.44 26.79
C VAL A 414 -50.83 2.14 26.28
N GLU A 415 -50.93 1.30 25.24
CA GLU A 415 -52.24 1.05 24.64
C GLU A 415 -53.15 0.22 25.53
N ARG A 416 -52.60 -0.45 26.55
CA ARG A 416 -53.42 -1.26 27.45
C ARG A 416 -53.77 -0.54 28.75
N HIS A 417 -52.77 -0.08 29.50
CA HIS A 417 -52.98 0.50 30.81
C HIS A 417 -52.97 2.02 30.80
N ASP A 418 -52.87 2.64 29.62
CA ASP A 418 -52.94 4.10 29.46
C ASP A 418 -51.86 4.82 30.24
N ILE A 419 -50.77 4.12 30.59
CA ILE A 419 -49.66 4.78 31.27
C ILE A 419 -48.88 5.61 30.28
N ASP A 420 -48.40 6.77 30.72
CA ASP A 420 -47.59 7.62 29.85
C ASP A 420 -46.26 6.95 29.54
N GLU A 421 -45.54 7.51 28.58
CA GLU A 421 -44.25 6.96 28.17
C GLU A 421 -43.24 7.03 29.32
N GLU A 422 -43.24 8.15 30.05
CA GLU A 422 -42.36 8.28 31.21
C GLU A 422 -42.70 7.24 32.28
N THR A 423 -43.99 7.03 32.52
CA THR A 423 -44.42 6.01 33.48
C THR A 423 -44.01 4.62 33.01
N ALA A 424 -44.09 4.36 31.70
CA ALA A 424 -43.68 3.07 31.17
C ALA A 424 -42.18 2.86 31.36
N PHE A 425 -41.38 3.91 31.14
CA PHE A 425 -39.94 3.81 31.36
C PHE A 425 -39.64 3.57 32.84
N SER A 426 -40.36 4.26 33.73
CA SER A 426 -40.18 4.04 35.16
C SER A 426 -40.55 2.61 35.55
N PHE A 427 -41.61 2.07 34.95
CA PHE A 427 -41.99 0.68 35.22
C PHE A 427 -40.94 -0.29 34.66
N VAL A 428 -40.33 0.06 33.53
CA VAL A 428 -39.25 -0.75 32.98
C VAL A 428 -38.09 -0.79 33.97
N LEU A 429 -37.73 0.35 34.55
CA LEU A 429 -36.70 0.36 35.58
C LEU A 429 -37.12 -0.44 36.81
N ARG A 430 -38.39 -0.33 37.19
CA ARG A 430 -38.91 -1.07 38.34
C ARG A 430 -38.78 -2.58 38.14
N LEU A 431 -39.05 -3.06 36.93
CA LEU A 431 -38.80 -4.46 36.61
C LEU A 431 -37.31 -4.76 36.48
N ALA A 432 -36.52 -3.77 36.07
CA ALA A 432 -35.09 -3.99 35.87
C ALA A 432 -34.38 -4.25 37.20
N ASP A 433 -34.75 -3.52 38.26
CA ASP A 433 -34.12 -3.77 39.55
C ASP A 433 -34.42 -5.18 40.04
N LYS A 434 -35.59 -5.70 39.71
CA LYS A 434 -35.90 -7.10 39.98
C LYS A 434 -35.10 -8.01 39.05
N ASN A 435 -34.82 -9.23 39.51
CA ASN A 435 -34.09 -10.18 38.70
C ASN A 435 -34.94 -10.75 37.58
N LEU A 436 -36.25 -10.48 37.57
CA LEU A 436 -37.12 -11.01 36.53
C LEU A 436 -36.74 -10.46 35.16
N LEU A 437 -36.46 -9.17 35.07
CA LEU A 437 -36.07 -8.56 33.81
C LEU A 437 -34.59 -8.84 33.53
N THR A 438 -34.30 -9.11 32.25
CA THR A 438 -32.89 -9.35 31.83
C THR A 438 -32.64 -8.59 30.52
N ILE A 439 -32.40 -7.27 30.60
CA ILE A 439 -32.25 -6.46 29.36
C ILE A 439 -30.98 -6.89 28.60
N VAL A 440 -31.01 -6.81 27.27
CA VAL A 440 -29.82 -7.20 26.45
C VAL A 440 -28.69 -6.19 26.69
N ASN A 441 -28.98 -4.89 26.54
CA ASN A 441 -27.93 -3.84 26.71
C ASN A 441 -28.60 -2.45 26.74
N ASN A 442 -27.80 -1.41 26.94
CA ASN A 442 -28.34 -0.02 26.90
C ASN A 442 -27.32 0.93 26.26
N PRO A 443 -27.07 0.85 24.93
CA PRO A 443 -26.16 1.79 24.27
C PRO A 443 -26.88 3.10 23.92
N ARG A 444 -28.18 3.18 24.19
CA ARG A 444 -28.97 4.42 23.91
C ARG A 444 -28.71 5.43 25.03
N PHE A 445 -27.88 5.06 26.01
CA PHE A 445 -27.56 5.97 27.15
C PHE A 445 -26.90 7.25 26.62
N GLY A 446 -26.33 7.20 25.42
CA GLY A 446 -25.63 8.37 24.86
C GLY A 446 -26.44 9.64 24.99
N ASP A 447 -27.73 9.57 24.67
CA ASP A 447 -28.63 10.75 24.80
C ASP A 447 -30.09 10.29 24.89
N VAL A 448 -30.95 11.09 25.54
CA VAL A 448 -32.40 10.75 25.60
C VAL A 448 -32.93 10.73 24.17
N HIS A 449 -32.41 11.62 23.32
CA HIS A 449 -32.84 11.68 21.89
C HIS A 449 -32.64 10.31 21.24
N ILE A 450 -31.54 9.63 21.58
CA ILE A 450 -31.24 8.30 20.96
C ILE A 450 -32.44 7.38 21.15
N GLY A 451 -32.88 6.73 20.06
CA GLY A 451 -34.03 5.79 20.14
C GLY A 451 -33.65 4.48 20.80
N TYR A 452 -34.63 3.64 21.11
CA TYR A 452 -34.36 2.35 21.80
C TYR A 452 -33.30 1.57 21.01
N TYR A 453 -32.19 1.22 21.66
CA TYR A 453 -31.09 0.50 20.96
C TYR A 453 -30.74 -0.77 21.74
N ASP A 454 -30.71 -1.93 21.06
CA ASP A 454 -30.30 -3.20 21.70
C ASP A 454 -30.91 -3.28 23.11
N VAL A 455 -32.22 -3.08 23.21
CA VAL A 455 -32.88 -3.05 24.55
C VAL A 455 -33.85 -4.24 24.63
N PHE A 456 -33.59 -5.28 23.83
CA PHE A 456 -34.43 -6.51 23.89
C PHE A 456 -34.35 -7.09 25.29
N VAL A 457 -35.46 -7.61 25.80
CA VAL A 457 -35.47 -8.11 27.22
C VAL A 457 -35.69 -9.62 27.24
N THR A 458 -35.04 -10.33 28.17
CA THR A 458 -35.24 -11.76 28.32
C THR A 458 -36.00 -12.04 29.61
N GLN A 459 -36.92 -12.99 29.55
CA GLN A 459 -37.75 -13.37 30.68
C GLN A 459 -37.55 -14.84 30.99
N HIS A 460 -38.23 -15.30 32.04
CA HIS A 460 -38.14 -16.69 32.47
C HIS A 460 -39.41 -17.44 32.05
N ASP A 461 -39.23 -18.71 31.65
CA ASP A 461 -40.38 -19.53 31.29
C ASP A 461 -41.26 -19.82 32.51
N VAL A 462 -40.65 -19.91 33.70
CA VAL A 462 -41.43 -20.09 34.91
C VAL A 462 -42.33 -18.88 35.14
N LEU A 463 -41.85 -17.70 34.75
CA LEU A 463 -42.67 -16.50 34.86
C LEU A 463 -43.91 -16.58 33.97
N ARG A 464 -43.71 -17.10 32.75
CA ARG A 464 -44.88 -17.31 31.84
C ARG A 464 -45.73 -18.44 32.42
N ASP A 465 -45.09 -19.44 33.03
CA ASP A 465 -45.84 -20.54 33.69
C ASP A 465 -46.70 -19.94 34.81
N LEU A 466 -46.16 -18.94 35.52
CA LEU A 466 -46.95 -18.27 36.58
C LEU A 466 -48.19 -17.63 35.94
N ALA A 467 -48.02 -16.97 34.79
CA ALA A 467 -49.17 -16.38 34.07
C ALA A 467 -50.15 -17.50 33.71
N LEU A 468 -49.62 -18.64 33.25
CA LEU A 468 -50.51 -19.81 32.94
C LEU A 468 -51.12 -20.32 34.25
N HIS A 469 -50.33 -20.37 35.32
CA HIS A 469 -50.83 -20.87 36.62
C HIS A 469 -51.99 -19.96 37.07
N MET A 470 -51.90 -18.68 36.72
CA MET A 470 -53.01 -17.73 37.05
C MET A 470 -54.25 -18.13 36.23
N SER A 471 -54.05 -18.52 34.97
CA SER A 471 -55.18 -18.94 34.10
C SER A 471 -56.28 -17.88 34.16
N ASN A 472 -55.90 -16.59 34.17
CA ASN A 472 -56.92 -15.51 34.30
C ASN A 472 -57.98 -15.69 33.22
N ARG A 473 -57.56 -15.96 31.98
CA ARG A 473 -58.52 -16.17 30.86
C ARG A 473 -59.39 -17.37 31.16
N VAL A 474 -58.77 -18.52 31.49
CA VAL A 474 -59.55 -19.77 31.73
C VAL A 474 -60.42 -19.61 32.99
N ASP A 475 -59.83 -19.09 34.07
CA ASP A 475 -60.58 -18.96 35.35
C ASP A 475 -61.80 -18.07 35.14
N VAL A 476 -61.65 -16.96 34.42
CA VAL A 476 -62.78 -16.01 34.23
C VAL A 476 -63.51 -16.33 32.92
N ASN A 477 -63.06 -17.37 32.20
CA ASN A 477 -63.67 -17.71 30.89
C ASN A 477 -63.69 -16.43 30.03
N ARG A 478 -62.67 -15.58 30.18
CA ARG A 478 -62.60 -14.30 29.43
C ARG A 478 -61.64 -14.45 28.25
N ARG A 479 -61.78 -13.60 27.24
CA ARG A 479 -60.88 -13.67 26.04
C ARG A 479 -59.67 -12.77 26.28
N GLU A 480 -59.55 -12.17 27.46
CA GLU A 480 -58.36 -11.35 27.79
C GLU A 480 -57.26 -12.27 28.34
N ARG A 481 -56.01 -11.81 28.38
CA ARG A 481 -54.89 -12.63 28.91
C ARG A 481 -54.91 -14.00 28.24
N LEU A 482 -54.96 -14.04 26.91
CA LEU A 482 -54.96 -15.31 26.19
C LEU A 482 -53.54 -15.65 25.76
N LEU A 483 -53.16 -16.91 25.95
CA LEU A 483 -51.84 -17.39 25.53
C LEU A 483 -51.95 -18.88 25.22
N MET A 484 -51.23 -19.31 24.19
CA MET A 484 -51.10 -20.73 23.86
C MET A 484 -49.63 -21.03 23.54
N PRO A 485 -48.94 -21.92 24.29
CA PRO A 485 -47.51 -22.15 24.06
C PRO A 485 -47.25 -23.07 22.85
N LYS A 486 -45.99 -23.14 22.40
CA LYS A 486 -45.60 -24.05 21.28
C LYS A 486 -46.09 -23.48 19.93
N THR A 487 -46.95 -22.46 19.96
CA THR A 487 -47.53 -21.93 18.69
C THR A 487 -48.04 -23.12 17.87
N GLU A 488 -48.62 -24.12 18.53
CA GLU A 488 -49.07 -25.35 17.84
C GLU A 488 -50.23 -25.04 16.89
N PRO A 489 -50.36 -25.76 15.75
CA PRO A 489 -51.49 -25.56 14.84
C PRO A 489 -52.80 -25.88 15.57
N VAL A 490 -52.80 -26.90 16.41
CA VAL A 490 -54.03 -27.30 17.17
C VAL A 490 -54.50 -26.11 18.00
N LEU A 491 -55.61 -25.49 17.60
CA LEU A 491 -56.16 -24.30 18.31
C LEU A 491 -56.64 -24.71 19.70
N PRO A 492 -56.93 -23.76 20.61
CA PRO A 492 -57.31 -24.12 21.99
C PRO A 492 -58.77 -24.59 22.11
N ARG A 493 -59.14 -25.06 23.31
CA ARG A 493 -60.53 -25.52 23.55
C ARG A 493 -61.50 -24.35 23.31
N GLU A 494 -61.02 -23.11 23.49
CA GLU A 494 -61.88 -21.92 23.22
C GLU A 494 -62.24 -21.92 21.74
N TRP A 495 -61.26 -22.07 20.84
CA TRP A 495 -61.55 -22.15 19.39
C TRP A 495 -62.41 -23.39 19.12
N GLU A 496 -62.14 -24.48 19.84
CA GLU A 496 -62.93 -25.73 19.68
C GLU A 496 -64.39 -25.46 20.06
N LYS A 497 -65.33 -26.02 19.30
CA LYS A 497 -66.78 -25.87 19.64
C LYS A 497 -67.08 -24.40 19.97
N ASN A 498 -66.30 -23.47 19.41
CA ASN A 498 -66.56 -22.03 19.64
C ASN A 498 -66.78 -21.78 21.14
N LYS A 499 -65.92 -22.35 21.99
CA LYS A 499 -66.04 -22.12 23.45
C LYS A 499 -65.27 -20.84 23.80
N ASP A 500 -64.92 -20.05 22.78
CA ASP A 500 -64.16 -18.78 23.00
C ASP A 500 -65.11 -17.73 23.57
N GLU A 501 -65.44 -17.83 24.86
CA GLU A 501 -66.35 -16.85 25.50
C GLU A 501 -65.62 -15.50 25.56
N PRO A 502 -65.94 -14.53 24.69
CA PRO A 502 -65.20 -13.27 24.68
C PRO A 502 -65.74 -12.33 25.75
N PHE A 503 -65.72 -12.77 27.01
CA PHE A 503 -66.21 -11.92 28.13
C PHE A 503 -65.48 -10.57 28.05
N ASP A 504 -64.14 -10.61 27.97
CA ASP A 504 -63.35 -9.37 27.79
C ASP A 504 -62.10 -9.78 27.00
N ALA A 505 -61.80 -9.10 25.90
CA ALA A 505 -60.67 -9.55 25.04
C ALA A 505 -59.60 -8.45 24.93
N LYS A 506 -59.65 -7.44 25.80
CA LYS A 506 -58.70 -6.30 25.69
C LYS A 506 -57.29 -6.85 25.44
N ILE A 507 -56.92 -7.95 26.09
CA ILE A 507 -55.57 -8.57 25.89
C ILE A 507 -55.70 -9.81 25.00
N VAL A 508 -54.90 -9.88 23.93
CA VAL A 508 -54.97 -11.00 23.00
C VAL A 508 -53.55 -11.31 22.52
N SER A 509 -53.11 -12.54 22.75
CA SER A 509 -51.81 -13.04 22.28
C SER A 509 -52.06 -14.39 21.62
N LEU A 510 -52.14 -14.38 20.28
CA LEU A 510 -52.36 -15.64 19.53
C LEU A 510 -51.02 -16.16 19.01
N HIS A 511 -50.61 -17.35 19.46
CA HIS A 511 -49.35 -17.96 18.96
C HIS A 511 -49.73 -19.07 17.96
N THR A 512 -49.31 -18.93 16.70
CA THR A 512 -49.72 -19.92 15.66
C THR A 512 -48.50 -20.34 14.83
N GLY A 513 -48.59 -21.49 14.17
CA GLY A 513 -47.50 -21.93 13.29
C GLY A 513 -47.91 -21.80 11.83
N GLU A 514 -48.67 -22.78 11.32
CA GLU A 514 -49.16 -22.73 9.92
C GLU A 514 -50.67 -22.97 9.90
N MET A 515 -51.31 -22.98 11.08
CA MET A 515 -52.77 -23.24 11.17
C MET A 515 -53.54 -22.03 10.65
N ASP A 516 -54.83 -22.23 10.33
CA ASP A 516 -55.67 -21.11 9.81
C ASP A 516 -55.68 -19.97 10.84
N GLU A 517 -55.31 -18.76 10.41
CA GLU A 517 -55.35 -17.58 11.32
C GLU A 517 -56.81 -17.32 11.69
N MET A 518 -57.75 -17.60 10.78
CA MET A 518 -59.19 -17.39 11.05
C MET A 518 -59.62 -18.22 12.27
N ASN A 519 -58.86 -19.26 12.61
CA ASN A 519 -59.16 -20.13 13.78
C ASN A 519 -60.39 -20.99 13.49
N TRP A 520 -60.98 -21.60 14.51
CA TRP A 520 -62.14 -22.52 14.31
C TRP A 520 -63.32 -22.04 15.17
N PHE A 521 -63.35 -20.75 15.52
CA PHE A 521 -64.47 -20.21 16.32
C PHE A 521 -64.72 -18.74 15.95
N ASP A 522 -65.68 -18.11 16.62
CA ASP A 522 -65.97 -16.70 16.37
C ASP A 522 -65.43 -15.89 17.54
N MET A 523 -64.62 -14.88 17.23
CA MET A 523 -64.05 -13.97 18.22
C MET A 523 -64.55 -12.56 17.89
N ASP A 524 -65.71 -12.20 18.45
CA ASP A 524 -66.29 -10.88 18.21
C ASP A 524 -65.43 -9.77 18.78
N LEU A 525 -64.70 -10.02 19.87
CA LEU A 525 -63.87 -9.05 20.56
C LEU A 525 -64.66 -7.78 20.89
N PRO A 526 -65.69 -7.87 21.75
CA PRO A 526 -66.46 -6.67 22.09
C PRO A 526 -65.62 -5.59 22.75
N LYS A 527 -64.61 -6.00 23.51
CA LYS A 527 -63.66 -5.03 24.13
C LYS A 527 -62.25 -5.61 24.05
N ALA A 528 -61.54 -5.32 22.95
CA ALA A 528 -60.17 -5.84 22.76
C ALA A 528 -59.28 -4.72 22.24
N GLU A 529 -58.52 -4.06 23.12
CA GLU A 529 -57.70 -2.91 22.68
C GLU A 529 -56.30 -3.40 22.28
N VAL A 530 -55.97 -4.64 22.62
CA VAL A 530 -54.59 -5.17 22.35
C VAL A 530 -54.70 -6.54 21.67
N LEU A 531 -53.92 -6.76 20.61
CA LEU A 531 -53.92 -8.05 19.93
C LEU A 531 -52.54 -8.30 19.34
N ILE A 532 -52.06 -9.54 19.45
CA ILE A 532 -50.79 -9.96 18.89
C ILE A 532 -50.98 -11.28 18.17
N LEU A 533 -50.06 -11.58 17.26
CA LEU A 533 -50.16 -12.79 16.45
C LEU A 533 -48.76 -13.26 16.09
N ASN A 534 -48.49 -14.54 16.34
CA ASN A 534 -47.18 -15.14 15.98
C ASN A 534 -47.44 -16.19 14.90
N PHE A 535 -46.55 -16.29 13.90
CA PHE A 535 -46.79 -17.25 12.78
C PHE A 535 -45.47 -17.71 12.18
N SER A 536 -45.54 -18.60 11.19
CA SER A 536 -44.32 -19.09 10.49
C SER A 536 -44.69 -19.51 9.07
N SER A 537 -43.99 -20.50 8.52
CA SER A 537 -44.33 -21.03 7.17
C SER A 537 -44.40 -19.89 6.15
N ASP A 538 -45.43 -19.88 5.30
CA ASP A 538 -45.54 -18.86 4.22
C ASP A 538 -46.98 -18.85 3.70
N ASN A 539 -47.34 -17.86 2.87
CA ASN A 539 -48.70 -17.81 2.25
C ASN A 539 -49.76 -17.84 3.35
N TYR A 540 -49.64 -16.99 4.36
CA TYR A 540 -50.63 -16.91 5.46
C TYR A 540 -51.85 -16.10 4.99
N VAL A 541 -52.92 -16.10 5.79
CA VAL A 541 -54.13 -15.30 5.46
C VAL A 541 -54.46 -14.42 6.67
N LEU A 542 -55.24 -13.35 6.46
CA LEU A 542 -55.63 -12.46 7.58
C LEU A 542 -56.93 -12.99 8.22
N PRO A 543 -56.95 -13.22 9.55
CA PRO A 543 -58.15 -13.75 10.22
C PRO A 543 -59.29 -12.72 10.18
N PRO A 544 -60.55 -13.14 10.07
CA PRO A 544 -61.68 -12.20 10.09
C PRO A 544 -61.97 -11.62 11.47
N PHE A 545 -61.20 -12.00 12.50
CA PHE A 545 -61.43 -11.48 13.83
C PHE A 545 -61.21 -9.97 13.90
N ILE A 546 -60.31 -9.44 13.09
CA ILE A 546 -60.09 -8.00 13.06
C ILE A 546 -61.34 -7.28 12.58
N GLY A 547 -61.98 -7.80 11.53
CA GLY A 547 -63.25 -7.24 11.09
C GLY A 547 -64.35 -7.43 12.12
N LYS A 548 -64.37 -8.59 12.78
CA LYS A 548 -65.36 -8.84 13.82
C LYS A 548 -65.13 -7.93 15.03
N MET A 549 -63.88 -7.58 15.30
CA MET A 549 -63.55 -6.75 16.45
C MET A 549 -64.19 -5.38 16.34
N SER A 550 -64.97 -5.01 17.36
CA SER A 550 -65.58 -3.68 17.39
C SER A 550 -64.52 -2.60 17.52
N ARG A 551 -63.51 -2.85 18.33
CA ARG A 551 -62.42 -1.90 18.55
C ARG A 551 -61.13 -2.67 18.78
N LEU A 552 -60.01 -2.05 18.41
CA LEU A 552 -58.68 -2.60 18.63
C LEU A 552 -57.66 -1.52 18.34
N ARG A 553 -56.56 -1.53 19.10
CA ARG A 553 -55.51 -0.53 18.95
C ARG A 553 -54.11 -1.11 18.71
N VAL A 554 -53.89 -2.40 18.96
CA VAL A 554 -52.57 -3.00 18.83
C VAL A 554 -52.66 -4.21 17.90
N LEU A 555 -51.73 -4.29 16.97
CA LEU A 555 -51.66 -5.42 16.04
C LEU A 555 -50.18 -5.77 15.83
N VAL A 556 -49.82 -7.01 16.12
CA VAL A 556 -48.45 -7.48 15.97
C VAL A 556 -48.48 -8.82 15.24
N ILE A 557 -47.69 -8.92 14.16
CA ILE A 557 -47.54 -10.16 13.41
C ILE A 557 -46.06 -10.41 13.21
N ILE A 558 -45.62 -11.64 13.49
CA ILE A 558 -44.22 -12.04 13.35
C ILE A 558 -44.14 -13.38 12.65
N ASN A 559 -43.26 -13.49 11.66
CA ASN A 559 -43.04 -14.73 10.92
C ASN A 559 -41.66 -15.24 11.29
N ASN A 560 -41.60 -16.46 11.81
CA ASN A 560 -40.34 -17.08 12.23
C ASN A 560 -39.68 -17.87 11.11
N GLY A 561 -40.25 -17.92 9.91
CA GLY A 561 -39.64 -18.68 8.84
C GLY A 561 -38.39 -18.01 8.31
N MET A 562 -37.60 -18.80 7.58
CA MET A 562 -36.35 -18.31 6.99
C MET A 562 -36.56 -17.62 5.65
N SER A 563 -37.80 -17.55 5.16
CA SER A 563 -38.13 -16.91 3.90
C SER A 563 -39.26 -15.92 4.14
N PRO A 564 -39.33 -14.85 3.35
CA PRO A 564 -40.44 -13.89 3.51
C PRO A 564 -41.80 -14.56 3.33
N ALA A 565 -42.75 -14.12 4.14
CA ALA A 565 -44.07 -14.77 4.21
C ALA A 565 -45.11 -13.95 3.44
N ARG A 566 -46.04 -14.67 2.82
CA ARG A 566 -47.12 -14.07 2.06
C ARG A 566 -48.38 -13.95 2.92
N LEU A 567 -49.17 -12.92 2.65
CA LEU A 567 -50.40 -12.65 3.37
C LEU A 567 -51.55 -12.50 2.38
N HIS A 568 -52.70 -13.08 2.72
CA HIS A 568 -53.88 -13.03 1.87
C HIS A 568 -55.07 -12.48 2.66
N GLY A 569 -56.01 -11.87 1.95
CA GLY A 569 -57.20 -11.34 2.57
C GLY A 569 -56.96 -10.22 3.55
N PHE A 570 -56.12 -9.25 3.17
CA PHE A 570 -55.77 -8.15 4.05
C PHE A 570 -56.94 -7.21 4.35
N SER A 571 -58.05 -7.34 3.62
CA SER A 571 -59.21 -6.48 3.86
C SER A 571 -59.86 -6.75 5.21
N ILE A 572 -59.62 -7.92 5.81
CA ILE A 572 -60.19 -8.22 7.12
C ILE A 572 -59.62 -7.27 8.17
N PHE A 573 -58.31 -7.05 8.14
CA PHE A 573 -57.69 -6.10 9.05
C PHE A 573 -58.03 -4.66 8.67
N ALA A 574 -58.44 -4.44 7.42
CA ALA A 574 -58.78 -3.09 6.96
C ALA A 574 -60.17 -2.66 7.38
N ASN A 575 -60.99 -3.57 7.91
CA ASN A 575 -62.35 -3.21 8.29
C ASN A 575 -62.37 -2.19 9.42
N LEU A 576 -61.46 -2.34 10.39
CA LEU A 576 -61.43 -1.46 11.55
C LEU A 576 -60.61 -0.22 11.26
N ALA A 577 -61.01 0.90 11.86
CA ALA A 577 -60.30 2.17 11.71
C ALA A 577 -59.84 2.74 13.05
N LYS A 578 -59.78 1.92 14.10
CA LYS A 578 -59.37 2.39 15.42
C LYS A 578 -57.98 1.88 15.83
N LEU A 579 -57.28 1.20 14.93
CA LEU A 579 -55.95 0.70 15.27
C LEU A 579 -54.98 1.85 15.53
N ARG A 580 -54.08 1.65 16.48
CA ARG A 580 -53.13 2.68 16.87
C ARG A 580 -51.67 2.27 16.77
N SER A 581 -51.35 0.98 16.63
CA SER A 581 -49.99 0.52 16.50
C SER A 581 -49.91 -0.59 15.47
N LEU A 582 -48.78 -0.66 14.78
CA LEU A 582 -48.54 -1.67 13.75
C LEU A 582 -47.10 -2.15 13.84
N TRP A 583 -46.91 -3.46 13.72
CA TRP A 583 -45.57 -4.05 13.77
C TRP A 583 -45.60 -5.40 13.06
N LEU A 584 -44.78 -5.53 12.01
CA LEU A 584 -44.70 -6.76 11.23
C LEU A 584 -43.24 -7.09 10.96
N LYS A 585 -42.98 -8.38 10.72
CA LYS A 585 -41.63 -8.86 10.49
C LYS A 585 -41.64 -10.04 9.53
N ARG A 586 -40.78 -9.96 8.52
CA ARG A 586 -40.54 -11.05 7.57
C ARG A 586 -41.83 -11.50 6.89
N VAL A 587 -42.58 -10.52 6.37
CA VAL A 587 -43.84 -10.79 5.69
C VAL A 587 -43.92 -9.88 4.47
N HIS A 588 -44.33 -10.45 3.33
CA HIS A 588 -44.63 -9.62 2.17
C HIS A 588 -45.75 -8.64 2.51
N VAL A 589 -45.41 -7.36 2.56
CA VAL A 589 -46.36 -6.33 2.97
C VAL A 589 -47.41 -6.16 1.88
N PRO A 590 -48.70 -6.03 2.23
CA PRO A 590 -49.71 -5.78 1.22
C PRO A 590 -49.63 -4.37 0.67
N GLU A 591 -50.16 -4.19 -0.54
CA GLU A 591 -50.10 -2.91 -1.22
C GLU A 591 -50.87 -1.85 -0.45
N LEU A 592 -50.39 -0.61 -0.56
CA LEU A 592 -50.96 0.52 0.17
C LEU A 592 -52.00 1.25 -0.67
N THR A 593 -53.02 0.53 -1.13
CA THR A 593 -54.10 1.15 -1.89
C THR A 593 -55.13 1.76 -0.95
N SER A 594 -56.16 2.37 -1.56
CA SER A 594 -57.24 2.97 -0.79
C SER A 594 -58.25 1.94 -0.28
N CYS A 595 -58.00 0.65 -0.52
CA CYS A 595 -58.89 -0.39 -0.02
C CYS A 595 -58.94 -0.37 1.51
N THR A 596 -57.80 -0.12 2.15
CA THR A 596 -57.76 -0.02 3.60
C THR A 596 -58.56 1.18 4.06
N ILE A 597 -59.45 0.97 5.02
CA ILE A 597 -60.26 2.06 5.57
C ILE A 597 -59.34 3.07 6.26
N PRO A 598 -59.57 4.39 6.10
CA PRO A 598 -58.69 5.38 6.74
C PRO A 598 -58.43 5.13 8.21
N LEU A 599 -57.17 4.87 8.55
CA LEU A 599 -56.75 4.58 9.92
C LEU A 599 -56.28 5.88 10.57
N LYS A 600 -57.24 6.62 11.09
CA LYS A 600 -56.99 7.94 11.66
C LYS A 600 -56.48 7.88 13.10
N ASN A 601 -56.38 6.69 13.69
CA ASN A 601 -55.82 6.52 15.03
C ASN A 601 -54.44 5.90 15.03
N LEU A 602 -53.99 5.39 13.88
CA LEU A 602 -52.66 4.75 13.80
C LEU A 602 -51.57 5.82 13.93
N HIS A 603 -50.49 5.54 14.66
CA HIS A 603 -49.38 6.47 14.82
C HIS A 603 -48.01 5.84 14.66
N LYS A 604 -47.88 4.51 14.66
CA LYS A 604 -46.58 3.85 14.61
C LYS A 604 -46.59 2.80 13.51
N ILE A 605 -45.49 2.69 12.77
CA ILE A 605 -45.33 1.71 11.71
C ILE A 605 -43.87 1.26 11.70
N HIS A 606 -43.64 -0.03 11.93
CA HIS A 606 -42.29 -0.59 11.96
C HIS A 606 -42.24 -1.77 11.00
N LEU A 607 -41.25 -1.77 10.11
CA LEU A 607 -41.07 -2.80 9.10
C LEU A 607 -39.72 -3.47 9.31
N ILE A 608 -39.72 -4.80 9.42
CA ILE A 608 -38.51 -5.59 9.61
C ILE A 608 -38.49 -6.71 8.58
N PHE A 609 -37.43 -6.74 7.78
CA PHE A 609 -37.15 -7.83 6.84
C PHE A 609 -38.34 -8.07 5.90
N CYS A 610 -38.89 -6.99 5.38
CA CYS A 610 -40.07 -7.08 4.52
C CYS A 610 -39.83 -6.31 3.22
N LYS A 611 -39.92 -7.02 2.10
CA LYS A 611 -39.75 -6.43 0.77
C LYS A 611 -41.00 -5.64 0.42
N VAL A 612 -40.84 -4.34 0.21
CA VAL A 612 -41.98 -3.44 0.07
C VAL A 612 -42.07 -2.99 -1.39
N LYS A 613 -41.58 -3.84 -2.30
CA LYS A 613 -41.55 -3.49 -3.71
C LYS A 613 -42.94 -3.15 -4.25
N ASN A 614 -43.95 -3.93 -3.86
CA ASN A 614 -45.31 -3.67 -4.34
C ASN A 614 -46.01 -2.59 -3.52
N SER A 615 -45.86 -2.63 -2.19
CA SER A 615 -46.58 -1.69 -1.34
C SER A 615 -46.01 -0.28 -1.45
N PHE A 616 -44.73 -0.17 -1.83
CA PHE A 616 -44.13 1.15 -1.96
C PHE A 616 -44.30 1.64 -3.40
N VAL A 617 -43.73 2.80 -3.70
CA VAL A 617 -43.91 3.48 -4.98
C VAL A 617 -45.41 3.70 -5.19
N GLN A 618 -46.14 3.86 -4.08
CA GLN A 618 -47.58 4.08 -4.10
C GLN A 618 -47.94 5.55 -3.91
N THR A 619 -47.16 6.46 -4.48
CA THR A 619 -47.40 7.89 -4.28
C THR A 619 -48.73 8.33 -4.89
N SER A 620 -49.35 7.48 -5.71
CA SER A 620 -50.69 7.78 -6.22
C SER A 620 -51.68 7.94 -5.07
N PHE A 621 -51.56 7.09 -4.06
CA PHE A 621 -52.33 7.22 -2.82
C PHE A 621 -51.45 7.86 -1.77
N ASP A 622 -51.67 9.15 -1.51
CA ASP A 622 -50.90 9.88 -0.51
C ASP A 622 -51.26 9.32 0.86
N ILE A 623 -50.24 8.90 1.62
CA ILE A 623 -50.48 8.28 2.92
C ILE A 623 -51.20 9.25 3.85
N SER A 624 -50.74 10.51 3.88
CA SER A 624 -51.36 11.49 4.76
C SER A 624 -52.79 11.79 4.34
N LYS A 625 -53.05 11.79 3.03
CA LYS A 625 -54.39 12.14 2.55
C LYS A 625 -55.42 11.09 2.95
N ILE A 626 -55.05 9.81 2.94
CA ILE A 626 -55.96 8.76 3.39
C ILE A 626 -56.14 8.83 4.91
N PHE A 627 -55.02 8.92 5.62
CA PHE A 627 -55.09 8.89 7.11
C PHE A 627 -53.85 9.53 7.72
N PRO A 628 -53.93 10.15 8.92
CA PRO A 628 -52.74 10.71 9.57
C PRO A 628 -51.85 9.62 10.16
N SER A 629 -52.08 8.40 9.69
CA SER A 629 -51.36 7.22 10.23
C SER A 629 -49.85 7.30 10.00
N LEU A 630 -49.08 6.61 10.83
CA LEU A 630 -47.63 6.51 10.69
C LEU A 630 -46.96 7.87 10.88
N SER A 631 -47.23 8.48 12.04
CA SER A 631 -46.52 9.70 12.42
C SER A 631 -45.03 9.46 12.57
N ASP A 632 -44.63 8.26 12.98
CA ASP A 632 -43.23 7.85 13.00
C ASP A 632 -43.08 6.56 12.22
N LEU A 633 -41.98 6.46 11.48
CA LEU A 633 -41.74 5.32 10.60
C LEU A 633 -40.41 4.69 10.93
N THR A 634 -40.36 3.35 10.82
CA THR A 634 -39.15 2.60 11.14
C THR A 634 -38.94 1.52 10.08
N ILE A 635 -37.78 1.56 9.44
CA ILE A 635 -37.38 0.56 8.45
C ILE A 635 -36.05 -0.04 8.90
N ASP A 636 -35.96 -1.37 8.86
CA ASP A 636 -34.70 -2.05 9.31
C ASP A 636 -34.42 -3.27 8.43
N HIS A 637 -33.14 -3.49 8.07
CA HIS A 637 -32.76 -4.70 7.30
C HIS A 637 -33.73 -4.95 6.15
N CYS A 638 -33.91 -3.97 5.28
CA CYS A 638 -34.79 -4.15 4.10
C CYS A 638 -34.09 -3.59 2.85
N ASP A 639 -34.31 -4.22 1.69
CA ASP A 639 -33.61 -3.80 0.44
C ASP A 639 -34.65 -3.47 -0.64
N ASP A 640 -34.20 -3.21 -1.87
CA ASP A 640 -35.12 -2.93 -3.00
C ASP A 640 -35.85 -1.59 -2.77
N LEU A 641 -35.28 -0.71 -1.95
CA LEU A 641 -35.89 0.63 -1.74
C LEU A 641 -35.39 1.58 -2.83
N LEU A 642 -35.67 1.27 -4.10
CA LEU A 642 -35.15 2.09 -5.22
C LEU A 642 -35.41 3.58 -4.97
N GLU A 643 -36.65 3.94 -4.60
CA GLU A 643 -37.00 5.37 -4.42
C GLU A 643 -37.58 5.59 -3.03
N LEU A 644 -37.90 6.85 -2.69
CA LEU A 644 -38.49 7.17 -1.36
C LEU A 644 -39.49 8.31 -1.52
N LYS A 645 -39.86 8.67 -2.75
CA LYS A 645 -40.74 9.83 -2.93
C LYS A 645 -42.01 9.69 -2.10
N SER A 646 -42.61 8.51 -2.07
CA SER A 646 -43.86 8.33 -1.33
C SER A 646 -43.65 8.51 0.17
N ILE A 647 -42.49 8.09 0.68
CA ILE A 647 -42.21 8.26 2.10
C ILE A 647 -42.16 9.73 2.48
N PHE A 648 -41.51 10.55 1.65
CA PHE A 648 -41.42 11.98 1.89
C PHE A 648 -42.68 12.73 1.50
N GLY A 649 -43.61 12.09 0.78
CA GLY A 649 -44.85 12.75 0.41
C GLY A 649 -45.81 12.94 1.57
N ILE A 650 -45.64 12.18 2.65
CA ILE A 650 -46.50 12.33 3.82
C ILE A 650 -46.25 13.70 4.48
N THR A 651 -47.30 14.22 5.12
CA THR A 651 -47.23 15.51 5.78
C THR A 651 -47.35 15.40 7.30
N SER A 652 -47.74 14.23 7.83
CA SER A 652 -47.89 14.04 9.26
C SER A 652 -46.72 13.30 9.89
N LEU A 653 -45.65 13.05 9.14
CA LEU A 653 -44.52 12.32 9.69
C LEU A 653 -43.79 13.16 10.73
N ASN A 654 -43.34 12.49 11.80
CA ASN A 654 -42.61 13.15 12.88
C ASN A 654 -41.21 12.58 13.10
N SER A 655 -40.97 11.31 12.81
CA SER A 655 -39.65 10.71 12.97
C SER A 655 -39.44 9.67 11.89
N LEU A 656 -38.23 9.60 11.36
CA LEU A 656 -37.88 8.65 10.32
C LEU A 656 -36.54 8.01 10.66
N SER A 657 -36.44 6.69 10.43
CA SER A 657 -35.22 5.93 10.73
C SER A 657 -35.10 4.82 9.68
N ILE A 658 -34.23 5.04 8.69
CA ILE A 658 -33.95 4.04 7.67
C ILE A 658 -32.58 3.43 7.97
N THR A 659 -32.57 2.19 8.44
CA THR A 659 -31.37 1.53 8.88
C THR A 659 -31.19 0.19 8.18
N ASN A 660 -29.93 -0.23 8.06
CA ASN A 660 -29.62 -1.55 7.43
C ASN A 660 -30.30 -1.64 6.06
N CYS A 661 -30.19 -0.59 5.25
CA CYS A 661 -30.77 -0.61 3.90
C CYS A 661 -29.67 -0.27 2.90
N PRO A 662 -29.07 -1.29 2.27
CA PRO A 662 -28.02 -1.02 1.28
C PRO A 662 -28.59 -0.69 -0.09
N ARG A 663 -29.88 -0.38 -0.16
CA ARG A 663 -30.56 -0.11 -1.43
C ARG A 663 -31.00 1.34 -1.56
N ILE A 664 -30.32 2.23 -0.82
CA ILE A 664 -30.65 3.68 -0.88
C ILE A 664 -29.44 4.44 -1.45
N LEU A 665 -29.65 5.23 -2.51
CA LEU A 665 -28.59 6.01 -3.11
C LEU A 665 -28.75 7.50 -2.89
N GLU A 666 -29.97 8.02 -2.86
CA GLU A 666 -30.19 9.45 -2.70
C GLU A 666 -31.52 9.68 -1.98
N LEU A 667 -31.47 10.48 -0.91
CA LEU A 667 -32.68 10.92 -0.25
C LEU A 667 -33.36 12.00 -1.09
N PRO A 668 -34.63 11.83 -1.46
CA PRO A 668 -35.26 12.80 -2.37
C PRO A 668 -35.26 14.21 -1.80
N LYS A 669 -35.04 15.18 -2.68
CA LYS A 669 -35.00 16.59 -2.26
C LYS A 669 -36.37 17.11 -1.88
N ASN A 670 -37.44 16.40 -2.25
CA ASN A 670 -38.81 16.82 -1.93
C ASN A 670 -39.21 16.34 -0.54
N LEU A 671 -38.37 16.68 0.44
CA LEU A 671 -38.64 16.37 1.84
C LEU A 671 -39.24 17.54 2.59
N SER A 672 -39.59 18.62 1.88
CA SER A 672 -40.18 19.78 2.54
C SER A 672 -41.57 19.47 3.07
N ASN A 673 -42.22 18.42 2.55
CA ASN A 673 -43.52 18.02 3.07
C ASN A 673 -43.42 17.58 4.53
N VAL A 674 -42.37 16.85 4.87
CA VAL A 674 -42.11 16.43 6.25
C VAL A 674 -41.31 17.55 6.89
N GLN A 675 -42.02 18.57 7.38
CA GLN A 675 -41.38 19.69 8.05
C GLN A 675 -41.36 19.55 9.56
N SER A 676 -42.19 18.67 10.12
CA SER A 676 -42.22 18.44 11.56
C SER A 676 -41.27 17.36 12.01
N LEU A 677 -40.43 16.83 11.11
CA LEU A 677 -39.49 15.77 11.43
C LEU A 677 -38.62 16.13 12.64
N GLU A 678 -38.73 15.35 13.72
CA GLU A 678 -38.01 15.64 14.94
C GLU A 678 -36.62 15.00 14.98
N ARG A 679 -36.47 13.82 14.38
CA ARG A 679 -35.19 13.12 14.40
C ARG A 679 -35.04 12.30 13.13
N LEU A 680 -33.82 12.27 12.59
CA LEU A 680 -33.48 11.46 11.43
C LEU A 680 -32.26 10.62 11.78
N ARG A 681 -32.44 9.30 11.72
CA ARG A 681 -31.34 8.38 12.14
C ARG A 681 -30.98 7.41 11.03
N LEU A 682 -29.69 7.28 10.73
CA LEU A 682 -29.16 6.36 9.74
C LEU A 682 -28.12 5.45 10.40
N TYR A 683 -28.11 4.17 10.02
CA TYR A 683 -27.20 3.21 10.67
C TYR A 683 -26.39 2.39 9.63
N ALA A 684 -26.97 2.12 8.46
CA ALA A 684 -26.24 1.28 7.47
C ALA A 684 -26.78 1.55 6.07
N CYS A 685 -26.00 2.26 5.25
CA CYS A 685 -26.40 2.57 3.88
C CYS A 685 -25.18 2.94 3.06
N PRO A 686 -24.43 1.96 2.56
CA PRO A 686 -23.15 2.29 1.90
C PRO A 686 -23.32 2.94 0.54
N GLU A 687 -24.42 2.65 -0.17
CA GLU A 687 -24.57 3.17 -1.52
C GLU A 687 -24.89 4.66 -1.52
N LEU A 688 -25.48 5.16 -0.43
CA LEU A 688 -25.76 6.58 -0.28
C LEU A 688 -24.46 7.38 -0.35
N ILE A 689 -24.38 8.31 -1.31
CA ILE A 689 -23.13 9.04 -1.53
C ILE A 689 -22.83 9.99 -0.37
N SER A 690 -23.83 10.75 0.05
CA SER A 690 -23.68 11.73 1.13
C SER A 690 -25.05 12.27 1.49
N LEU A 691 -25.09 13.10 2.52
CA LEU A 691 -26.35 13.73 2.92
C LEU A 691 -26.69 14.85 1.93
N PRO A 692 -27.98 15.10 1.69
CA PRO A 692 -28.35 16.18 0.78
C PRO A 692 -28.17 17.55 1.40
N VAL A 693 -28.48 18.60 0.65
CA VAL A 693 -28.36 19.96 1.16
C VAL A 693 -29.59 20.42 1.93
N GLU A 694 -30.68 19.64 1.91
CA GLU A 694 -31.90 19.99 2.62
C GLU A 694 -31.86 19.57 4.08
N VAL A 695 -30.75 19.05 4.57
CA VAL A 695 -30.66 18.63 5.97
C VAL A 695 -30.84 19.82 6.90
N CYS A 696 -30.22 20.95 6.55
CA CYS A 696 -30.32 22.17 7.34
C CYS A 696 -31.52 23.02 6.93
N GLU A 697 -32.70 22.41 6.89
CA GLU A 697 -33.95 23.09 6.55
C GLU A 697 -35.07 22.61 7.45
N LEU A 698 -34.74 22.00 8.58
CA LEU A 698 -35.74 21.43 9.49
C LEU A 698 -35.65 22.12 10.85
N PRO A 699 -36.56 23.04 11.17
CA PRO A 699 -36.56 23.66 12.50
C PRO A 699 -37.01 22.73 13.62
N CYS A 700 -37.40 21.50 13.30
CA CYS A 700 -37.78 20.51 14.30
C CYS A 700 -36.77 19.39 14.47
N LEU A 701 -35.79 19.27 13.56
CA LEU A 701 -34.78 18.22 13.65
C LEU A 701 -33.87 18.49 14.84
N LYS A 702 -33.96 17.64 15.86
CA LYS A 702 -33.17 17.82 17.08
C LYS A 702 -32.13 16.74 17.32
N TYR A 703 -32.28 15.57 16.70
CA TYR A 703 -31.33 14.47 16.90
C TYR A 703 -31.01 13.84 15.55
N VAL A 704 -29.74 13.60 15.31
CA VAL A 704 -29.28 13.02 14.05
C VAL A 704 -28.24 11.94 14.37
N ASP A 705 -28.41 10.77 13.74
CA ASP A 705 -27.48 9.67 13.88
C ASP A 705 -27.02 9.23 12.50
N ILE A 706 -25.71 9.14 12.30
CA ILE A 706 -25.11 8.72 11.04
C ILE A 706 -23.88 7.90 11.37
N SER A 707 -23.94 6.59 11.13
CA SER A 707 -22.86 5.68 11.47
C SER A 707 -22.77 4.58 10.43
N GLN A 708 -21.61 3.92 10.39
CA GLN A 708 -21.37 2.74 9.57
C GLN A 708 -21.77 2.98 8.11
N CYS A 709 -21.39 4.14 7.59
CA CYS A 709 -21.68 4.53 6.21
C CYS A 709 -20.34 4.76 5.52
N VAL A 710 -19.97 3.83 4.63
CA VAL A 710 -18.68 3.89 3.97
C VAL A 710 -18.59 5.11 3.06
N SER A 711 -19.67 5.39 2.32
CA SER A 711 -19.71 6.54 1.42
C SER A 711 -20.29 7.73 2.17
N LEU A 712 -19.43 8.41 2.93
CA LEU A 712 -19.89 9.64 3.64
C LEU A 712 -18.79 10.70 3.55
N VAL A 713 -17.88 10.55 2.58
CA VAL A 713 -16.79 11.50 2.44
C VAL A 713 -17.35 12.91 2.30
N SER A 714 -16.83 13.82 3.11
CA SER A 714 -17.29 15.21 3.15
C SER A 714 -18.79 15.28 3.39
N LEU A 715 -19.22 14.77 4.55
CA LEU A 715 -20.61 14.80 4.94
C LEU A 715 -21.14 16.23 4.93
N PRO A 716 -22.03 16.57 4.01
CA PRO A 716 -22.50 17.96 3.92
C PRO A 716 -23.58 18.28 4.94
N GLU A 717 -23.16 18.35 6.21
CA GLU A 717 -24.08 18.71 7.28
C GLU A 717 -24.59 20.14 7.08
N LYS A 718 -23.68 21.09 6.90
CA LYS A 718 -24.03 22.50 6.67
C LYS A 718 -24.99 23.02 7.72
N PHE A 719 -24.73 22.63 8.97
CA PHE A 719 -25.65 22.90 10.08
C PHE A 719 -25.54 24.36 10.54
N GLY A 720 -25.84 25.27 9.61
CA GLY A 720 -25.94 26.68 9.93
C GLY A 720 -27.37 27.07 10.23
N LYS A 721 -28.30 26.44 9.52
CA LYS A 721 -29.73 26.61 9.76
C LYS A 721 -30.34 25.45 10.51
N LEU A 722 -29.51 24.54 11.03
CA LEU A 722 -29.96 23.36 11.77
C LEU A 722 -29.75 23.55 13.27
N GLY A 723 -30.00 24.76 13.76
CA GLY A 723 -29.78 25.03 15.18
C GLY A 723 -30.67 24.21 16.08
N SER A 724 -31.76 23.69 15.51
CA SER A 724 -32.67 22.81 16.30
C SER A 724 -31.91 21.56 16.73
N LEU A 725 -30.99 21.09 15.89
CA LEU A 725 -30.18 19.89 16.24
C LEU A 725 -29.49 20.14 17.59
N GLU A 726 -29.77 19.28 18.56
CA GLU A 726 -29.18 19.44 19.91
C GLU A 726 -28.12 18.35 20.14
N LYS A 727 -28.36 17.15 19.59
CA LYS A 727 -27.43 16.01 19.83
C LYS A 727 -27.01 15.41 18.48
N ILE A 728 -25.71 15.12 18.34
CA ILE A 728 -25.21 14.48 17.08
C ILE A 728 -24.35 13.28 17.45
N ASP A 729 -24.71 12.10 16.94
CA ASP A 729 -23.95 10.86 17.27
C ASP A 729 -23.34 10.24 16.00
N MET A 730 -22.07 9.82 16.07
CA MET A 730 -21.42 9.13 14.93
C MET A 730 -20.45 8.06 15.46
N ARG A 731 -20.97 6.88 15.79
CA ARG A 731 -20.11 5.82 16.40
C ARG A 731 -18.90 5.60 15.50
N GLU A 732 -19.10 5.58 14.18
CA GLU A 732 -17.99 5.37 13.21
C GLU A 732 -18.40 5.99 11.88
N CYS A 733 -17.48 6.66 11.18
CA CYS A 733 -17.88 7.36 9.93
C CYS A 733 -16.67 7.65 9.03
N SER A 734 -16.93 7.99 7.76
CA SER A 734 -15.83 8.37 6.83
C SER A 734 -15.90 9.88 6.58
N LEU A 735 -16.67 10.59 7.41
CA LEU A 735 -16.80 12.06 7.27
C LEU A 735 -15.43 12.67 6.98
N LEU A 736 -15.31 13.43 5.89
CA LEU A 736 -14.02 14.09 5.56
C LEU A 736 -14.28 15.57 5.27
N GLY A 737 -14.51 16.38 6.30
CA GLY A 737 -14.87 17.76 6.07
C GLY A 737 -16.29 18.09 6.48
N LEU A 738 -16.42 19.28 7.09
CA LEU A 738 -17.76 19.80 7.49
C LEU A 738 -17.72 21.32 7.23
N PRO A 739 -18.79 21.95 6.71
CA PRO A 739 -18.81 23.41 6.48
C PRO A 739 -18.64 24.17 7.80
N SER A 740 -18.16 25.42 7.72
CA SER A 740 -18.00 26.26 8.94
C SER A 740 -19.37 26.51 9.57
N SER A 741 -20.44 26.39 8.77
CA SER A 741 -21.82 26.59 9.29
C SER A 741 -22.08 25.62 10.45
N VAL A 742 -21.57 24.40 10.35
CA VAL A 742 -21.76 23.39 11.45
C VAL A 742 -21.11 23.95 12.73
N ALA A 743 -20.01 24.70 12.59
CA ALA A 743 -19.36 25.30 13.77
C ALA A 743 -20.25 26.42 14.32
N ALA A 744 -20.99 27.11 13.43
CA ALA A 744 -21.90 28.19 13.85
C ALA A 744 -23.02 27.61 14.73
N LEU A 745 -23.46 26.38 14.44
CA LEU A 745 -24.51 25.72 15.28
C LEU A 745 -24.16 25.94 16.75
N VAL A 746 -25.07 26.55 17.52
CA VAL A 746 -24.77 26.86 18.95
C VAL A 746 -25.31 25.73 19.83
N SER A 747 -26.01 24.76 19.25
CA SER A 747 -26.63 23.68 20.06
C SER A 747 -25.99 22.32 19.76
N LEU A 748 -24.69 22.32 19.45
CA LEU A 748 -24.00 21.07 19.07
C LEU A 748 -23.48 20.37 20.33
N ARG A 749 -24.37 20.11 21.30
CA ARG A 749 -23.96 19.37 22.52
C ARG A 749 -24.05 17.87 22.25
N HIS A 750 -23.73 17.05 23.25
CA HIS A 750 -23.86 15.57 23.10
C HIS A 750 -23.24 15.14 21.78
N VAL A 751 -21.98 15.52 21.55
CA VAL A 751 -21.27 15.08 20.31
C VAL A 751 -20.64 13.71 20.57
N ILE A 752 -21.38 12.63 20.32
CA ILE A 752 -20.80 11.26 20.48
C ILE A 752 -19.97 10.97 19.23
N CYS A 753 -18.81 11.61 19.10
CA CYS A 753 -17.99 11.43 17.88
C CYS A 753 -17.16 10.15 17.99
N ASP A 754 -16.58 9.70 16.87
CA ASP A 754 -15.70 8.51 16.90
C ASP A 754 -14.28 8.96 17.27
N GLU A 755 -13.32 8.04 17.28
CA GLU A 755 -11.94 8.41 17.57
C GLU A 755 -11.42 9.43 16.56
N GLU A 756 -11.78 9.27 15.29
CA GLU A 756 -11.33 10.19 14.26
C GLU A 756 -12.18 11.47 14.30
N THR A 757 -11.80 12.45 13.48
CA THR A 757 -12.45 13.75 13.39
C THR A 757 -12.50 14.48 14.73
N SER A 758 -11.52 14.22 15.61
CA SER A 758 -11.48 14.91 16.89
C SER A 758 -11.04 16.36 16.72
N SER A 759 -10.16 16.62 15.75
CA SER A 759 -9.72 17.99 15.51
C SER A 759 -10.89 18.89 15.14
N MET A 760 -11.83 18.36 14.36
CA MET A 760 -12.97 19.15 13.94
C MET A 760 -13.92 19.42 15.10
N TRP A 761 -14.10 18.42 15.97
CA TRP A 761 -14.89 18.64 17.18
C TRP A 761 -14.26 19.71 18.06
N GLU A 762 -12.93 19.69 18.17
CA GLU A 762 -12.22 20.75 18.89
C GLU A 762 -12.46 22.10 18.24
N MET A 763 -12.35 22.15 16.92
CA MET A 763 -12.61 23.42 16.20
C MET A 763 -14.00 23.92 16.61
N VAL A 764 -15.00 23.03 16.55
CA VAL A 764 -16.38 23.41 16.97
C VAL A 764 -16.36 23.75 18.46
N LYS A 765 -15.55 23.02 19.24
CA LYS A 765 -15.44 23.30 20.70
C LYS A 765 -14.95 24.74 20.89
N LYS A 766 -13.99 25.17 20.07
CA LYS A 766 -13.43 26.53 20.23
C LYS A 766 -14.56 27.55 20.08
N VAL A 767 -15.34 27.44 18.99
CA VAL A 767 -16.43 28.42 18.74
C VAL A 767 -17.58 28.16 19.74
N VAL A 768 -18.00 26.90 19.87
CA VAL A 768 -19.11 26.55 20.81
C VAL A 768 -18.58 25.55 21.84
N PRO A 769 -18.37 25.96 23.11
CA PRO A 769 -17.80 25.07 24.13
C PRO A 769 -18.82 24.06 24.66
N GLU A 770 -20.06 24.09 24.13
CA GLU A 770 -21.12 23.16 24.58
C GLU A 770 -20.99 21.83 23.82
N LEU A 771 -19.90 21.63 23.08
CA LEU A 771 -19.76 20.41 22.24
C LEU A 771 -20.17 19.17 23.03
N CYS A 772 -19.72 19.03 24.29
CA CYS A 772 -20.01 17.78 25.05
C CYS A 772 -19.61 16.59 24.17
N ILE A 773 -18.35 16.53 23.76
CA ILE A 773 -17.88 15.45 22.83
C ILE A 773 -17.82 14.11 23.57
N GLU A 774 -18.06 13.00 22.86
CA GLU A 774 -17.97 11.65 23.46
C GLU A 774 -17.24 10.73 22.47
N VAL A 775 -15.90 10.74 22.48
CA VAL A 775 -15.10 9.92 21.53
C VAL A 775 -15.57 8.47 21.62
N ALA A 776 -15.83 7.83 20.47
CA ALA A 776 -16.35 6.45 20.48
C ALA A 776 -15.20 5.46 20.20
N LYS A 777 -14.91 4.57 21.16
CA LYS A 777 -13.86 3.54 20.96
C LYS A 777 -14.52 2.27 20.43
N LYS A 778 -14.23 1.91 19.17
CA LYS A 778 -14.90 0.73 18.55
C LYS A 778 -14.43 -0.55 19.23
N CYS A 779 -15.35 -1.51 19.43
CA CYS A 779 -14.98 -2.82 20.03
C CYS A 779 -15.30 -3.93 19.02
N PHE A 780 -14.68 -5.11 19.16
CA PHE A 780 -14.89 -6.17 18.19
C PHE A 780 -15.22 -7.45 18.92
N THR A 781 -16.34 -8.07 18.54
CA THR A 781 -16.80 -9.30 19.16
C THR A 781 -17.22 -10.28 18.07
N VAL A 782 -17.36 -11.55 18.47
CA VAL A 782 -17.82 -12.60 17.57
C VAL A 782 -19.30 -12.90 17.77
N ASP A 783 -20.03 -12.06 18.50
CA ASP A 783 -21.45 -12.28 18.70
C ASP A 783 -22.24 -12.11 17.42
N TRP A 784 -21.78 -11.23 16.53
CA TRP A 784 -22.40 -11.09 15.21
C TRP A 784 -22.35 -12.39 14.41
N LEU A 785 -21.36 -13.24 14.68
CA LEU A 785 -21.22 -14.47 13.89
C LEU A 785 -22.40 -15.41 14.10
N ASP A 786 -22.91 -15.51 15.33
CA ASP A 786 -24.10 -16.31 15.59
C ASP A 786 -25.34 -15.46 15.35
N ASP A 787 -26.26 -15.96 14.52
CA ASP A 787 -27.51 -15.33 14.09
C ASP A 787 -27.51 -13.80 14.22
N ALA B 2 38.36 26.61 14.26
CA ALA B 2 37.82 25.48 15.01
C ALA B 2 38.13 24.17 14.30
N PHE B 3 39.13 24.20 13.41
CA PHE B 3 39.52 22.98 12.70
C PHE B 3 40.04 21.93 13.66
N GLU B 4 40.89 22.33 14.61
CA GLU B 4 41.40 21.40 15.60
C GLU B 4 40.28 20.88 16.49
N ALA B 5 39.35 21.75 16.88
CA ALA B 5 38.22 21.32 17.70
C ALA B 5 37.34 20.35 16.94
N LEU B 6 37.10 20.63 15.65
CA LEU B 6 36.21 19.78 14.87
C LEU B 6 36.83 18.41 14.60
N THR B 7 38.11 18.38 14.21
CA THR B 7 38.75 17.14 13.81
C THR B 7 39.54 16.47 14.93
N GLY B 8 39.91 17.20 15.97
CA GLY B 8 40.76 16.64 17.01
C GLY B 8 42.22 16.52 16.63
N ILE B 9 42.62 17.13 15.52
CA ILE B 9 43.99 17.09 15.03
C ILE B 9 44.59 18.48 15.16
N ASN B 10 45.77 18.57 15.77
CA ASN B 10 46.47 19.84 15.87
C ASN B 10 47.32 20.09 14.63
N GLY B 11 47.64 21.36 14.39
CA GLY B 11 48.43 21.71 13.22
C GLY B 11 49.83 21.14 13.25
N ASP B 12 50.43 21.08 14.45
CA ASP B 12 51.74 20.45 14.57
C ASP B 12 51.70 19.00 14.16
N LEU B 13 50.61 18.30 14.47
CA LEU B 13 50.46 16.92 14.02
C LEU B 13 50.36 16.84 12.51
N ILE B 14 49.73 17.84 11.88
CA ILE B 14 49.67 17.88 10.42
C ILE B 14 51.07 18.07 9.84
N THR B 15 51.87 18.95 10.46
CA THR B 15 53.24 19.16 10.00
C THR B 15 54.05 17.88 10.13
N ARG B 16 53.92 17.19 11.27
CA ARG B 16 54.61 15.92 11.45
C ARG B 16 54.14 14.90 10.43
N SER B 17 52.85 14.86 10.13
CA SER B 17 52.32 13.91 9.15
C SER B 17 52.91 14.17 7.77
N TRP B 18 52.98 15.43 7.36
CA TRP B 18 53.54 15.75 6.04
C TRP B 18 55.04 15.41 5.99
N SER B 19 55.77 15.73 7.07
CA SER B 19 57.19 15.41 7.10
C SER B 19 57.41 13.91 7.02
N ALA B 20 56.63 13.14 7.78
CA ALA B 20 56.74 11.68 7.73
C ALA B 20 56.31 11.14 6.38
N SER B 21 55.34 11.79 5.74
CA SER B 21 54.92 11.36 4.41
C SER B 21 56.06 11.48 3.41
N LYS B 22 56.73 12.63 3.38
CA LYS B 22 57.88 12.77 2.48
C LYS B 22 58.99 11.81 2.86
N GLN B 23 59.26 11.65 4.17
CA GLN B 23 60.34 10.79 4.61
C GLN B 23 60.11 9.34 4.21
N ALA B 24 58.85 8.91 4.32
CA ALA B 24 58.50 7.52 3.98
C ALA B 24 58.60 7.31 2.46
N TYR B 25 58.55 8.39 1.67
CA TYR B 25 58.73 8.24 0.21
C TYR B 25 60.06 7.50 -0.02
N LEU B 26 61.08 7.87 0.74
CA LEU B 26 62.40 7.17 0.65
C LEU B 26 62.30 5.83 1.38
N TYR B 30 55.73 2.40 5.05
CA TYR B 30 55.44 1.93 6.42
C TYR B 30 56.41 2.59 7.41
N HIS B 31 56.98 3.74 7.03
CA HIS B 31 57.96 4.43 7.90
C HIS B 31 57.28 4.86 9.20
N LYS B 32 57.83 4.45 10.34
CA LYS B 32 57.26 4.84 11.66
C LYS B 32 57.87 6.19 12.07
N GLU B 33 57.12 7.00 12.83
CA GLU B 33 57.62 8.32 13.30
C GLU B 33 57.29 8.46 14.79
N GLU B 34 58.15 7.92 15.66
CA GLU B 34 57.90 7.97 17.12
C GLU B 34 57.99 9.44 17.58
N ALA B 35 56.92 10.21 17.40
CA ALA B 35 56.89 11.61 17.79
C ALA B 35 56.11 11.72 19.10
N GLY B 36 56.80 11.56 20.22
CA GLY B 36 56.14 11.60 21.51
C GLY B 36 55.20 10.42 21.70
N ALA B 37 54.11 10.67 22.42
CA ALA B 37 53.10 9.63 22.62
C ALA B 37 52.43 9.25 21.30
N VAL B 38 52.38 10.19 20.36
CA VAL B 38 51.77 9.91 19.06
C VAL B 38 52.74 9.08 18.22
N VAL B 39 52.22 7.99 17.65
CA VAL B 39 53.07 7.17 16.74
C VAL B 39 52.57 7.42 15.31
N ILE B 40 53.37 8.09 14.48
CA ILE B 40 52.94 8.43 13.09
C ILE B 40 53.43 7.34 12.14
N PHE B 41 52.51 6.70 11.42
CA PHE B 41 52.90 5.67 10.43
C PHE B 41 52.71 6.23 9.02
N ALA B 42 53.75 6.17 8.19
CA ALA B 42 53.66 6.73 6.84
C ALA B 42 54.02 5.66 5.83
N PHE B 43 53.15 5.50 4.83
CA PHE B 43 53.34 4.49 3.79
C PHE B 43 53.96 5.13 2.56
N GLN B 44 54.93 4.44 1.95
CA GLN B 44 55.62 4.97 0.79
C GLN B 44 54.70 4.99 -0.42
N PRO B 45 54.47 6.14 -1.05
CA PRO B 45 53.66 6.17 -2.27
C PRO B 45 54.39 5.56 -3.44
N SER B 46 53.61 5.08 -4.41
CA SER B 46 54.15 4.51 -5.64
C SER B 46 53.38 5.06 -6.82
N PHE B 47 54.08 5.21 -7.95
CA PHE B 47 53.50 5.78 -9.17
C PHE B 47 53.76 4.80 -10.31
N SER B 48 52.85 3.84 -10.47
CA SER B 48 52.91 2.86 -11.55
C SER B 48 51.50 2.61 -12.09
N GLU B 49 51.43 2.21 -13.36
CA GLU B 49 50.13 2.01 -14.00
C GLU B 49 49.34 0.91 -13.31
N LYS B 50 50.00 -0.17 -12.92
CA LYS B 50 49.29 -1.28 -12.27
C LYS B 50 48.80 -0.90 -10.88
N ASP B 51 49.40 0.12 -10.25
CA ASP B 51 49.03 0.47 -8.89
C ASP B 51 47.60 0.99 -8.81
N PHE B 52 47.19 1.81 -9.78
CA PHE B 52 45.85 2.40 -9.73
C PHE B 52 44.80 1.45 -10.29
N PHE B 53 45.12 0.70 -11.33
CA PHE B 53 44.21 -0.28 -11.94
C PHE B 53 44.92 -1.63 -11.94
N ASP B 54 44.39 -2.58 -11.18
CA ASP B 54 44.99 -3.90 -11.10
C ASP B 54 44.77 -4.65 -12.40
N PRO B 55 45.82 -5.22 -13.00
CA PRO B 55 45.63 -5.96 -14.26
C PRO B 55 44.69 -7.15 -14.14
N ASP B 56 44.63 -7.79 -12.97
CA ASP B 56 43.82 -8.99 -12.81
C ASP B 56 42.33 -8.67 -13.01
N ASN B 57 41.86 -7.55 -12.47
CA ASN B 57 40.46 -7.19 -12.61
C ASN B 57 40.13 -6.87 -14.05
N LYS B 58 38.94 -7.28 -14.49
CA LYS B 58 38.52 -7.08 -15.88
C LYS B 58 37.57 -5.91 -16.06
N SER B 59 36.90 -5.46 -14.99
CA SER B 59 35.95 -4.37 -15.11
C SER B 59 36.68 -3.06 -15.37
N SER B 60 35.96 -2.10 -15.97
CA SER B 60 36.52 -0.79 -16.23
C SER B 60 36.82 -0.01 -14.95
N PHE B 61 36.30 -0.53 -13.83
CA PHE B 61 36.52 0.11 -12.50
C PHE B 61 37.09 -0.97 -11.57
N GLY B 62 38.40 -0.96 -11.34
CA GLY B 62 39.03 -1.97 -10.52
C GLY B 62 38.40 -2.12 -9.15
N GLU B 63 37.76 -3.25 -8.91
CA GLU B 63 37.05 -3.48 -7.67
C GLU B 63 37.05 -4.96 -7.33
N ILE B 64 36.84 -5.26 -6.06
CA ILE B 64 36.75 -6.63 -5.58
C ILE B 64 35.90 -6.64 -4.32
N LYS B 65 35.00 -7.61 -4.21
CA LYS B 65 34.13 -7.72 -3.04
C LYS B 65 34.99 -7.99 -1.80
N LEU B 66 34.90 -7.09 -0.83
CA LEU B 66 35.71 -7.26 0.42
C LEU B 66 35.28 -8.55 1.13
N ASN B 67 36.26 -9.40 1.46
CA ASN B 67 35.95 -10.67 2.18
C ASN B 67 35.37 -10.33 3.55
N ARG B 68 34.27 -10.99 3.93
CA ARG B 68 33.64 -10.75 5.25
C ARG B 68 34.62 -11.17 6.35
N VAL B 69 35.36 -12.25 6.12
CA VAL B 69 36.31 -12.77 7.16
C VAL B 69 37.33 -11.67 7.48
N GLN B 70 38.04 -11.17 6.47
CA GLN B 70 39.11 -10.16 6.73
C GLN B 70 38.48 -8.85 7.20
N PHE B 71 37.26 -8.56 6.73
CA PHE B 71 36.60 -7.28 7.02
C PHE B 71 35.21 -7.55 7.59
N PRO B 72 35.13 -8.05 8.83
CA PRO B 72 33.82 -8.25 9.45
C PRO B 72 33.17 -6.92 9.83
N CYS B 73 31.84 -6.89 9.71
CA CYS B 73 31.01 -5.75 10.11
C CYS B 73 31.25 -4.51 9.25
N MET B 74 31.67 -4.70 8.00
CA MET B 74 31.58 -3.65 6.99
C MET B 74 30.44 -3.85 6.01
N ARG B 75 29.93 -5.07 5.86
CA ARG B 75 28.79 -5.29 4.97
C ARG B 75 27.56 -4.59 5.54
N LYS B 76 26.68 -4.17 4.64
CA LYS B 76 25.41 -3.58 5.04
C LYS B 76 24.61 -4.62 5.83
N ILE B 77 24.10 -4.21 7.00
CA ILE B 77 23.32 -5.14 7.83
C ILE B 77 22.11 -5.63 7.06
N GLY B 78 21.48 -4.73 6.30
CA GLY B 78 20.42 -5.14 5.39
C GLY B 78 20.97 -5.61 4.07
N LYS B 79 20.29 -6.62 3.50
CA LYS B 79 20.56 -7.16 2.17
C LYS B 79 21.86 -7.98 2.12
N GLY B 80 22.64 -7.95 3.20
CA GLY B 80 23.82 -8.78 3.32
C GLY B 80 24.83 -8.66 2.20
N ASP B 81 25.14 -7.42 1.77
CA ASP B 81 26.06 -7.19 0.68
C ASP B 81 27.29 -6.42 1.18
N VAL B 82 28.46 -6.84 0.72
CA VAL B 82 29.73 -6.22 1.12
C VAL B 82 30.07 -5.09 0.16
N ALA B 83 31.01 -4.23 0.58
CA ALA B 83 31.45 -3.11 -0.23
C ALA B 83 32.61 -3.54 -1.13
N THR B 84 33.10 -2.60 -1.93
CA THR B 84 34.18 -2.85 -2.88
C THR B 84 35.33 -1.88 -2.65
N VAL B 85 36.55 -2.41 -2.71
CA VAL B 85 37.76 -1.61 -2.58
C VAL B 85 38.69 -1.94 -3.74
N ASN B 86 39.66 -1.06 -3.97
CA ASN B 86 40.61 -1.26 -5.05
C ASN B 86 41.45 -2.52 -4.77
N GLU B 87 41.60 -3.35 -5.80
CA GLU B 87 42.31 -4.62 -5.63
C GLU B 87 43.78 -4.41 -5.32
N ALA B 88 44.43 -3.48 -6.02
CA ALA B 88 45.85 -3.25 -5.80
C ALA B 88 46.11 -2.69 -4.39
N PHE B 89 45.24 -1.80 -3.93
CA PHE B 89 45.39 -1.26 -2.58
C PHE B 89 45.20 -2.35 -1.53
N LEU B 90 44.25 -3.26 -1.75
CA LEU B 90 44.07 -4.39 -0.85
C LEU B 90 45.29 -5.30 -0.88
N LYS B 91 45.89 -5.49 -2.05
CA LYS B 91 47.13 -6.28 -2.13
C LYS B 91 48.26 -5.62 -1.35
N ASN B 92 48.36 -4.29 -1.45
CA ASN B 92 49.35 -3.57 -0.65
C ASN B 92 49.09 -3.76 0.84
N LEU B 93 47.81 -3.70 1.22
CA LEU B 93 47.46 -3.90 2.65
C LEU B 93 47.92 -5.30 3.07
N GLU B 94 47.58 -6.34 2.30
CA GLU B 94 47.92 -7.70 2.71
C GLU B 94 49.43 -7.92 2.68
N ALA B 95 50.15 -7.20 1.82
CA ALA B 95 51.60 -7.30 1.81
C ALA B 95 52.20 -6.69 3.06
N ILE B 96 51.70 -5.52 3.47
CA ILE B 96 52.19 -4.87 4.68
C ILE B 96 51.80 -5.67 5.92
N ILE B 97 50.63 -6.30 5.90
CA ILE B 97 50.14 -7.05 7.06
C ILE B 97 51.06 -8.24 7.38
N ASP B 98 51.78 -8.75 6.38
CA ASP B 98 52.62 -9.94 6.53
C ASP B 98 53.58 -9.80 7.70
N PRO B 99 53.73 -10.85 8.52
CA PRO B 99 54.57 -10.74 9.73
C PRO B 99 56.01 -10.36 9.46
N ARG B 100 56.54 -10.70 8.28
CA ARG B 100 57.92 -10.32 7.97
C ARG B 100 58.09 -8.81 7.93
N THR B 101 57.05 -8.09 7.49
CA THR B 101 57.12 -6.63 7.47
C THR B 101 57.14 -6.05 8.88
N SER B 102 56.50 -6.74 9.83
CA SER B 102 56.44 -6.38 11.24
C SER B 102 55.72 -5.05 11.48
N PHE B 103 54.99 -4.53 10.50
CA PHE B 103 54.20 -3.32 10.71
C PHE B 103 53.11 -3.56 11.75
N GLN B 104 52.40 -4.69 11.63
CA GLN B 104 51.36 -5.02 12.60
C GLN B 104 51.96 -5.24 13.99
N ALA B 105 53.18 -5.79 14.04
CA ALA B 105 53.86 -5.95 15.32
C ALA B 105 54.16 -4.60 15.94
N SER B 106 54.60 -3.63 15.13
CA SER B 106 54.87 -2.29 15.64
C SER B 106 53.59 -1.63 16.14
N VAL B 107 52.49 -1.80 15.40
CA VAL B 107 51.21 -1.24 15.83
C VAL B 107 50.78 -1.87 17.15
N GLU B 108 50.92 -3.18 17.27
CA GLU B 108 50.56 -3.87 18.51
C GLU B 108 51.40 -3.38 19.68
N MET B 109 52.71 -3.21 19.45
CA MET B 109 53.59 -2.72 20.50
C MET B 109 53.20 -1.30 20.92
N ALA B 110 52.87 -0.45 19.95
CA ALA B 110 52.48 0.93 20.27
C ALA B 110 51.16 0.95 21.05
N VAL B 111 50.21 0.11 20.66
CA VAL B 111 48.93 0.07 21.36
C VAL B 111 49.07 -0.49 22.76
N ARG B 112 49.94 -1.49 22.94
CA ARG B 112 50.13 -2.08 24.27
C ARG B 112 50.66 -1.05 25.26
N SER B 113 51.38 -0.04 24.77
CA SER B 113 51.87 1.05 25.59
C SER B 113 50.89 2.22 25.63
N ARG B 114 49.69 2.06 25.08
CA ARG B 114 48.66 3.09 25.02
C ARG B 114 49.10 4.32 24.26
N LYS B 115 50.08 4.18 23.37
CA LYS B 115 50.53 5.30 22.56
C LYS B 115 49.51 5.59 21.45
N GLN B 116 49.33 6.87 21.15
CA GLN B 116 48.39 7.27 20.12
C GLN B 116 48.83 6.76 18.75
N ILE B 117 47.86 6.32 17.95
CA ILE B 117 48.13 5.75 16.64
C ILE B 117 47.69 6.76 15.58
N VAL B 118 48.61 7.16 14.70
CA VAL B 118 48.34 8.08 13.61
C VAL B 118 48.83 7.44 12.32
N PHE B 119 47.94 7.35 11.34
CA PHE B 119 48.27 6.81 10.02
C PHE B 119 48.24 7.95 9.01
N THR B 120 49.33 8.11 8.27
CA THR B 120 49.41 9.26 7.32
C THR B 120 49.99 8.80 5.98
N GLY B 121 49.81 9.63 4.95
CA GLY B 121 50.38 9.31 3.62
C GLY B 121 49.98 10.34 2.59
N HIS B 122 50.65 10.36 1.44
CA HIS B 122 50.26 11.27 0.34
C HIS B 122 49.92 10.40 -0.88
N SER B 123 48.88 10.78 -1.61
CA SER B 123 48.52 10.02 -2.84
C SER B 123 48.40 8.54 -2.51
N SER B 124 49.15 7.69 -3.21
CA SER B 124 49.10 6.23 -2.97
C SER B 124 49.46 5.96 -1.51
N GLY B 125 50.55 6.57 -1.04
CA GLY B 125 50.98 6.37 0.35
C GLY B 125 49.85 6.68 1.31
N GLY B 126 48.94 7.57 0.91
CA GLY B 126 47.79 7.92 1.76
C GLY B 126 46.64 6.94 1.58
N ALA B 127 46.21 6.71 0.34
CA ALA B 127 45.05 5.83 0.11
C ALA B 127 45.19 4.57 0.97
N THR B 128 46.38 3.97 0.98
CA THR B 128 46.60 2.73 1.78
C THR B 128 46.41 3.05 3.25
N ALA B 129 47.08 4.09 3.74
CA ALA B 129 46.98 4.48 5.14
C ALA B 129 45.53 4.48 5.62
N ILE B 130 44.61 4.94 4.77
CA ILE B 130 43.20 4.93 5.13
C ILE B 130 42.71 3.51 5.33
N LEU B 131 43.07 2.63 4.39
CA LEU B 131 42.68 1.19 4.53
C LEU B 131 43.25 0.67 5.85
N ALA B 132 44.55 0.90 6.09
CA ALA B 132 45.17 0.37 7.30
C ALA B 132 44.49 0.91 8.56
N THR B 133 44.04 2.17 8.53
CA THR B 133 43.34 2.62 9.77
C THR B 133 42.01 1.88 9.88
N VAL B 134 41.28 1.72 8.77
CA VAL B 134 40.05 0.93 8.87
C VAL B 134 40.35 -0.44 9.45
N TRP B 135 41.44 -1.07 8.99
CA TRP B 135 41.83 -2.39 9.47
C TRP B 135 42.10 -2.36 10.97
N TYR B 136 42.82 -1.33 11.43
CA TYR B 136 43.11 -1.21 12.86
C TYR B 136 41.83 -0.91 13.66
N LEU B 137 40.93 -0.11 13.09
CA LEU B 137 39.67 0.16 13.75
C LEU B 137 38.89 -1.12 14.00
N GLU B 138 38.80 -1.98 12.99
CA GLU B 138 38.11 -3.25 13.17
C GLU B 138 38.93 -4.24 13.99
N LYS B 139 40.25 -4.04 14.08
CA LYS B 139 41.08 -4.93 14.89
C LYS B 139 40.88 -4.66 16.38
N TYR B 140 40.84 -3.38 16.76
CA TYR B 140 40.85 -3.05 18.19
C TYR B 140 39.69 -2.18 18.66
N PHE B 141 39.23 -1.21 17.88
CA PHE B 141 38.23 -0.27 18.38
C PHE B 141 36.89 -0.96 18.63
N ILE B 142 36.46 -1.82 17.71
CA ILE B 142 35.14 -2.43 17.81
C ILE B 142 35.06 -3.38 18.99
N ARG B 143 36.14 -4.11 19.27
CA ARG B 143 36.11 -5.07 20.38
C ARG B 143 35.95 -4.36 21.72
N ASN B 144 36.80 -3.39 22.00
CA ASN B 144 36.70 -2.59 23.24
C ASN B 144 36.83 -1.13 22.88
N PRO B 145 35.71 -0.44 22.68
CA PRO B 145 35.76 1.00 22.39
C PRO B 145 36.35 1.76 23.57
N ASN B 146 37.35 2.59 23.29
CA ASN B 146 38.04 3.32 24.34
C ASN B 146 38.67 4.57 23.75
N VAL B 147 38.85 5.58 24.59
CA VAL B 147 39.40 6.85 24.13
C VAL B 147 40.89 6.75 23.85
N TYR B 148 41.62 6.03 24.71
CA TYR B 148 43.08 6.01 24.61
C TYR B 148 43.57 5.33 23.34
N LEU B 149 42.86 4.30 22.86
CA LEU B 149 43.26 3.60 21.65
C LEU B 149 42.58 4.14 20.40
N GLU B 150 41.92 5.28 20.49
CA GLU B 150 41.28 5.87 19.32
C GLU B 150 42.33 6.38 18.34
N PRO B 151 42.33 5.94 17.09
CA PRO B 151 43.36 6.35 16.14
C PRO B 151 42.98 7.62 15.37
N ARG B 152 43.95 8.14 14.63
CA ARG B 152 43.76 9.29 13.77
C ARG B 152 44.36 8.99 12.41
N CYS B 153 43.70 9.51 11.36
CA CYS B 153 44.16 9.26 9.97
C CYS B 153 44.10 10.55 9.15
N VAL B 154 45.26 11.10 8.78
CA VAL B 154 45.35 12.33 7.99
C VAL B 154 46.20 12.04 6.76
N THR B 155 45.65 12.34 5.59
CA THR B 155 46.33 12.07 4.33
C THR B 155 46.11 13.24 3.38
N PHE B 156 47.02 13.39 2.42
CA PHE B 156 47.00 14.50 1.48
C PHE B 156 46.77 13.97 0.07
N GLY B 157 45.67 14.39 -0.54
CA GLY B 157 45.36 14.06 -1.91
C GLY B 157 45.39 12.58 -2.24
N ALA B 158 44.45 11.82 -1.67
CA ALA B 158 44.41 10.39 -1.95
C ALA B 158 43.24 10.06 -2.87
N PRO B 159 43.41 9.10 -3.82
CA PRO B 159 42.32 8.72 -4.72
C PRO B 159 41.21 7.98 -3.98
N LEU B 160 39.97 8.20 -4.39
CA LEU B 160 38.81 7.56 -3.77
C LEU B 160 38.98 6.05 -3.77
N VAL B 161 38.68 5.42 -2.63
CA VAL B 161 38.94 4.01 -2.43
C VAL B 161 37.72 3.25 -1.92
N GLY B 162 36.70 3.94 -1.44
CA GLY B 162 35.55 3.29 -0.83
C GLY B 162 34.31 3.43 -1.69
N ASP B 163 33.42 2.45 -1.57
CA ASP B 163 32.15 2.46 -2.27
C ASP B 163 31.09 3.14 -1.41
N SER B 164 29.86 3.20 -1.93
CA SER B 164 28.76 3.77 -1.16
C SER B 164 28.49 2.93 0.09
N ILE B 165 28.54 1.61 -0.05
CA ILE B 165 28.34 0.72 1.10
C ILE B 165 29.44 0.94 2.13
N PHE B 166 30.67 1.17 1.66
CA PHE B 166 31.77 1.43 2.58
C PHE B 166 31.53 2.71 3.39
N SER B 167 31.07 3.77 2.71
CA SER B 167 30.78 5.02 3.41
C SER B 167 29.63 4.85 4.39
N HIS B 168 28.60 4.10 3.99
CA HIS B 168 27.46 3.87 4.87
C HIS B 168 27.89 3.11 6.12
N ALA B 169 28.72 2.08 5.94
CA ALA B 169 29.21 1.32 7.09
C ALA B 169 30.10 2.17 7.98
N LEU B 170 30.92 3.02 7.35
CA LEU B 170 31.82 3.91 8.12
C LEU B 170 30.96 4.83 8.99
N GLY B 171 29.93 5.42 8.40
CA GLY B 171 29.06 6.31 9.16
C GLY B 171 28.29 5.58 10.25
N ARG B 172 27.84 4.36 9.96
CA ARG B 172 27.07 3.60 10.93
C ARG B 172 27.89 3.29 12.17
N GLU B 173 29.16 2.95 11.99
CA GLU B 173 30.04 2.67 13.11
C GLU B 173 30.52 3.94 13.81
N LYS B 174 30.17 5.12 13.29
CA LYS B 174 30.61 6.40 13.82
C LYS B 174 32.14 6.53 13.80
N TRP B 175 32.78 5.89 12.82
CA TRP B 175 34.22 5.95 12.65
C TRP B 175 34.66 6.98 11.63
N SER B 176 33.72 7.73 11.05
CA SER B 176 34.09 8.72 10.04
C SER B 176 34.76 9.94 10.67
N ARG B 177 34.60 10.13 11.98
CA ARG B 177 35.18 11.30 12.63
C ARG B 177 36.69 11.18 12.74
N PHE B 178 37.21 9.95 12.78
CA PHE B 178 38.64 9.73 12.94
C PHE B 178 39.38 9.94 11.63
N PHE B 179 38.65 10.16 10.54
CA PHE B 179 39.24 10.29 9.21
C PHE B 179 39.16 11.74 8.76
N VAL B 180 40.33 12.28 8.40
CA VAL B 180 40.42 13.66 7.86
C VAL B 180 41.41 13.63 6.71
N ASN B 181 40.97 14.03 5.50
CA ASN B 181 41.81 13.98 4.31
C ASN B 181 41.91 15.37 3.71
N PHE B 182 43.13 15.80 3.42
CA PHE B 182 43.40 17.11 2.83
C PHE B 182 43.48 16.98 1.32
N VAL B 183 42.70 17.79 0.61
CA VAL B 183 42.65 17.76 -0.85
C VAL B 183 42.80 19.18 -1.36
N SER B 184 43.76 19.40 -2.24
CA SER B 184 43.93 20.69 -2.87
C SER B 184 42.79 20.96 -3.86
N ARG B 185 42.52 22.23 -4.13
CA ARG B 185 41.43 22.58 -5.04
C ARG B 185 41.66 22.02 -6.43
N PHE B 186 42.89 22.11 -6.92
CA PHE B 186 43.26 21.58 -8.23
C PHE B 186 44.24 20.43 -8.01
N ASP B 187 43.72 19.21 -8.04
CA ASP B 187 44.54 18.01 -7.85
C ASP B 187 43.83 16.83 -8.50
N ILE B 188 44.47 16.23 -9.51
CA ILE B 188 43.87 15.11 -10.21
C ILE B 188 44.12 13.77 -9.51
N VAL B 189 44.98 13.75 -8.49
CA VAL B 189 45.26 12.52 -7.77
C VAL B 189 44.00 11.92 -7.13
N PRO B 190 43.12 12.68 -6.44
CA PRO B 190 41.89 12.07 -5.91
C PRO B 190 40.79 11.91 -6.98
N ARG B 191 40.88 12.67 -8.07
CA ARG B 191 39.82 12.65 -9.08
C ARG B 191 40.03 11.62 -10.18
N ILE B 192 41.21 10.99 -10.24
CA ILE B 192 41.49 10.06 -11.34
C ILE B 192 40.65 8.80 -11.21
N MET B 193 40.45 8.31 -9.97
CA MET B 193 39.78 7.03 -9.79
C MET B 193 38.32 7.09 -10.25
N LEU B 194 37.73 8.28 -10.29
CA LEU B 194 36.37 8.43 -10.79
C LEU B 194 36.36 8.49 -12.31
N ALA B 195 36.98 7.50 -12.97
CA ALA B 195 37.07 7.47 -14.41
C ALA B 195 37.20 6.03 -14.88
N ARG B 196 36.77 5.78 -16.11
CA ARG B 196 36.89 4.46 -16.71
C ARG B 196 38.36 4.14 -16.95
N LYS B 197 38.74 2.88 -16.74
CA LYS B 197 40.13 2.47 -16.94
C LYS B 197 40.54 2.63 -18.40
N ALA B 198 39.68 2.18 -19.32
CA ALA B 198 40.03 2.23 -20.74
C ALA B 198 40.10 3.67 -21.24
N SER B 199 39.26 4.55 -20.68
CA SER B 199 39.23 5.94 -21.13
C SER B 199 40.55 6.65 -20.86
N VAL B 200 41.31 6.20 -19.87
CA VAL B 200 42.57 6.84 -19.49
C VAL B 200 43.78 5.94 -19.67
N GLU B 201 43.61 4.70 -20.14
CA GLU B 201 44.73 3.79 -20.29
C GLU B 201 45.77 4.32 -21.27
N GLU B 202 45.33 5.12 -22.25
CA GLU B 202 46.23 5.58 -23.30
C GLU B 202 47.35 6.45 -22.73
N THR B 203 47.02 7.37 -21.83
CA THR B 203 47.98 8.34 -21.31
C THR B 203 48.25 8.14 -19.82
N LEU B 204 47.75 7.06 -19.22
CA LEU B 204 47.96 6.86 -17.78
C LEU B 204 49.43 6.71 -17.40
N PRO B 205 50.23 5.88 -18.06
CA PRO B 205 51.66 5.78 -17.65
C PRO B 205 52.40 7.10 -17.74
N HIS B 206 52.12 7.91 -18.75
CA HIS B 206 52.81 9.19 -18.90
C HIS B 206 52.49 10.12 -17.72
N VAL B 207 51.21 10.28 -17.41
CA VAL B 207 50.82 11.18 -16.33
C VAL B 207 51.30 10.63 -14.99
N LEU B 208 51.35 9.31 -14.84
CA LEU B 208 51.83 8.74 -13.59
C LEU B 208 53.33 8.94 -13.42
N ALA B 209 54.08 8.87 -14.53
CA ALA B 209 55.50 9.18 -14.47
C ALA B 209 55.74 10.65 -14.15
N GLN B 210 54.94 11.53 -14.74
CA GLN B 210 55.09 12.97 -14.48
C GLN B 210 54.73 13.31 -13.04
N LEU B 211 53.68 12.68 -12.51
CA LEU B 211 53.21 12.99 -11.16
C LEU B 211 54.19 12.51 -10.10
N ASP B 212 55.06 11.56 -10.47
CA ASP B 212 56.01 11.00 -9.47
C ASP B 212 56.95 12.11 -8.99
N PRO B 213 56.90 12.52 -7.71
CA PRO B 213 57.83 13.52 -7.18
C PRO B 213 59.25 12.96 -7.17
N ARG B 214 59.40 11.68 -6.83
CA ARG B 214 60.73 11.04 -6.81
C ARG B 214 61.33 11.09 -8.22
N LYS B 215 60.48 10.99 -9.24
CA LYS B 215 60.95 11.01 -10.65
C LYS B 215 61.29 12.46 -11.07
N SER B 216 61.94 12.62 -12.22
CA SER B 216 62.31 13.97 -12.73
C SER B 216 61.04 14.82 -12.89
N SER B 217 59.92 14.20 -13.27
CA SER B 217 58.65 14.93 -13.43
C SER B 217 58.82 16.07 -14.43
N VAL B 218 59.48 15.82 -15.56
CA VAL B 218 59.75 16.89 -16.57
C VAL B 218 59.41 16.37 -17.96
N GLN B 219 59.55 17.21 -18.98
CA GLN B 219 59.25 16.81 -20.39
C GLN B 219 57.81 16.29 -20.45
N GLU B 220 56.87 17.02 -19.84
CA GLU B 220 55.44 16.59 -19.85
C GLU B 220 54.80 17.01 -21.17
N SER B 221 54.21 16.05 -21.89
CA SER B 221 53.51 16.38 -23.15
C SER B 221 52.14 17.00 -22.82
N GLU B 222 52.01 18.31 -23.04
CA GLU B 222 50.74 19.00 -22.70
C GLU B 222 49.58 18.24 -23.34
N GLN B 223 49.75 17.87 -24.61
CA GLN B 223 48.68 17.13 -25.33
C GLN B 223 48.21 15.96 -24.47
N ARG B 224 49.14 15.07 -24.08
CA ARG B 224 48.73 13.88 -23.34
C ARG B 224 48.10 14.26 -22.00
N ILE B 225 48.69 15.25 -21.31
CA ILE B 225 48.14 15.70 -20.04
C ILE B 225 46.74 16.26 -20.24
N THR B 226 46.55 17.04 -21.32
CA THR B 226 45.24 17.62 -21.60
C THR B 226 44.21 16.53 -21.90
N GLU B 227 44.62 15.51 -22.68
CA GLU B 227 43.69 14.42 -22.99
C GLU B 227 43.30 13.67 -21.72
N PHE B 228 44.28 13.37 -20.86
CA PHE B 228 43.99 12.67 -19.61
C PHE B 228 43.06 13.49 -18.73
N TYR B 229 43.33 14.79 -18.62
CA TYR B 229 42.49 15.68 -17.84
C TYR B 229 41.07 15.72 -18.38
N THR B 230 40.93 15.79 -19.71
CA THR B 230 39.61 15.84 -20.33
C THR B 230 38.83 14.55 -20.05
N ARG B 231 39.48 13.41 -20.21
CA ARG B 231 38.80 12.13 -19.96
C ARG B 231 38.37 12.02 -18.49
N VAL B 232 39.27 12.36 -17.57
CA VAL B 232 38.95 12.26 -16.15
C VAL B 232 37.81 13.21 -15.79
N MET B 233 37.87 14.44 -16.32
CA MET B 233 36.83 15.43 -16.05
C MET B 233 35.48 14.96 -16.57
N ARG B 234 35.48 14.43 -17.80
CA ARG B 234 34.22 13.95 -18.41
C ARG B 234 33.63 12.85 -17.53
N ASP B 235 34.43 11.84 -17.19
CA ASP B 235 33.94 10.71 -16.41
C ASP B 235 33.43 11.17 -15.04
N THR B 236 34.18 12.06 -14.39
CA THR B 236 33.75 12.55 -13.08
C THR B 236 32.46 13.35 -13.19
N SER B 237 32.32 14.14 -14.25
CA SER B 237 31.08 14.89 -14.46
C SER B 237 29.90 13.94 -14.64
N THR B 238 30.09 12.89 -15.43
CA THR B 238 29.02 11.92 -15.64
C THR B 238 28.63 11.25 -14.32
N VAL B 239 29.62 10.83 -13.54
CA VAL B 239 29.34 10.16 -12.28
C VAL B 239 28.62 11.10 -11.33
N ALA B 240 29.08 12.33 -11.21
CA ALA B 240 28.47 13.29 -10.29
C ALA B 240 27.04 13.61 -10.70
N ASN B 241 26.81 13.83 -11.99
CA ASN B 241 25.47 14.13 -12.47
C ASN B 241 24.53 12.95 -12.22
N GLN B 242 25.00 11.73 -12.48
CA GLN B 242 24.17 10.56 -12.22
C GLN B 242 23.85 10.44 -10.73
N ALA B 243 24.84 10.68 -9.87
CA ALA B 243 24.63 10.57 -8.44
C ALA B 243 23.60 11.59 -7.95
N VAL B 244 23.75 12.85 -8.37
CA VAL B 244 22.83 13.88 -7.88
C VAL B 244 21.44 13.66 -8.43
N CYS B 245 21.32 13.16 -9.68
CA CYS B 245 20.01 12.87 -10.24
C CYS B 245 19.36 11.69 -9.51
N GLU B 246 20.14 10.66 -9.20
CA GLU B 246 19.60 9.49 -8.50
C GLU B 246 19.13 9.87 -7.10
N LEU B 247 19.93 10.68 -6.39
CA LEU B 247 19.60 11.00 -5.01
C LEU B 247 18.30 11.80 -4.92
N THR B 248 18.21 12.89 -5.70
CA THR B 248 16.98 13.68 -5.77
C THR B 248 16.77 14.03 -7.24
N GLY B 249 15.86 13.30 -7.88
CA GLY B 249 15.63 13.51 -9.32
C GLY B 249 14.37 12.84 -9.81
N SER B 250 13.76 13.39 -10.87
CA SER B 250 12.56 12.83 -11.46
C SER B 250 12.93 11.97 -12.66
N ALA B 251 11.92 11.42 -13.34
CA ALA B 251 12.11 10.56 -14.51
C ALA B 251 13.02 9.37 -14.18
N GLU B 252 12.65 8.64 -13.13
CA GLU B 252 13.51 7.57 -12.63
C GLU B 252 13.62 6.41 -13.60
N ALA B 253 12.56 6.12 -14.37
CA ALA B 253 12.66 5.09 -15.39
C ALA B 253 13.67 5.47 -16.46
N PHE B 254 13.75 6.76 -16.79
CA PHE B 254 14.75 7.23 -17.74
C PHE B 254 16.16 6.93 -17.25
N LEU B 255 16.43 7.30 -16.00
CA LEU B 255 17.75 7.05 -15.42
C LEU B 255 18.02 5.56 -15.34
N GLU B 256 16.98 4.77 -15.05
CA GLU B 256 17.13 3.33 -15.01
C GLU B 256 17.56 2.79 -16.38
N THR B 257 16.93 3.29 -17.44
CA THR B 257 17.24 2.82 -18.78
C THR B 257 18.70 3.12 -19.16
N LEU B 258 19.12 4.37 -19.01
CA LEU B 258 20.51 4.67 -19.34
C LEU B 258 21.49 3.99 -18.38
N SER B 259 21.12 3.81 -17.11
CA SER B 259 21.97 3.04 -16.21
C SER B 259 22.14 1.61 -16.70
N SER B 260 21.07 1.02 -17.25
CA SER B 260 21.20 -0.26 -17.93
C SER B 260 22.09 -0.15 -19.16
N PHE B 261 22.17 1.04 -19.76
CA PHE B 261 22.95 1.21 -21.01
C PHE B 261 24.34 1.83 -20.74
N LEU B 262 24.69 2.09 -19.47
CA LEU B 262 25.98 2.78 -19.18
C LEU B 262 26.78 2.04 -18.11
N GLU B 263 28.04 2.43 -17.91
CA GLU B 263 28.89 1.83 -16.84
C GLU B 263 29.57 2.97 -16.08
N LEU B 264 29.27 3.15 -14.80
CA LEU B 264 29.82 4.32 -14.06
C LEU B 264 30.56 3.86 -12.80
N SER B 265 31.55 4.64 -12.36
CA SER B 265 32.36 4.25 -11.17
C SER B 265 31.49 4.23 -9.91
N PRO B 266 31.49 3.13 -9.13
CA PRO B 266 30.73 3.06 -7.89
C PRO B 266 31.44 3.61 -6.66
N TYR B 267 32.73 3.95 -6.77
CA TYR B 267 33.47 4.45 -5.64
C TYR B 267 32.97 5.83 -5.22
N ARG B 268 32.78 6.02 -3.93
CA ARG B 268 32.25 7.25 -3.37
C ARG B 268 33.17 7.78 -2.29
N PRO B 269 33.22 9.10 -2.11
CA PRO B 269 34.06 9.67 -1.05
C PRO B 269 33.61 9.20 0.33
N ALA B 270 34.59 8.98 1.21
CA ALA B 270 34.32 8.54 2.57
C ALA B 270 35.19 9.34 3.53
N GLY B 271 34.69 9.52 4.75
CA GLY B 271 35.41 10.29 5.75
C GLY B 271 35.07 11.76 5.69
N THR B 272 35.91 12.56 6.35
CA THR B 272 35.74 14.00 6.43
C THR B 272 36.81 14.67 5.56
N PHE B 273 36.46 14.93 4.30
CA PHE B 273 37.34 15.69 3.44
C PHE B 273 37.37 17.15 3.85
N VAL B 274 38.56 17.75 3.82
CA VAL B 274 38.73 19.18 4.07
C VAL B 274 39.38 19.77 2.84
N PHE B 275 38.74 20.78 2.26
CA PHE B 275 39.26 21.41 1.05
C PHE B 275 40.18 22.57 1.40
N SER B 276 41.05 22.93 0.46
CA SER B 276 42.05 24.00 0.73
C SER B 276 42.06 25.05 -0.38
N THR B 277 41.99 26.33 -0.01
CA THR B 277 42.06 27.44 -1.00
C THR B 277 42.77 28.61 -0.32
N GLU B 278 43.58 29.37 -1.06
CA GLU B 278 44.36 30.49 -0.45
C GLU B 278 43.43 31.36 0.40
N LYS B 279 42.22 31.63 -0.09
CA LYS B 279 41.28 32.53 0.64
C LYS B 279 40.89 31.92 1.97
N ARG B 280 40.37 30.68 1.97
CA ARG B 280 39.85 30.09 3.24
C ARG B 280 39.87 28.56 3.18
N LEU B 281 39.79 27.90 4.33
CA LEU B 281 39.76 26.41 4.39
C LEU B 281 38.31 25.98 4.63
N VAL B 282 37.91 24.82 4.09
CA VAL B 282 36.53 24.35 4.18
C VAL B 282 36.54 22.84 4.36
N ALA B 283 35.76 22.36 5.32
CA ALA B 283 35.63 20.93 5.60
C ALA B 283 34.18 20.51 5.53
N VAL B 284 33.92 19.35 4.92
CA VAL B 284 32.58 18.83 4.74
C VAL B 284 32.54 17.39 5.25
N ASN B 285 31.35 16.95 5.65
CA ASN B 285 31.11 15.58 6.09
C ASN B 285 30.19 14.79 5.18
N ASN B 286 29.29 15.46 4.44
CA ASN B 286 28.34 14.76 3.58
C ASN B 286 29.10 14.12 2.42
N SER B 287 28.97 12.79 2.29
CA SER B 287 29.71 12.07 1.26
C SER B 287 29.27 12.48 -0.14
N ASP B 288 27.96 12.63 -0.35
CA ASP B 288 27.47 12.99 -1.68
C ASP B 288 27.93 14.39 -2.07
N ALA B 289 27.89 15.33 -1.13
CA ALA B 289 28.33 16.69 -1.42
C ALA B 289 29.83 16.74 -1.68
N ILE B 290 30.58 15.77 -1.14
CA ILE B 290 32.02 15.74 -1.35
C ILE B 290 32.34 15.56 -2.83
N LEU B 291 31.65 14.63 -3.50
CA LEU B 291 31.88 14.42 -4.92
C LEU B 291 31.46 15.64 -5.74
N GLN B 292 30.34 16.26 -5.36
CA GLN B 292 29.88 17.46 -6.06
C GLN B 292 30.91 18.57 -5.97
N MET B 293 31.45 18.79 -4.76
CA MET B 293 32.50 19.80 -4.59
C MET B 293 33.76 19.42 -5.34
N LEU B 294 34.10 18.12 -5.36
CA LEU B 294 35.29 17.67 -6.08
C LEU B 294 35.18 17.99 -7.57
N PHE B 295 33.99 17.78 -8.14
CA PHE B 295 33.80 18.09 -9.56
C PHE B 295 33.76 19.61 -9.78
N TYR B 296 33.04 20.33 -8.94
CA TYR B 296 32.77 21.75 -9.22
C TYR B 296 34.01 22.61 -8.99
N THR B 297 34.81 22.29 -7.96
CA THR B 297 35.96 23.11 -7.63
C THR B 297 36.99 23.10 -8.76
N SER B 298 37.22 21.94 -9.38
CA SER B 298 38.21 21.79 -10.43
C SER B 298 37.69 22.22 -11.80
N GLN B 299 36.50 22.83 -11.86
CA GLN B 299 35.96 23.28 -13.13
C GLN B 299 36.73 24.49 -13.65
N ALA B 300 36.74 24.63 -14.96
CA ALA B 300 37.43 25.75 -15.59
C ALA B 300 36.67 27.06 -15.38
N SER B 301 37.42 28.15 -15.37
CA SER B 301 36.87 29.49 -15.18
C SER B 301 36.99 30.36 -16.42
N ASP B 302 38.17 30.39 -17.04
CA ASP B 302 38.40 31.21 -18.22
C ASP B 302 39.42 30.51 -19.12
N GLU B 303 39.60 31.07 -20.31
CA GLU B 303 40.53 30.48 -21.27
C GLU B 303 41.97 30.54 -20.76
N GLN B 304 42.30 31.59 -20.01
CA GLN B 304 43.63 31.67 -19.40
C GLN B 304 43.83 30.54 -18.40
N GLU B 305 42.79 30.22 -17.62
CA GLU B 305 42.87 29.09 -16.70
C GLU B 305 42.99 27.77 -17.46
N TRP B 306 42.29 27.64 -18.57
CA TRP B 306 42.33 26.41 -19.36
C TRP B 306 43.75 26.14 -19.84
N SER B 307 44.11 24.86 -19.88
CA SER B 307 45.46 24.38 -20.20
C SER B 307 46.43 24.73 -19.07
N LEU B 308 45.93 25.39 -18.02
CA LEU B 308 46.74 25.63 -16.84
C LEU B 308 46.25 24.82 -15.66
N ILE B 309 44.93 24.61 -15.55
CA ILE B 309 44.41 23.71 -14.52
C ILE B 309 45.06 22.33 -14.56
N PRO B 310 45.28 21.69 -15.71
CA PRO B 310 46.06 20.44 -15.70
C PRO B 310 47.46 20.64 -15.13
N PHE B 311 48.17 21.66 -15.63
CA PHE B 311 49.50 21.97 -15.14
C PHE B 311 49.46 22.37 -13.66
N ARG B 312 48.46 23.18 -13.29
CA ARG B 312 48.33 23.61 -11.90
C ARG B 312 48.14 22.41 -10.97
N SER B 313 47.29 21.45 -11.37
CA SER B 313 47.09 20.26 -10.56
C SER B 313 48.35 19.41 -10.50
N ILE B 314 49.06 19.31 -11.62
CA ILE B 314 50.29 18.53 -11.65
C ILE B 314 51.30 19.10 -10.64
N ARG B 315 51.41 20.43 -10.57
CA ARG B 315 52.33 21.02 -9.60
C ARG B 315 51.77 20.97 -8.18
N ASP B 316 50.45 21.10 -8.04
CA ASP B 316 49.84 21.12 -6.71
C ASP B 316 49.81 19.75 -6.07
N HIS B 317 50.08 18.70 -6.85
CA HIS B 317 50.21 17.37 -6.29
C HIS B 317 51.29 17.31 -5.22
N HIS B 318 52.27 18.22 -5.30
CA HIS B 318 53.34 18.30 -4.30
C HIS B 318 53.40 19.67 -3.64
N SER B 319 52.33 20.46 -3.70
CA SER B 319 52.30 21.78 -3.10
C SER B 319 51.68 21.79 -1.71
N TYR B 320 51.39 20.61 -1.15
CA TYR B 320 50.78 20.55 0.17
C TYR B 320 51.66 21.11 1.27
N GLU B 321 52.97 21.25 1.00
CA GLU B 321 53.88 21.78 2.01
C GLU B 321 53.48 23.19 2.42
N GLU B 322 53.17 24.04 1.44
CA GLU B 322 52.78 25.42 1.76
C GLU B 322 51.46 25.44 2.53
N LEU B 323 50.53 24.55 2.18
CA LEU B 323 49.26 24.48 2.89
C LEU B 323 49.48 24.08 4.35
N VAL B 324 50.35 23.10 4.59
CA VAL B 324 50.64 22.68 5.95
C VAL B 324 51.32 23.80 6.73
N GLN B 325 52.27 24.48 6.10
CA GLN B 325 52.96 25.57 6.78
C GLN B 325 52.02 26.72 7.10
N SER B 326 51.07 27.00 6.21
CA SER B 326 50.13 28.10 6.39
C SER B 326 48.73 27.61 6.78
N MET B 327 48.61 26.42 7.35
CA MET B 327 47.30 25.91 7.75
C MET B 327 46.69 26.78 8.84
N GLY B 328 47.48 27.16 9.84
CA GLY B 328 46.99 28.03 10.89
C GLY B 328 46.67 29.43 10.39
N LYS B 329 47.43 29.91 9.41
CA LYS B 329 47.29 31.25 8.85
C LYS B 329 46.10 31.39 7.92
N LYS B 330 45.22 30.39 7.79
CA LYS B 330 44.08 30.46 6.89
C LYS B 330 42.79 30.30 7.67
N LEU B 331 41.77 31.04 7.26
CA LEU B 331 40.47 30.98 7.91
C LEU B 331 39.82 29.61 7.67
N PHE B 332 39.23 29.06 8.72
CA PHE B 332 38.55 27.78 8.65
C PHE B 332 37.05 27.98 8.75
N ASN B 333 36.32 27.27 7.88
CA ASN B 333 34.86 27.30 7.87
C ASN B 333 34.34 25.87 7.80
N HIS B 334 33.42 25.52 8.70
CA HIS B 334 32.78 24.21 8.69
C HIS B 334 31.52 24.33 7.84
N LEU B 335 31.52 23.67 6.68
CA LEU B 335 30.42 23.83 5.73
C LEU B 335 29.11 23.33 6.30
N ASP B 336 29.13 22.20 7.01
CA ASP B 336 27.90 21.65 7.57
C ASP B 336 27.31 22.58 8.62
N GLY B 337 28.15 23.09 9.52
CA GLY B 337 27.66 23.98 10.56
C GLY B 337 27.32 25.36 10.03
N GLU B 338 27.92 25.76 8.91
CA GLU B 338 27.68 27.07 8.34
C GLU B 338 26.26 27.16 7.78
N ASN B 339 25.55 28.23 8.14
CA ASN B 339 24.19 28.43 7.67
C ASN B 339 24.18 29.03 6.27
N SER B 340 24.77 30.20 6.12
CA SER B 340 24.89 30.83 4.79
C SER B 340 26.21 30.41 4.16
N ILE B 341 26.12 29.62 3.08
CA ILE B 341 27.29 29.01 2.46
C ILE B 341 27.57 29.55 1.07
N GLU B 342 26.75 30.49 0.57
CA GLU B 342 26.95 30.99 -0.79
C GLU B 342 28.28 31.71 -0.93
N SER B 343 28.63 32.55 0.05
CA SER B 343 29.89 33.29 -0.03
C SER B 343 31.09 32.36 0.05
N THR B 344 31.02 31.34 0.91
CA THR B 344 32.13 30.39 1.04
C THR B 344 32.36 29.64 -0.26
N LEU B 345 31.27 29.18 -0.89
CA LEU B 345 31.42 28.45 -2.15
C LEU B 345 31.85 29.36 -3.28
N ASN B 346 31.42 30.62 -3.26
CA ASN B 346 31.92 31.59 -4.25
C ASN B 346 33.42 31.79 -4.09
N ASP B 347 33.90 31.87 -2.85
CA ASP B 347 35.34 31.92 -2.62
C ASP B 347 36.02 30.64 -3.12
N LEU B 348 35.37 29.49 -2.91
CA LEU B 348 35.91 28.23 -3.42
C LEU B 348 35.84 28.14 -4.94
N GLY B 349 35.11 29.04 -5.59
CA GLY B 349 34.95 29.02 -7.03
C GLY B 349 33.86 28.11 -7.54
N VAL B 350 33.06 27.51 -6.66
CA VAL B 350 31.99 26.62 -7.09
C VAL B 350 30.87 27.42 -7.73
N SER B 351 30.43 26.98 -8.90
CA SER B 351 29.39 27.68 -9.64
C SER B 351 28.04 27.57 -8.91
N THR B 352 27.05 28.30 -9.44
CA THR B 352 25.74 28.35 -8.80
C THR B 352 25.09 26.97 -8.75
N ARG B 353 25.26 26.21 -9.83
CA ARG B 353 24.63 24.86 -9.91
C ARG B 353 25.22 23.97 -8.81
N GLY B 354 26.54 24.03 -8.59
CA GLY B 354 27.16 23.26 -7.51
C GLY B 354 26.68 23.69 -6.14
N ARG B 355 26.51 25.01 -5.94
CA ARG B 355 25.98 25.50 -4.68
C ARG B 355 24.58 24.94 -4.42
N GLN B 356 23.72 24.99 -5.43
CA GLN B 356 22.36 24.48 -5.27
C GLN B 356 22.37 22.96 -5.03
N TYR B 357 23.28 22.25 -5.68
CA TYR B 357 23.35 20.80 -5.51
C TYR B 357 23.77 20.42 -4.09
N VAL B 358 24.82 21.06 -3.59
CA VAL B 358 25.25 20.76 -2.22
C VAL B 358 24.21 21.22 -1.21
N GLN B 359 23.53 22.34 -1.47
CA GLN B 359 22.44 22.76 -0.60
C GLN B 359 21.31 21.74 -0.59
N ALA B 360 20.98 21.17 -1.76
CA ALA B 360 19.96 20.14 -1.82
C ALA B 360 20.39 18.90 -1.05
N ALA B 361 21.68 18.55 -1.11
CA ALA B 361 22.18 17.42 -0.33
C ALA B 361 22.03 17.68 1.16
N LEU B 362 22.38 18.88 1.61
CA LEU B 362 22.21 19.23 3.02
C LEU B 362 20.75 19.17 3.44
N GLU B 363 19.86 19.69 2.58
CA GLU B 363 18.43 19.63 2.88
C GLU B 363 17.93 18.20 2.96
N GLU B 364 18.45 17.32 2.08
CA GLU B 364 18.01 15.93 2.09
C GLU B 364 18.51 15.24 3.36
N GLU B 365 19.71 15.60 3.82
CA GLU B 365 20.18 15.12 5.11
C GLU B 365 19.27 15.59 6.24
N LYS B 366 18.86 16.86 6.19
CA LYS B 366 17.93 17.38 7.19
C LYS B 366 16.61 16.61 7.17
N LYS B 367 16.10 16.31 5.97
CA LYS B 367 14.88 15.53 5.86
C LYS B 367 15.07 14.12 6.41
N ARG B 368 16.25 13.52 6.19
CA ARG B 368 16.52 12.19 6.72
C ARG B 368 16.48 12.20 8.25
N VAL B 369 17.14 13.19 8.87
CA VAL B 369 17.14 13.24 10.33
C VAL B 369 15.75 13.57 10.86
N GLU B 370 14.98 14.39 10.12
CA GLU B 370 13.61 14.68 10.53
C GLU B 370 12.74 13.43 10.48
N ASN B 371 12.91 12.61 9.45
CA ASN B 371 12.18 11.34 9.39
C ASN B 371 12.59 10.42 10.53
N GLN B 372 13.87 10.41 10.88
CA GLN B 372 14.33 9.62 12.01
C GLN B 372 13.63 10.08 13.30
N LYS B 373 13.59 11.39 13.53
CA LYS B 373 12.96 11.89 14.74
C LYS B 373 11.46 11.63 14.74
N LYS B 374 10.82 11.69 13.57
CA LYS B 374 9.40 11.39 13.48
C LYS B 374 9.12 9.93 13.81
N ILE B 375 9.96 9.02 13.29
CA ILE B 375 9.80 7.60 13.62
C ILE B 375 10.01 7.37 15.10
N ILE B 376 11.00 8.05 15.69
CA ILE B 376 11.26 7.92 17.13
C ILE B 376 10.04 8.38 17.92
N GLN B 377 9.47 9.52 17.55
CA GLN B 377 8.29 10.03 18.25
C GLN B 377 7.10 9.08 18.11
N VAL B 378 6.92 8.51 16.92
CA VAL B 378 5.83 7.56 16.71
C VAL B 378 6.03 6.33 17.59
N ILE B 379 7.26 5.85 17.68
CA ILE B 379 7.55 4.69 18.53
C ILE B 379 7.33 5.01 19.99
N GLU B 380 7.63 6.25 20.41
CA GLU B 380 7.52 6.60 21.82
C GLU B 380 6.06 6.67 22.28
N GLN B 381 5.11 6.70 21.34
CA GLN B 381 3.70 6.78 21.70
C GLN B 381 3.28 5.56 22.51
N GLU B 382 2.38 5.79 23.48
CA GLU B 382 2.00 4.73 24.41
C GLU B 382 1.20 3.63 23.73
N ARG B 383 0.41 3.99 22.72
CA ARG B 383 -0.53 3.06 22.08
C ARG B 383 0.16 1.79 21.59
N PHE B 384 1.35 1.92 21.00
CA PHE B 384 2.07 0.75 20.52
C PHE B 384 2.50 -0.15 21.69
N LEU B 385 2.95 0.47 22.79
CA LEU B 385 3.27 -0.30 23.99
C LEU B 385 2.05 -0.99 24.54
N LYS B 386 0.90 -0.32 24.50
CA LYS B 386 -0.36 -0.93 24.99
C LYS B 386 -0.66 -2.15 24.12
N LYS B 387 -0.55 -1.99 22.80
CA LYS B 387 -0.84 -3.10 21.89
C LYS B 387 0.08 -4.28 22.14
N LEU B 388 1.35 -4.02 22.42
CA LEU B 388 2.25 -5.10 22.86
C LEU B 388 1.77 -5.72 24.17
N ALA B 389 1.35 -4.86 25.10
CA ALA B 389 0.88 -5.33 26.40
C ALA B 389 -0.27 -6.32 26.22
N TRP B 390 -1.33 -5.90 25.52
CA TRP B 390 -2.47 -6.77 25.23
C TRP B 390 -2.02 -8.18 24.91
N ILE B 391 -1.13 -8.33 23.93
CA ILE B 391 -0.66 -9.65 23.52
C ILE B 391 0.06 -10.36 24.67
N GLU B 392 0.93 -9.63 25.37
CA GLU B 392 1.76 -10.34 26.34
C GLU B 392 1.07 -10.58 27.69
N ASP B 393 -0.11 -9.99 27.92
CA ASP B 393 -0.74 -10.07 29.23
C ASP B 393 -2.18 -10.58 29.23
N GLU B 394 -2.87 -10.60 28.07
CA GLU B 394 -4.23 -11.13 28.01
C GLU B 394 -4.27 -12.40 27.17
N TYR B 395 -3.73 -12.37 25.95
CA TYR B 395 -3.82 -13.54 25.07
C TYR B 395 -2.99 -14.70 25.61
N LYS B 396 -1.67 -14.49 25.74
CA LYS B 396 -0.79 -15.58 26.15
C LYS B 396 -1.12 -16.13 27.53
N PRO B 397 -1.31 -15.31 28.58
CA PRO B 397 -1.68 -15.90 29.88
C PRO B 397 -2.98 -16.67 29.86
N LYS B 398 -3.98 -16.21 29.09
CA LYS B 398 -5.24 -16.93 29.00
C LYS B 398 -5.04 -18.29 28.33
N CYS B 399 -4.23 -18.32 27.27
CA CYS B 399 -3.93 -19.59 26.60
C CYS B 399 -3.20 -20.53 27.55
N GLN B 400 -2.27 -20.01 28.35
CA GLN B 400 -1.61 -20.83 29.35
C GLN B 400 -2.62 -21.37 30.35
N ALA B 401 -3.59 -20.55 30.77
CA ALA B 401 -4.65 -21.02 31.65
C ALA B 401 -5.55 -22.03 30.96
N HIS B 402 -5.79 -21.86 29.66
CA HIS B 402 -6.64 -22.78 28.90
C HIS B 402 -5.93 -24.07 28.53
N LYS B 403 -4.69 -24.27 28.98
CA LYS B 403 -3.91 -25.47 28.71
C LYS B 403 -3.65 -25.68 27.22
N ASN B 404 -3.78 -24.63 26.42
CA ASN B 404 -3.51 -24.68 24.99
C ASN B 404 -2.44 -23.65 24.67
N GLY B 405 -1.41 -24.07 23.94
CA GLY B 405 -0.40 -23.13 23.49
C GLY B 405 -1.00 -22.01 22.67
N TYR B 406 -0.57 -20.77 22.92
CA TYR B 406 -1.16 -19.63 22.22
C TYR B 406 -1.02 -19.78 20.71
N TYR B 407 0.02 -20.48 20.29
CA TYR B 407 0.17 -20.79 18.84
C TYR B 407 -0.95 -21.76 18.47
N ASP B 408 -1.10 -22.85 19.24
CA ASP B 408 -2.10 -23.85 18.94
C ASP B 408 -3.51 -23.28 19.04
N SER B 409 -3.74 -22.40 20.03
CA SER B 409 -5.02 -21.72 20.13
C SER B 409 -5.26 -20.85 18.90
N PHE B 410 -4.22 -20.16 18.46
CA PHE B 410 -4.35 -19.31 17.26
C PHE B 410 -4.79 -20.19 16.09
N LYS B 411 -4.24 -21.39 15.99
CA LYS B 411 -4.58 -22.29 14.85
C LYS B 411 -6.09 -22.53 14.85
N VAL B 412 -6.62 -23.11 15.93
CA VAL B 412 -8.08 -23.44 15.97
C VAL B 412 -8.70 -22.86 17.24
N SER B 413 -9.57 -21.84 17.10
CA SER B 413 -10.27 -21.24 18.27
C SER B 413 -11.42 -20.35 17.79
N ASN B 414 -12.33 -20.00 18.69
CA ASN B 414 -13.50 -19.14 18.33
C ASN B 414 -13.53 -17.91 19.23
N GLU B 415 -12.78 -17.94 20.33
CA GLU B 415 -12.79 -16.82 21.31
C GLU B 415 -12.44 -15.51 20.59
N GLU B 416 -13.09 -14.41 20.98
CA GLU B 416 -12.77 -13.09 20.38
C GLU B 416 -11.28 -12.80 20.62
N ASN B 417 -10.76 -13.20 21.79
CA ASN B 417 -9.32 -13.01 22.09
C ASN B 417 -8.51 -13.23 20.81
N ASP B 418 -8.62 -14.41 20.21
CA ASP B 418 -7.89 -14.74 19.00
C ASP B 418 -8.05 -13.66 17.95
N PHE B 419 -9.28 -13.17 17.75
CA PHE B 419 -9.52 -12.10 16.79
C PHE B 419 -8.82 -10.82 17.20
N LYS B 420 -8.87 -10.49 18.50
CA LYS B 420 -8.17 -9.29 18.98
C LYS B 420 -6.67 -9.41 18.76
N ALA B 421 -6.11 -10.60 19.03
CA ALA B 421 -4.68 -10.81 18.82
C ALA B 421 -4.31 -10.70 17.35
N ASN B 422 -5.21 -11.20 16.50
CA ASN B 422 -4.98 -11.10 15.04
C ASN B 422 -4.91 -9.62 14.66
N VAL B 423 -5.88 -8.82 15.13
CA VAL B 423 -5.93 -7.41 14.80
C VAL B 423 -4.68 -6.69 15.30
N LYS B 424 -4.27 -6.98 16.53
CA LYS B 424 -3.07 -6.35 17.08
C LYS B 424 -1.83 -6.72 16.27
N ARG B 425 -1.73 -7.99 15.88
CA ARG B 425 -0.59 -8.43 15.08
C ARG B 425 -0.57 -7.71 13.73
N ALA B 426 -1.73 -7.57 13.10
CA ALA B 426 -1.81 -6.85 11.83
C ALA B 426 -1.39 -5.40 11.99
N GLU B 427 -1.86 -4.74 13.05
CA GLU B 427 -1.52 -3.34 13.27
C GLU B 427 -0.03 -3.16 13.51
N LEU B 428 0.56 -4.05 14.32
CA LEU B 428 2.00 -3.96 14.58
C LEU B 428 2.80 -4.24 13.31
N ALA B 429 2.38 -5.23 12.54
CA ALA B 429 3.09 -5.58 11.31
C ALA B 429 3.05 -4.43 10.32
N GLY B 430 1.92 -3.71 10.25
CA GLY B 430 1.84 -2.57 9.36
C GLY B 430 2.88 -1.50 9.68
N VAL B 431 3.00 -1.15 10.96
CA VAL B 431 3.96 -0.12 11.36
C VAL B 431 5.39 -0.60 11.15
N PHE B 432 5.65 -1.86 11.48
CA PHE B 432 7.02 -2.37 11.32
C PHE B 432 7.41 -2.48 9.85
N ASP B 433 6.45 -2.82 8.99
CA ASP B 433 6.72 -2.82 7.55
C ASP B 433 6.92 -1.40 7.03
N GLU B 434 6.19 -0.44 7.60
CA GLU B 434 6.44 0.96 7.28
C GLU B 434 7.89 1.34 7.58
N VAL B 435 8.35 0.99 8.78
CA VAL B 435 9.72 1.33 9.19
C VAL B 435 10.72 0.61 8.31
N LEU B 436 10.46 -0.66 8.00
CA LEU B 436 11.37 -1.44 7.16
C LEU B 436 11.47 -0.85 5.75
N GLY B 437 10.33 -0.44 5.19
CA GLY B 437 10.35 0.18 3.87
C GLY B 437 11.07 1.51 3.87
N LEU B 438 10.90 2.29 4.95
CA LEU B 438 11.66 3.54 5.08
C LEU B 438 13.15 3.26 5.14
N MET B 439 13.56 2.22 5.87
CA MET B 439 14.97 1.91 6.01
C MET B 439 15.55 1.35 4.72
N LYS B 440 14.73 0.66 3.91
CA LYS B 440 15.23 0.02 2.70
C LYS B 440 15.72 1.06 1.69
N LYS B 441 14.99 2.17 1.54
CA LYS B 441 15.35 3.19 0.56
C LYS B 441 16.34 4.22 1.09
N CYS B 442 16.96 3.94 2.23
CA CYS B 442 17.97 4.82 2.83
C CYS B 442 17.41 6.21 3.09
N GLN B 443 16.14 6.27 3.47
CA GLN B 443 15.51 7.50 3.90
C GLN B 443 15.69 7.77 5.39
N LEU B 444 16.35 6.85 6.10
CA LEU B 444 16.66 6.98 7.52
C LEU B 444 18.17 7.00 7.71
N PRO B 445 18.65 7.62 8.79
CA PRO B 445 20.10 7.74 8.99
C PRO B 445 20.77 6.38 9.08
N ASP B 446 22.03 6.35 8.65
CA ASP B 446 22.82 5.13 8.70
C ASP B 446 22.97 4.61 10.13
N GLU B 447 22.81 5.47 11.12
CA GLU B 447 22.91 5.07 12.52
C GLU B 447 21.55 4.71 13.13
N PHE B 448 20.49 4.70 12.33
CA PHE B 448 19.16 4.36 12.87
C PHE B 448 19.12 2.89 13.30
N GLU B 449 19.88 2.04 12.61
CA GLU B 449 20.03 0.67 13.08
C GLU B 449 20.96 0.60 14.30
N GLY B 450 21.77 1.64 14.51
CA GLY B 450 22.81 1.57 15.52
C GLY B 450 22.30 1.55 16.95
N ASP B 451 21.35 2.43 17.27
CA ASP B 451 20.93 2.61 18.65
C ASP B 451 20.25 1.37 19.20
N ILE B 452 20.47 1.10 20.48
CA ILE B 452 20.07 -0.18 21.07
C ILE B 452 18.55 -0.23 21.26
N ASP B 453 17.91 0.93 21.41
CA ASP B 453 16.48 0.97 21.71
C ASP B 453 15.66 0.35 20.58
N TRP B 454 15.93 0.80 19.34
CA TRP B 454 15.13 0.33 18.21
C TRP B 454 15.32 -1.17 17.98
N ILE B 455 16.57 -1.64 18.06
CA ILE B 455 16.83 -3.06 17.81
C ILE B 455 16.23 -3.91 18.92
N LYS B 456 16.30 -3.44 20.16
CA LYS B 456 15.66 -4.16 21.26
C LYS B 456 14.14 -4.25 21.06
N LEU B 457 13.53 -3.13 20.65
CA LEU B 457 12.09 -3.14 20.41
C LEU B 457 11.73 -4.08 19.27
N ALA B 458 12.53 -4.09 18.20
CA ALA B 458 12.26 -4.97 17.08
C ALA B 458 12.42 -6.43 17.48
N THR B 459 13.44 -6.75 18.28
CA THR B 459 13.63 -8.12 18.74
C THR B 459 12.46 -8.58 19.61
N ARG B 460 12.01 -7.71 20.51
CA ARG B 460 10.86 -8.05 21.35
C ARG B 460 9.61 -8.26 20.50
N TYR B 461 9.40 -7.38 19.52
CA TYR B 461 8.25 -7.51 18.62
C TYR B 461 8.29 -8.83 17.87
N ARG B 462 9.46 -9.19 17.33
CA ARG B 462 9.59 -10.46 16.62
C ARG B 462 9.28 -11.63 17.54
N ARG B 463 9.96 -11.68 18.69
CA ARG B 463 9.80 -12.78 19.63
C ARG B 463 8.38 -12.91 20.14
N LEU B 464 7.61 -11.82 20.17
CA LEU B 464 6.25 -11.84 20.67
C LEU B 464 5.22 -12.14 19.58
N VAL B 465 5.50 -11.73 18.34
CA VAL B 465 4.45 -11.73 17.33
C VAL B 465 4.65 -12.84 16.30
N GLU B 466 5.90 -13.11 15.90
CA GLU B 466 6.17 -14.04 14.80
C GLU B 466 5.48 -15.40 14.94
N PRO B 467 5.39 -16.01 16.13
CA PRO B 467 4.57 -17.24 16.24
C PRO B 467 3.14 -17.04 15.78
N LEU B 468 2.54 -15.88 16.04
CA LEU B 468 1.18 -15.62 15.55
C LEU B 468 1.15 -15.61 14.02
N ASP B 469 2.14 -14.97 13.40
CA ASP B 469 2.19 -14.93 11.94
C ASP B 469 2.33 -16.32 11.34
N ILE B 470 3.19 -17.15 11.93
CA ILE B 470 3.40 -18.50 11.35
C ILE B 470 2.12 -19.32 11.60
N ALA B 471 1.48 -19.13 12.77
CA ALA B 471 0.23 -19.82 13.01
C ALA B 471 -0.80 -19.47 11.95
N ASN B 472 -0.92 -18.19 11.62
CA ASN B 472 -1.84 -17.77 10.57
C ASN B 472 -1.45 -18.38 9.22
N TYR B 473 -0.14 -18.41 8.94
CA TYR B 473 0.34 -18.91 7.65
C TYR B 473 0.04 -20.39 7.48
N HIS B 474 0.38 -21.20 8.48
CA HIS B 474 0.17 -22.64 8.35
C HIS B 474 -1.30 -23.02 8.54
N ARG B 475 -2.07 -22.22 9.29
CA ARG B 475 -3.46 -22.54 9.51
C ARG B 475 -4.26 -22.48 8.21
N HIS B 476 -3.96 -21.49 7.36
CA HIS B 476 -4.68 -21.31 6.11
C HIS B 476 -4.19 -22.22 4.99
N LEU B 477 -3.26 -23.14 5.31
CA LEU B 477 -2.75 -24.12 4.35
C LEU B 477 -2.09 -23.46 3.14
N LYS B 478 -1.47 -22.30 3.35
CA LYS B 478 -0.73 -21.65 2.27
C LYS B 478 0.59 -22.37 1.99
N ASN B 479 1.05 -23.22 2.91
CA ASN B 479 2.27 -23.98 2.68
C ASN B 479 2.11 -24.95 1.52
N GLU B 480 0.90 -25.48 1.34
CA GLU B 480 0.59 -26.37 0.23
C GLU B 480 0.25 -25.59 -1.04
N ASP B 481 0.27 -24.26 -1.00
CA ASP B 481 0.01 -23.43 -2.15
C ASP B 481 1.25 -22.74 -2.69
N THR B 482 2.14 -22.26 -1.82
CA THR B 482 3.37 -21.61 -2.28
C THR B 482 4.62 -22.34 -1.83
N GLY B 483 4.67 -22.85 -0.60
CA GLY B 483 5.81 -23.59 -0.14
C GLY B 483 6.05 -23.45 1.36
N PRO B 484 7.18 -24.00 1.83
CA PRO B 484 7.49 -23.92 3.26
C PRO B 484 7.78 -22.49 3.70
N TYR B 485 7.77 -22.27 5.01
CA TYR B 485 7.95 -20.89 5.54
C TYR B 485 9.34 -20.37 5.18
N MET B 486 10.39 -21.17 5.38
CA MET B 486 11.74 -20.68 5.18
C MET B 486 12.00 -20.38 3.70
N LYS B 487 11.49 -21.22 2.80
CA LYS B 487 11.73 -21.02 1.38
C LYS B 487 11.11 -19.72 0.89
N ARG B 488 9.84 -19.50 1.20
CA ARG B 488 9.14 -18.29 0.80
C ARG B 488 8.06 -17.98 1.83
N GLY B 489 7.64 -16.72 1.86
CA GLY B 489 6.58 -16.29 2.75
C GLY B 489 7.04 -15.75 4.09
N ARG B 490 8.35 -15.61 4.31
CA ARG B 490 8.85 -15.07 5.56
C ARG B 490 9.00 -13.56 5.42
N PRO B 491 8.27 -12.74 6.19
CA PRO B 491 8.45 -11.30 6.11
C PRO B 491 9.88 -10.91 6.45
N THR B 492 10.43 -9.96 5.67
CA THR B 492 11.83 -9.60 5.83
C THR B 492 12.03 -8.68 7.03
N ARG B 493 10.94 -8.25 7.67
CA ARG B 493 11.08 -7.50 8.92
C ARG B 493 11.70 -8.37 10.02
N TYR B 494 11.21 -9.60 10.15
CA TYR B 494 11.78 -10.53 11.13
C TYR B 494 13.21 -10.89 10.78
N ILE B 495 13.49 -11.07 9.48
CA ILE B 495 14.84 -11.38 9.05
C ILE B 495 15.79 -10.22 9.37
N TYR B 496 15.33 -8.99 9.13
CA TYR B 496 16.15 -7.82 9.44
C TYR B 496 16.39 -7.70 10.93
N ALA B 497 15.36 -7.96 11.75
CA ALA B 497 15.53 -7.93 13.20
C ALA B 497 16.53 -8.98 13.66
N GLN B 498 16.45 -10.19 13.10
CA GLN B 498 17.40 -11.24 13.44
C GLN B 498 18.82 -10.86 13.04
N ARG B 499 18.97 -10.27 11.85
CA ARG B 499 20.28 -9.83 11.39
C ARG B 499 20.85 -8.76 12.32
N GLY B 500 20.02 -7.80 12.71
CA GLY B 500 20.48 -6.77 13.63
C GLY B 500 20.88 -7.32 14.98
N TYR B 501 20.08 -8.26 15.51
CA TYR B 501 20.41 -8.87 16.79
C TYR B 501 21.71 -9.66 16.70
N GLU B 502 21.91 -10.40 15.61
CA GLU B 502 23.15 -11.16 15.42
C GLU B 502 24.35 -10.22 15.34
N HIS B 503 24.21 -9.13 14.60
CA HIS B 503 25.30 -8.16 14.49
C HIS B 503 25.61 -7.54 15.85
N TYR B 504 24.57 -7.23 16.62
CA TYR B 504 24.77 -6.64 17.95
C TYR B 504 25.49 -7.62 18.88
N ILE B 505 25.12 -8.91 18.82
CA ILE B 505 25.72 -9.89 19.71
C ILE B 505 27.00 -10.50 19.18
N LEU B 506 27.42 -10.12 17.97
CA LEU B 506 28.66 -10.65 17.41
C LEU B 506 29.87 -10.26 18.24
N LYS B 507 29.91 -9.01 18.71
CA LYS B 507 31.06 -8.51 19.44
C LYS B 507 31.12 -9.04 20.88
N PRO B 508 30.07 -8.89 21.69
CA PRO B 508 30.20 -9.35 23.09
C PRO B 508 30.19 -10.86 23.23
N GLY B 545 15.12 -18.73 14.81
CA GLY B 545 14.89 -18.07 16.09
C GLY B 545 13.59 -18.49 16.75
N SER B 546 12.64 -17.56 16.81
CA SER B 546 11.34 -17.84 17.40
C SER B 546 10.38 -18.54 16.44
N CYS B 547 10.84 -18.90 15.25
CA CYS B 547 10.02 -19.54 14.24
C CYS B 547 10.20 -21.06 14.22
N PHE B 548 10.40 -21.69 15.38
CA PHE B 548 10.56 -23.14 15.42
C PHE B 548 9.29 -23.87 14.97
N TRP B 549 8.13 -23.22 15.14
CA TRP B 549 6.88 -23.82 14.66
C TRP B 549 6.95 -24.11 13.16
N ALA B 550 7.70 -23.31 12.42
CA ALA B 550 7.79 -23.51 10.96
C ALA B 550 8.33 -24.91 10.68
N GLU B 551 9.57 -25.17 11.06
CA GLU B 551 10.22 -26.49 10.78
C GLU B 551 9.43 -27.60 11.50
N VAL B 552 8.88 -27.30 12.68
CA VAL B 552 8.07 -28.32 13.36
C VAL B 552 6.93 -28.77 12.46
N GLU B 553 6.25 -27.81 11.82
CA GLU B 553 5.20 -28.17 10.85
C GLU B 553 5.81 -28.87 9.64
N GLU B 554 7.00 -28.43 9.22
CA GLU B 554 7.67 -29.07 8.09
C GLU B 554 7.97 -30.54 8.38
N LEU B 555 8.37 -30.84 9.62
CA LEU B 555 8.66 -32.23 9.99
C LEU B 555 7.41 -33.08 9.97
N LYS B 556 6.23 -32.47 10.13
CA LYS B 556 4.98 -33.23 10.14
C LYS B 556 4.82 -34.01 8.83
N GLY B 557 4.68 -35.32 8.96
CA GLY B 557 4.56 -36.20 7.81
C GLY B 557 5.90 -36.58 7.23
N LYS B 558 5.88 -37.70 6.49
CA LYS B 558 7.05 -38.27 5.83
C LYS B 558 8.20 -38.47 6.82
N PRO B 559 7.98 -39.17 7.92
CA PRO B 559 9.08 -39.45 8.85
C PRO B 559 10.16 -40.29 8.18
N TYR B 560 11.41 -40.02 8.52
CA TYR B 560 12.55 -40.71 7.94
C TYR B 560 13.76 -40.57 8.85
N GLU B 561 14.83 -41.27 8.49
CA GLU B 561 16.08 -41.18 9.25
C GLU B 561 16.65 -39.77 9.19
N GLU B 562 16.59 -39.12 8.02
CA GLU B 562 17.03 -37.73 7.92
C GLU B 562 16.15 -36.82 8.75
N VAL B 563 14.86 -37.14 8.86
CA VAL B 563 13.95 -36.34 9.67
C VAL B 563 14.33 -36.42 11.14
N GLU B 564 14.66 -37.63 11.63
CA GLU B 564 14.98 -37.78 13.04
C GLU B 564 16.30 -37.11 13.40
N VAL B 565 17.25 -37.05 12.46
CA VAL B 565 18.44 -36.23 12.68
C VAL B 565 18.06 -34.77 12.79
N ARG B 566 17.18 -34.30 11.90
CA ARG B 566 16.63 -32.97 12.04
C ARG B 566 15.88 -32.80 13.34
N VAL B 567 15.27 -33.89 13.86
CA VAL B 567 14.61 -33.82 15.16
C VAL B 567 15.63 -33.55 16.27
N LYS B 568 16.78 -34.23 16.22
CA LYS B 568 17.81 -34.00 17.23
C LYS B 568 18.37 -32.58 17.13
N THR B 569 18.62 -32.11 15.91
CA THR B 569 19.09 -30.74 15.72
C THR B 569 18.06 -29.74 16.24
N LEU B 570 16.79 -30.04 15.98
CA LEU B 570 15.70 -29.16 16.48
C LEU B 570 15.75 -29.14 18.01
N GLU B 571 15.89 -30.32 18.63
CA GLU B 571 15.89 -30.39 20.09
C GLU B 571 17.03 -29.55 20.65
N GLY B 572 18.22 -29.64 20.06
CA GLY B 572 19.32 -28.80 20.50
C GLY B 572 19.05 -27.33 20.31
N MET B 573 18.47 -26.97 19.16
CA MET B 573 18.16 -25.57 18.89
C MET B 573 17.09 -25.05 19.83
N LEU B 574 16.09 -25.88 20.16
CA LEU B 574 15.08 -25.49 21.13
C LEU B 574 15.69 -25.28 22.51
N GLY B 575 16.61 -26.15 22.91
CA GLY B 575 17.30 -25.95 24.18
C GLY B 575 18.06 -24.64 24.22
N GLU B 576 18.82 -24.35 23.17
CA GLU B 576 19.59 -23.11 23.15
C GLU B 576 18.69 -21.89 23.00
N TRP B 577 17.50 -22.08 22.40
CA TRP B 577 16.54 -20.99 22.28
C TRP B 577 15.91 -20.66 23.63
N ILE B 578 15.47 -21.68 24.37
CA ILE B 578 14.90 -21.43 25.68
C ILE B 578 15.96 -20.92 26.64
N THR B 579 17.23 -21.27 26.37
CA THR B 579 18.33 -20.61 27.08
C THR B 579 18.40 -19.13 26.71
N ASP B 580 18.27 -18.82 25.41
CA ASP B 580 18.31 -17.43 24.97
C ASP B 580 17.01 -16.69 25.27
N GLY B 581 15.87 -17.38 25.20
CA GLY B 581 14.58 -16.77 25.40
C GLY B 581 13.80 -16.46 24.15
N GLU B 582 14.27 -16.91 22.97
CA GLU B 582 13.51 -16.68 21.75
C GLU B 582 12.17 -17.39 21.80
N VAL B 583 12.13 -18.62 22.33
CA VAL B 583 10.91 -19.35 22.55
C VAL B 583 10.84 -19.72 24.03
N ASP B 584 9.63 -19.89 24.54
CA ASP B 584 9.42 -20.19 25.95
C ASP B 584 8.95 -21.62 26.11
N ASP B 585 9.70 -22.42 26.87
CA ASP B 585 9.49 -23.86 26.89
C ASP B 585 8.15 -24.24 27.51
N LYS B 586 7.74 -23.56 28.58
CA LYS B 586 6.55 -23.99 29.32
C LYS B 586 5.30 -23.89 28.48
N GLU B 587 5.18 -22.83 27.67
CA GLU B 587 4.01 -22.71 26.80
C GLU B 587 4.10 -23.68 25.62
N ILE B 588 5.28 -24.23 25.36
CA ILE B 588 5.45 -25.23 24.30
C ILE B 588 5.38 -26.65 24.84
N PHE B 589 5.76 -26.89 26.09
CA PHE B 589 5.79 -28.22 26.68
C PHE B 589 4.43 -28.64 27.22
N LEU B 590 3.36 -27.96 26.85
CA LEU B 590 2.03 -28.33 27.30
C LEU B 590 1.57 -29.62 26.63
N GLU B 591 0.62 -30.30 27.27
CA GLU B 591 0.08 -31.53 26.71
C GLU B 591 -0.66 -31.29 25.41
N GLY B 592 -1.39 -30.18 25.31
CA GLY B 592 -2.15 -29.85 24.13
C GLY B 592 -1.37 -29.20 23.00
N SER B 593 -0.07 -29.04 23.15
CA SER B 593 0.74 -28.42 22.10
C SER B 593 0.88 -29.35 20.91
N THR B 594 0.97 -28.75 19.71
CA THR B 594 1.17 -29.53 18.50
C THR B 594 2.52 -30.23 18.51
N PHE B 595 3.53 -29.57 19.08
CA PHE B 595 4.86 -30.21 19.22
C PHE B 595 4.68 -31.49 20.04
N ARG B 596 3.90 -31.40 21.12
CA ARG B 596 3.68 -32.58 21.96
C ARG B 596 3.07 -33.72 21.16
N LYS B 597 2.08 -33.42 20.32
CA LYS B 597 1.47 -34.45 19.49
C LYS B 597 2.48 -35.04 18.51
N TRP B 598 3.29 -34.19 17.88
CA TRP B 598 4.31 -34.69 16.97
C TRP B 598 5.31 -35.59 17.68
N TRP B 599 5.69 -35.20 18.90
CA TRP B 599 6.65 -36.03 19.68
C TRP B 599 5.98 -37.36 20.03
N ILE B 600 4.68 -37.34 20.34
CA ILE B 600 3.96 -38.58 20.60
C ILE B 600 4.01 -39.48 19.37
N THR B 601 3.82 -38.89 18.19
CA THR B 601 3.93 -39.67 16.95
C THR B 601 5.36 -40.14 16.71
N LEU B 602 6.34 -39.48 17.31
CA LEU B 602 7.73 -39.88 17.13
C LEU B 602 7.96 -41.26 17.75
N PRO B 603 8.79 -42.10 17.13
CA PRO B 603 9.06 -43.43 17.70
C PRO B 603 9.70 -43.34 19.07
N LYS B 604 9.45 -44.36 19.90
CA LYS B 604 9.87 -44.32 21.29
C LYS B 604 11.39 -44.35 21.45
N ASN B 605 12.12 -44.79 20.41
CA ASN B 605 13.57 -44.86 20.53
C ASN B 605 14.20 -43.47 20.55
N HIS B 606 13.78 -42.59 19.62
CA HIS B 606 14.24 -41.21 19.68
C HIS B 606 13.76 -40.51 20.94
N LYS B 607 12.59 -40.90 21.44
CA LYS B 607 12.12 -40.35 22.71
C LYS B 607 13.05 -40.74 23.85
N SER B 608 13.48 -41.99 23.88
CA SER B 608 14.44 -42.42 24.89
C SER B 608 15.77 -41.70 24.72
N HIS B 609 16.18 -41.44 23.48
CA HIS B 609 17.45 -40.78 23.24
C HIS B 609 17.42 -39.31 23.66
N SER B 610 16.26 -38.67 23.54
CA SER B 610 16.18 -37.23 23.73
C SER B 610 16.33 -36.88 25.22
N PRO B 611 16.87 -35.69 25.54
CA PRO B 611 17.00 -35.30 26.96
C PRO B 611 15.82 -34.50 27.51
N LEU B 612 14.89 -34.08 26.63
CA LEU B 612 13.78 -33.18 27.08
C LEU B 612 12.60 -33.96 27.65
N ARG B 613 12.81 -35.23 28.01
CA ARG B 613 11.70 -36.08 28.53
C ARG B 613 11.18 -35.48 29.83
N ASP B 614 12.07 -35.30 30.82
CA ASP B 614 11.65 -34.80 32.12
C ASP B 614 11.04 -33.41 31.99
N TYR B 615 11.58 -32.58 31.09
CA TYR B 615 11.04 -31.25 30.88
C TYR B 615 9.64 -31.31 30.26
N MET B 616 9.43 -32.24 29.32
CA MET B 616 8.12 -32.36 28.70
C MET B 616 7.07 -32.84 29.70
N MET B 617 7.38 -33.90 30.45
CA MET B 617 6.45 -34.50 31.40
C MET B 617 5.13 -34.89 30.74
N ARG C 5 12.81 18.47 -5.22
CA ARG C 5 12.71 19.91 -4.86
C ARG C 5 13.55 20.73 -5.84
N PHE C 6 13.75 20.22 -7.06
CA PHE C 6 14.59 20.92 -8.06
C PHE C 6 14.11 20.58 -9.48
N GLU C 7 14.14 21.55 -10.37
CA GLU C 7 13.76 21.34 -11.76
C GLU C 7 14.80 20.45 -12.43
N THR C 8 14.65 19.12 -12.29
CA THR C 8 15.71 18.19 -12.77
C THR C 8 15.83 18.14 -14.31
N SER C 9 14.95 18.81 -15.05
CA SER C 9 15.03 18.70 -16.51
C SER C 9 16.45 19.00 -16.99
N GLU C 10 17.04 20.08 -16.48
CA GLU C 10 18.42 20.41 -16.85
C GLU C 10 19.38 19.33 -16.38
N LEU C 11 19.16 18.79 -15.18
CA LEU C 11 20.02 17.73 -14.67
C LEU C 11 19.93 16.48 -15.54
N GLN C 12 18.71 16.12 -15.95
CA GLN C 12 18.54 14.98 -16.84
C GLN C 12 19.22 15.21 -18.19
N ALA C 13 19.09 16.43 -18.72
CA ALA C 13 19.76 16.75 -19.98
C ALA C 13 21.27 16.64 -19.85
N SER C 14 21.82 17.14 -18.73
CA SER C 14 23.26 17.03 -18.51
C SER C 14 23.69 15.58 -18.38
N VAL C 15 22.89 14.76 -17.70
CA VAL C 15 23.19 13.34 -17.55
C VAL C 15 23.24 12.67 -18.91
N MET C 16 22.24 12.96 -19.76
CA MET C 16 22.19 12.33 -21.08
C MET C 16 23.32 12.82 -21.97
N ILE C 17 23.73 14.08 -21.81
CA ILE C 17 24.81 14.63 -22.64
C ILE C 17 26.14 14.01 -22.22
N SER C 18 26.36 13.86 -20.92
CA SER C 18 27.64 13.35 -20.44
C SER C 18 27.83 11.89 -20.82
N THR C 19 26.75 11.23 -21.24
CA THR C 19 26.83 9.78 -21.60
C THR C 19 27.64 9.63 -22.89
N PRO C 20 28.61 8.68 -22.97
CA PRO C 20 29.36 8.46 -24.22
C PRO C 20 28.46 8.16 -25.41
N LEU C 21 27.30 7.54 -25.18
CA LEU C 21 26.40 7.22 -26.27
C LEU C 21 25.93 8.48 -27.00
N PHE C 22 25.90 9.63 -26.30
CA PHE C 22 25.48 10.87 -26.93
C PHE C 22 26.37 11.21 -28.12
N THR C 23 27.68 11.04 -27.96
CA THR C 23 28.62 11.27 -29.05
C THR C 23 28.71 10.07 -29.99
N ASP C 24 28.60 8.85 -29.45
CA ASP C 24 28.72 7.66 -30.29
C ASP C 24 27.59 7.60 -31.32
N SER C 25 26.37 7.92 -30.90
CA SER C 25 25.24 7.90 -31.82
C SER C 25 25.41 8.95 -32.92
N TRP C 26 25.90 10.13 -32.55
CA TRP C 26 26.14 11.17 -33.56
C TRP C 26 27.20 10.73 -34.55
N SER C 27 28.28 10.12 -34.07
CA SER C 27 29.33 9.64 -34.96
C SER C 27 28.79 8.55 -35.89
N SER C 28 28.00 7.63 -35.35
CA SER C 28 27.42 6.57 -36.16
C SER C 28 26.48 7.14 -37.22
N CYS C 29 25.67 8.13 -36.85
CA CYS C 29 24.76 8.75 -37.81
C CYS C 29 25.53 9.47 -38.91
N ASN C 30 26.60 10.18 -38.54
CA ASN C 30 27.41 10.85 -39.56
C ASN C 30 28.05 9.84 -40.50
N THR C 31 28.56 8.73 -39.95
CA THR C 31 29.16 7.69 -40.79
C THR C 31 28.13 7.09 -41.73
N ALA C 32 26.91 6.86 -41.23
CA ALA C 32 25.85 6.33 -42.08
C ALA C 32 25.48 7.32 -43.18
N ASN C 33 25.42 8.60 -42.85
CA ASN C 33 25.10 9.62 -43.85
C ASN C 33 26.17 9.65 -44.94
N CYS C 34 27.45 9.53 -44.55
CA CYS C 34 28.51 9.44 -45.54
C CYS C 34 28.38 8.18 -46.39
N ASN C 35 28.07 7.05 -45.75
CA ASN C 35 27.94 5.79 -46.49
C ASN C 35 26.71 5.79 -47.39
N GLY C 36 25.58 6.28 -46.88
CA GLY C 36 24.33 6.24 -47.63
C GLY C 36 23.57 4.94 -47.54
N SER C 37 24.02 3.99 -46.75
CA SER C 37 23.36 2.70 -46.59
C SER C 37 23.24 2.38 -45.10
N ILE C 38 22.50 1.29 -44.81
CA ILE C 38 22.33 0.87 -43.43
C ILE C 38 23.67 0.44 -42.86
N LYS C 39 24.03 1.02 -41.72
CA LYS C 39 25.32 0.77 -41.08
C LYS C 39 25.10 0.00 -39.79
N ILE C 40 25.74 -1.16 -39.67
CA ILE C 40 25.71 -1.98 -38.47
C ILE C 40 27.14 -2.12 -37.99
N HIS C 41 27.39 -1.72 -36.74
CA HIS C 41 28.73 -1.76 -36.17
C HIS C 41 28.62 -1.79 -34.65
N ASP C 42 29.73 -2.14 -34.00
CA ASP C 42 29.80 -2.24 -32.55
C ASP C 42 30.89 -1.30 -32.05
N ILE C 43 30.52 -0.35 -31.21
CA ILE C 43 31.45 0.60 -30.60
C ILE C 43 31.27 0.57 -29.09
N ALA C 44 32.37 0.35 -28.37
CA ALA C 44 32.38 0.35 -26.90
C ALA C 44 31.38 -0.66 -26.33
N GLY C 45 31.25 -1.80 -27.01
CA GLY C 45 30.37 -2.86 -26.57
C GLY C 45 28.91 -2.67 -26.92
N ILE C 46 28.56 -1.56 -27.57
CA ILE C 46 27.17 -1.27 -27.96
C ILE C 46 27.08 -1.29 -29.47
N THR C 47 26.02 -1.90 -29.99
CA THR C 47 25.76 -1.95 -31.42
C THR C 47 24.73 -0.89 -31.79
N TYR C 48 24.99 -0.20 -32.91
CA TYR C 48 24.13 0.89 -33.37
C TYR C 48 23.58 0.53 -34.73
N VAL C 49 22.25 0.61 -34.88
CA VAL C 49 21.59 0.41 -36.16
C VAL C 49 21.38 1.80 -36.76
N ALA C 50 22.18 2.13 -37.77
CA ALA C 50 22.20 3.46 -38.36
C ALA C 50 21.53 3.41 -39.73
N ILE C 51 20.27 3.83 -39.78
CA ILE C 51 19.49 3.85 -41.02
C ILE C 51 19.71 5.20 -41.68
N PRO C 52 20.17 5.25 -42.94
CA PRO C 52 20.36 6.53 -43.62
C PRO C 52 19.02 7.23 -43.85
N ALA C 53 19.03 8.55 -43.82
CA ALA C 53 17.83 9.33 -44.06
C ALA C 53 17.44 9.29 -45.53
N VAL C 54 16.14 9.25 -45.79
CA VAL C 54 15.59 9.28 -47.14
C VAL C 54 15.12 10.70 -47.41
N SER C 55 15.64 11.31 -48.48
CA SER C 55 15.32 12.69 -48.82
C SER C 55 13.83 12.85 -49.13
N MET C 56 13.36 12.18 -50.17
CA MET C 56 11.96 12.29 -50.56
C MET C 56 11.08 11.49 -49.60
N ILE C 57 10.02 12.13 -49.10
CA ILE C 57 9.10 11.49 -48.16
C ILE C 57 7.81 12.27 -48.17
N GLN C 58 6.68 11.56 -47.96
CA GLN C 58 5.35 12.17 -47.90
C GLN C 58 4.58 11.49 -46.77
N LEU C 59 4.69 12.06 -45.56
CA LEU C 59 4.04 11.51 -44.37
C LEU C 59 2.62 12.06 -44.27
N GLY C 60 1.79 11.66 -45.24
CA GLY C 60 0.42 12.16 -45.28
C GLY C 60 -0.41 11.70 -44.10
N ASN C 61 -0.33 10.42 -43.76
CA ASN C 61 -1.12 9.87 -42.66
C ASN C 61 -0.49 10.22 -41.32
N VAL C 67 -6.02 -5.43 -37.49
CA VAL C 67 -5.92 -4.20 -38.25
C VAL C 67 -4.82 -4.32 -39.30
N THR C 68 -3.56 -4.26 -38.85
CA THR C 68 -2.42 -4.37 -39.75
C THR C 68 -2.12 -5.84 -39.98
N GLY C 69 -2.43 -6.32 -41.19
CA GLY C 69 -2.17 -7.72 -41.51
C GLY C 69 -0.70 -8.06 -41.53
N ASP C 70 0.12 -7.17 -42.08
CA ASP C 70 1.56 -7.41 -42.20
C ASP C 70 2.31 -6.90 -40.97
N VAL C 71 2.05 -5.67 -40.56
CA VAL C 71 2.73 -5.10 -39.40
C VAL C 71 2.23 -5.78 -38.13
N LEU C 72 3.16 -6.25 -37.31
CA LEU C 72 2.85 -6.95 -36.06
C LEU C 72 3.14 -6.01 -34.90
N PHE C 73 2.14 -5.25 -34.48
CA PHE C 73 2.27 -4.31 -33.37
C PHE C 73 1.10 -4.49 -32.42
N PRO C 74 1.14 -5.47 -31.49
CA PRO C 74 0.07 -5.64 -30.51
C PRO C 74 -0.02 -4.43 -29.55
N GLY C 75 0.80 -3.41 -29.79
CA GLY C 75 0.81 -2.22 -28.91
C GLY C 75 0.03 -1.06 -29.51
N LEU C 76 -0.50 -1.23 -30.72
CA LEU C 76 -1.24 -0.13 -31.40
C LEU C 76 -2.50 0.22 -30.60
N SER C 77 -2.99 -0.72 -29.78
CA SER C 77 -4.22 -0.48 -28.99
C SER C 77 -5.40 -0.19 -29.93
N SER C 78 -5.79 -1.18 -30.74
CA SER C 78 -6.93 -1.00 -31.69
C SER C 78 -8.21 -0.71 -30.91
N ASP C 79 -8.29 -1.17 -29.66
CA ASP C 79 -9.48 -0.88 -28.82
C ASP C 79 -9.68 0.64 -28.77
N GLU C 80 -8.59 1.39 -28.57
CA GLU C 80 -8.68 2.87 -28.58
C GLU C 80 -8.60 3.33 -30.04
N PRO C 81 -9.06 4.56 -30.39
CA PRO C 81 -9.06 4.95 -31.80
C PRO C 81 -7.72 4.55 -32.42
N LEU C 82 -7.76 3.82 -33.55
CA LEU C 82 -6.51 3.32 -34.17
C LEU C 82 -5.51 4.47 -34.35
N PRO C 83 -4.23 4.32 -33.96
CA PRO C 83 -3.22 5.36 -34.16
C PRO C 83 -2.96 5.58 -35.66
N MET C 84 -3.04 6.83 -36.11
CA MET C 84 -2.83 7.15 -37.55
C MET C 84 -1.32 7.24 -37.82
N VAL C 85 -0.69 6.10 -38.14
CA VAL C 85 0.73 6.11 -38.46
C VAL C 85 0.87 6.50 -39.92
N ASP C 86 1.87 7.35 -40.21
CA ASP C 86 2.04 7.87 -41.56
C ASP C 86 2.25 6.74 -42.56
N ALA C 87 1.72 6.91 -43.77
CA ALA C 87 1.90 5.90 -44.80
C ALA C 87 3.37 5.78 -45.21
N ALA C 88 4.07 6.92 -45.28
CA ALA C 88 5.44 6.91 -45.75
C ALA C 88 6.36 6.11 -44.84
N ILE C 89 6.22 6.28 -43.52
CA ILE C 89 7.14 5.62 -42.59
C ILE C 89 6.96 4.10 -42.64
N LEU C 90 5.71 3.63 -42.65
CA LEU C 90 5.49 2.18 -42.68
C LEU C 90 5.83 1.59 -44.04
N LYS C 91 5.54 2.32 -45.12
CA LYS C 91 5.88 1.82 -46.46
C LYS C 91 7.39 1.75 -46.62
N LEU C 92 8.13 2.69 -46.03
CA LEU C 92 9.58 2.61 -46.03
C LEU C 92 10.06 1.42 -45.21
N PHE C 93 9.56 1.29 -43.98
CA PHE C 93 9.95 0.18 -43.13
C PHE C 93 9.72 -1.16 -43.82
N LEU C 94 8.67 -1.24 -44.64
CA LEU C 94 8.42 -2.46 -45.40
C LEU C 94 9.39 -2.60 -46.58
N GLN C 95 9.66 -1.49 -47.28
CA GLN C 95 10.35 -1.61 -48.56
C GLN C 95 11.87 -1.74 -48.41
N LEU C 96 12.46 -1.09 -47.39
CA LEU C 96 13.89 -1.31 -47.15
C LEU C 96 14.18 -2.73 -46.67
N LYS C 97 13.15 -3.47 -46.25
CA LYS C 97 13.29 -4.86 -45.81
C LYS C 97 14.31 -5.00 -44.69
N ILE C 98 14.30 -4.06 -43.75
CA ILE C 98 15.28 -4.08 -42.66
C ILE C 98 14.96 -5.18 -41.67
N LYS C 99 13.79 -5.81 -41.78
CA LYS C 99 13.40 -6.86 -40.84
C LYS C 99 14.35 -8.06 -40.90
N GLU C 100 14.58 -8.58 -42.11
CA GLU C 100 15.51 -9.70 -42.26
C GLU C 100 16.90 -9.30 -41.78
N GLY C 101 17.29 -8.05 -42.08
CA GLY C 101 18.61 -7.59 -41.67
C GLY C 101 18.79 -7.59 -40.16
N LEU C 102 17.82 -7.03 -39.43
CA LEU C 102 18.01 -6.97 -37.98
C LEU C 102 17.86 -8.36 -37.36
N GLU C 103 16.99 -9.21 -37.93
CA GLU C 103 16.88 -10.57 -37.41
C GLU C 103 18.18 -11.35 -37.61
N LEU C 104 18.89 -11.14 -38.72
CA LEU C 104 20.18 -11.78 -38.87
C LEU C 104 21.30 -11.02 -38.16
N GLU C 105 21.01 -9.82 -37.64
CA GLU C 105 21.99 -9.06 -36.88
C GLU C 105 21.73 -9.09 -35.37
N LEU C 106 20.50 -9.36 -34.94
CA LEU C 106 20.21 -9.38 -33.50
C LEU C 106 20.76 -10.61 -32.81
N LEU C 107 21.27 -11.59 -33.56
CA LEU C 107 21.73 -12.84 -32.97
C LEU C 107 22.88 -12.60 -32.00
N GLY C 108 22.68 -13.02 -30.75
CA GLY C 108 23.72 -12.91 -29.74
C GLY C 108 24.08 -11.50 -29.36
N LYS C 109 23.10 -10.59 -29.31
CA LYS C 109 23.31 -9.22 -28.90
C LYS C 109 22.48 -8.92 -27.67
N LYS C 110 23.03 -8.11 -26.77
CA LYS C 110 22.36 -7.77 -25.52
C LYS C 110 21.97 -6.30 -25.41
N LEU C 111 22.78 -5.39 -25.93
CA LEU C 111 22.47 -3.96 -25.91
C LEU C 111 22.59 -3.39 -27.32
N VAL C 112 21.57 -2.65 -27.74
CA VAL C 112 21.56 -2.00 -29.04
C VAL C 112 20.97 -0.60 -28.88
N VAL C 113 21.54 0.35 -29.61
CA VAL C 113 21.10 1.74 -29.58
C VAL C 113 20.81 2.15 -31.01
N ILE C 114 19.52 2.22 -31.37
CA ILE C 114 19.14 2.58 -32.73
C ILE C 114 19.38 4.07 -32.93
N THR C 115 19.97 4.43 -34.07
CA THR C 115 20.32 5.80 -34.38
C THR C 115 19.69 6.22 -35.70
N GLY C 116 19.42 7.52 -35.84
CA GLY C 116 18.84 8.04 -37.06
C GLY C 116 18.84 9.55 -37.05
N HIS C 117 18.47 10.12 -38.19
CA HIS C 117 18.43 11.56 -38.38
C HIS C 117 17.31 11.92 -39.35
N SER C 118 16.43 12.82 -38.91
CA SER C 118 15.27 13.30 -39.71
C SER C 118 14.47 12.09 -40.16
N THR C 119 14.33 11.83 -41.47
CA THR C 119 13.59 10.66 -41.91
C THR C 119 14.26 9.38 -41.46
N GLY C 120 15.59 9.36 -41.41
CA GLY C 120 16.29 8.24 -40.81
C GLY C 120 15.94 8.06 -39.34
N GLY C 121 15.78 9.18 -38.63
CA GLY C 121 15.37 9.09 -37.23
C GLY C 121 13.97 8.54 -37.08
N ALA C 122 13.05 8.95 -37.96
CA ALA C 122 11.71 8.39 -37.95
C ALA C 122 11.74 6.90 -38.26
N LEU C 123 12.59 6.49 -39.21
CA LEU C 123 12.75 5.07 -39.52
C LEU C 123 13.23 4.31 -38.29
N ALA C 124 14.23 4.86 -37.59
CA ALA C 124 14.75 4.21 -36.39
C ALA C 124 13.68 4.11 -35.31
N ALA C 125 12.91 5.19 -35.11
CA ALA C 125 11.87 5.18 -34.09
C ALA C 125 10.80 4.14 -34.40
N PHE C 126 10.37 4.08 -35.66
CA PHE C 126 9.35 3.09 -36.04
C PHE C 126 9.88 1.67 -35.91
N THR C 127 11.15 1.45 -36.31
CA THR C 127 11.74 0.13 -36.19
C THR C 127 11.81 -0.31 -34.72
N ALA C 128 12.24 0.60 -33.85
CA ALA C 128 12.28 0.28 -32.42
C ALA C 128 10.88 0.00 -31.89
N LEU C 129 9.92 0.84 -32.26
CA LEU C 129 8.54 0.65 -31.78
C LEU C 129 8.02 -0.71 -32.19
N TRP C 130 8.32 -1.14 -33.43
CA TRP C 130 7.95 -2.48 -33.85
C TRP C 130 8.69 -3.54 -33.03
N LEU C 131 9.95 -3.25 -32.67
CA LEU C 131 10.73 -4.23 -31.91
C LEU C 131 10.12 -4.50 -30.54
N LEU C 132 9.87 -3.43 -29.76
CA LEU C 132 9.29 -3.66 -28.43
C LEU C 132 7.82 -4.09 -28.52
N SER C 133 7.06 -3.53 -29.47
CA SER C 133 5.64 -3.89 -29.60
C SER C 133 5.54 -5.28 -30.22
N GLN C 134 5.75 -6.29 -29.37
CA GLN C 134 5.68 -7.69 -29.77
C GLN C 134 5.07 -8.50 -28.63
N SER C 135 4.64 -9.72 -28.97
CA SER C 135 4.10 -10.61 -27.94
C SER C 135 5.16 -10.94 -26.89
N SER C 136 6.40 -11.20 -27.33
CA SER C 136 7.51 -11.41 -26.42
C SER C 136 8.48 -10.25 -26.55
N PRO C 137 8.88 -9.61 -25.46
CA PRO C 137 9.81 -8.48 -25.57
C PRO C 137 11.18 -8.94 -26.02
N PRO C 138 11.90 -8.12 -26.78
CA PRO C 138 13.23 -8.52 -27.24
C PRO C 138 14.18 -8.71 -26.08
N SER C 139 15.02 -9.74 -26.18
CA SER C 139 16.03 -9.98 -25.15
C SER C 139 17.04 -8.83 -25.10
N PHE C 140 17.45 -8.34 -26.27
CA PHE C 140 18.38 -7.22 -26.33
C PHE C 140 17.68 -5.93 -25.93
N ARG C 141 18.32 -5.15 -25.06
CA ARG C 141 17.76 -3.87 -24.66
C ARG C 141 17.87 -2.87 -25.81
N VAL C 142 16.77 -2.16 -26.07
CA VAL C 142 16.66 -1.27 -27.23
C VAL C 142 16.56 0.16 -26.75
N PHE C 143 17.32 1.05 -27.38
CA PHE C 143 17.29 2.47 -27.10
C PHE C 143 17.26 3.26 -28.41
N CYS C 144 16.69 4.45 -28.35
CA CYS C 144 16.58 5.33 -29.51
C CYS C 144 17.27 6.65 -29.20
N ILE C 145 18.14 7.09 -30.12
CA ILE C 145 18.87 8.34 -29.96
C ILE C 145 18.65 9.22 -31.18
N THR C 146 17.49 9.05 -31.83
CA THR C 146 17.20 9.79 -33.05
C THR C 146 17.10 11.29 -32.77
N PHE C 147 17.71 12.07 -33.66
CA PHE C 147 17.67 13.54 -33.53
C PHE C 147 17.20 14.14 -34.85
N GLY C 148 16.35 15.17 -34.77
CA GLY C 148 15.80 15.80 -35.95
C GLY C 148 14.65 15.06 -36.61
N SER C 149 14.20 13.96 -36.03
CA SER C 149 13.13 13.17 -36.64
C SER C 149 11.84 13.98 -36.65
N PRO C 150 10.98 13.77 -37.65
CA PRO C 150 9.70 14.50 -37.69
C PRO C 150 8.79 14.11 -36.54
N LEU C 151 7.82 14.99 -36.27
CA LEU C 151 6.89 14.83 -35.17
C LEU C 151 5.80 13.79 -35.47
N LEU C 152 5.96 13.01 -36.53
CA LEU C 152 4.92 12.09 -36.97
C LEU C 152 4.51 11.13 -35.85
N GLY C 153 3.20 10.91 -35.74
CA GLY C 153 2.67 10.08 -34.68
C GLY C 153 1.18 10.30 -34.55
N ASN C 154 0.66 9.92 -33.38
CA ASN C 154 -0.75 10.10 -33.08
C ASN C 154 -0.93 10.12 -31.57
N GLN C 155 -2.03 10.73 -31.13
CA GLN C 155 -2.36 10.72 -29.71
C GLN C 155 -2.59 9.31 -29.21
N SER C 156 -3.29 8.49 -30.01
CA SER C 156 -3.52 7.11 -29.61
C SER C 156 -2.21 6.33 -29.51
N LEU C 157 -1.33 6.50 -30.50
CA LEU C 157 -0.04 5.82 -30.46
C LEU C 157 0.81 6.29 -29.28
N SER C 158 0.81 7.61 -29.03
CA SER C 158 1.57 8.14 -27.92
C SER C 158 1.07 7.59 -26.59
N THR C 159 -0.26 7.54 -26.41
CA THR C 159 -0.81 7.04 -25.17
C THR C 159 -0.60 5.53 -25.06
N SER C 160 -0.57 4.82 -26.19
CA SER C 160 -0.28 3.40 -26.18
C SER C 160 1.14 3.14 -25.69
N ILE C 161 2.09 3.94 -26.19
CA ILE C 161 3.46 3.83 -25.69
C ILE C 161 3.52 4.23 -24.21
N SER C 162 2.69 5.20 -23.82
CA SER C 162 2.67 5.64 -22.43
C SER C 162 2.24 4.51 -21.49
N ARG C 163 1.10 3.88 -21.79
CA ARG C 163 0.65 2.78 -20.92
C ARG C 163 1.55 1.55 -21.08
N SER C 164 2.21 1.42 -22.23
CA SER C 164 3.16 0.34 -22.43
C SER C 164 4.46 0.55 -21.64
N ARG C 165 4.65 1.73 -21.06
CA ARG C 165 5.87 2.06 -20.31
C ARG C 165 7.12 1.90 -21.17
N LEU C 166 7.02 2.31 -22.44
CA LEU C 166 8.16 2.32 -23.35
C LEU C 166 8.54 3.72 -23.80
N ALA C 167 7.93 4.77 -23.25
CA ALA C 167 8.27 6.13 -23.65
C ALA C 167 9.68 6.49 -23.22
N HIS C 168 10.13 5.97 -22.08
CA HIS C 168 11.46 6.30 -21.58
C HIS C 168 12.55 5.79 -22.52
N ASN C 169 12.27 4.71 -23.24
CA ASN C 169 13.26 4.14 -24.16
C ASN C 169 13.49 5.03 -25.37
N PHE C 170 12.63 6.01 -25.61
CA PHE C 170 12.75 6.89 -26.76
C PHE C 170 13.32 8.21 -26.26
N CYS C 171 14.49 8.58 -26.76
CA CYS C 171 15.12 9.86 -26.46
C CYS C 171 15.43 10.58 -27.76
N HIS C 172 15.00 11.83 -27.86
CA HIS C 172 15.17 12.63 -29.07
C HIS C 172 15.74 13.99 -28.69
N VAL C 173 16.67 14.48 -29.52
CA VAL C 173 17.28 15.80 -29.33
C VAL C 173 16.88 16.68 -30.49
N VAL C 174 16.29 17.83 -30.17
CA VAL C 174 15.86 18.79 -31.18
C VAL C 174 16.46 20.15 -30.86
N SER C 175 16.94 20.83 -31.89
CA SER C 175 17.53 22.16 -31.73
C SER C 175 16.43 23.20 -31.57
N ILE C 176 16.82 24.35 -31.00
CA ILE C 176 15.89 25.46 -30.83
C ILE C 176 15.48 26.10 -32.15
N HIS C 177 16.25 25.88 -33.21
CA HIS C 177 15.96 26.46 -34.52
C HIS C 177 15.50 25.42 -35.53
N ASP C 178 15.28 24.17 -35.09
CA ASP C 178 14.87 23.12 -36.00
C ASP C 178 13.38 23.24 -36.32
N LEU C 179 13.04 23.16 -37.60
CA LEU C 179 11.66 23.30 -38.05
C LEU C 179 11.03 21.99 -38.50
N VAL C 180 11.85 21.00 -38.87
CA VAL C 180 11.36 19.72 -39.39
C VAL C 180 10.39 19.07 -38.40
N PRO C 181 10.71 18.97 -37.11
CA PRO C 181 9.68 18.45 -36.18
C PRO C 181 8.56 19.45 -35.92
N ARG C 182 8.88 20.74 -35.90
CA ARG C 182 7.85 21.75 -35.63
C ARG C 182 6.83 21.82 -36.75
N SER C 183 7.28 21.67 -38.00
CA SER C 183 6.38 21.71 -39.16
C SER C 183 5.67 20.37 -39.31
N SER C 184 4.64 20.19 -38.48
CA SER C 184 3.85 18.97 -38.49
C SER C 184 2.42 19.30 -38.10
N ASN C 185 1.49 18.42 -38.49
CA ASN C 185 0.08 18.61 -38.19
C ASN C 185 -0.21 18.26 -36.73
N GLU C 186 -1.33 18.79 -36.24
CA GLU C 186 -1.75 18.50 -34.87
C GLU C 186 -2.11 17.03 -34.70
N GLN C 187 -2.44 16.34 -35.79
CA GLN C 187 -2.72 14.91 -35.71
C GLN C 187 -1.49 14.11 -35.33
N PHE C 188 -0.30 14.68 -35.47
CA PHE C 188 0.95 14.02 -35.08
C PHE C 188 1.27 14.42 -33.64
N TRP C 189 1.08 13.48 -32.71
CA TRP C 189 1.31 13.77 -31.31
C TRP C 189 2.63 13.18 -30.83
N PRO C 190 3.43 13.92 -30.08
CA PRO C 190 4.73 13.42 -29.65
C PRO C 190 4.59 12.32 -28.59
N PHE C 191 5.64 11.52 -28.49
CA PHE C 191 5.76 10.51 -27.45
C PHE C 191 7.22 10.31 -27.11
N GLY C 192 7.48 9.77 -25.92
CA GLY C 192 8.83 9.62 -25.45
C GLY C 192 9.37 10.89 -24.83
N THR C 193 10.70 10.93 -24.70
CA THR C 193 11.39 12.08 -24.14
C THR C 193 11.93 12.95 -25.27
N TYR C 194 11.52 14.22 -25.29
CA TYR C 194 11.99 15.18 -26.27
C TYR C 194 12.81 16.23 -25.53
N LEU C 195 14.03 16.48 -26.01
CA LEU C 195 14.93 17.43 -25.38
C LEU C 195 15.19 18.58 -26.35
N PHE C 196 15.03 19.80 -25.85
CA PHE C 196 15.20 21.00 -26.67
C PHE C 196 16.60 21.56 -26.44
N CYS C 197 17.57 21.00 -27.15
CA CYS C 197 18.95 21.44 -27.00
C CYS C 197 19.16 22.81 -27.63
N SER C 198 19.97 23.63 -26.98
CA SER C 198 20.33 24.95 -27.47
C SER C 198 21.83 25.12 -27.40
N ASP C 199 22.30 26.27 -27.89
CA ASP C 199 23.74 26.56 -27.87
C ASP C 199 24.26 26.65 -26.43
N LYS C 200 23.52 27.31 -25.55
CA LYS C 200 23.95 27.46 -24.17
C LYS C 200 23.74 26.18 -23.37
N GLY C 201 22.65 25.47 -23.62
CA GLY C 201 22.38 24.23 -22.90
C GLY C 201 21.10 23.61 -23.39
N GLY C 202 20.82 22.41 -22.88
CA GLY C 202 19.65 21.67 -23.27
C GLY C 202 18.69 21.39 -22.13
N VAL C 203 17.39 21.27 -22.43
CA VAL C 203 16.36 20.99 -21.44
C VAL C 203 15.55 19.80 -21.92
N CYS C 204 15.32 18.85 -21.02
CA CYS C 204 14.53 17.66 -21.34
C CYS C 204 13.08 17.83 -20.92
N LEU C 205 12.18 17.45 -21.81
CA LEU C 205 10.74 17.55 -21.57
C LEU C 205 10.11 16.19 -21.83
N ASP C 206 9.56 15.56 -20.78
CA ASP C 206 8.96 14.25 -20.90
C ASP C 206 7.46 14.32 -21.16
N ASN C 207 6.78 15.30 -20.58
CA ASN C 207 5.34 15.44 -20.75
C ASN C 207 5.01 15.82 -22.19
N ALA C 208 4.03 15.12 -22.77
CA ALA C 208 3.62 15.41 -24.14
C ALA C 208 3.04 16.81 -24.25
N GLY C 209 2.24 17.22 -23.27
CA GLY C 209 1.68 18.57 -23.30
C GLY C 209 2.75 19.64 -23.21
N SER C 210 3.75 19.42 -22.35
CA SER C 210 4.85 20.38 -22.26
C SER C 210 5.62 20.48 -23.57
N VAL C 211 5.85 19.34 -24.23
CA VAL C 211 6.53 19.35 -25.51
C VAL C 211 5.70 20.09 -26.54
N ARG C 212 4.39 19.87 -26.56
CA ARG C 212 3.52 20.56 -27.50
C ARG C 212 3.54 22.07 -27.25
N LEU C 213 3.51 22.48 -25.98
CA LEU C 213 3.57 23.90 -25.66
C LEU C 213 4.90 24.52 -26.09
N MET C 214 6.00 23.80 -25.87
CA MET C 214 7.30 24.28 -26.32
C MET C 214 7.35 24.40 -27.85
N PHE C 215 6.78 23.42 -28.55
CA PHE C 215 6.72 23.50 -30.00
C PHE C 215 5.91 24.71 -30.45
N ASN C 216 4.79 24.96 -29.79
CA ASN C 216 3.95 26.11 -30.15
C ASN C 216 4.69 27.43 -29.92
N ILE C 217 5.35 27.55 -28.77
CA ILE C 217 6.04 28.81 -28.47
C ILE C 217 7.23 29.00 -29.40
N LEU C 218 7.87 27.90 -29.82
CA LEU C 218 8.94 28.01 -30.80
C LEU C 218 8.39 28.42 -32.17
N ASN C 219 7.21 27.92 -32.52
CA ASN C 219 6.56 28.33 -33.76
C ASN C 219 6.24 29.82 -33.74
N THR C 220 5.74 30.31 -32.61
CA THR C 220 5.54 31.75 -32.47
C THR C 220 6.86 32.51 -32.49
N THR C 221 7.92 31.89 -31.99
CA THR C 221 9.24 32.50 -32.03
C THR C 221 9.78 32.53 -33.46
N ALA C 222 10.55 33.57 -33.77
CA ALA C 222 11.11 33.74 -35.11
C ALA C 222 12.49 33.10 -35.17
N THR C 223 12.48 31.78 -35.39
CA THR C 223 13.70 31.00 -35.54
C THR C 223 13.92 30.73 -37.02
N GLN C 224 15.08 31.15 -37.53
CA GLN C 224 15.40 31.06 -38.97
C GLN C 224 16.78 30.44 -39.12
N ASN C 225 16.82 29.12 -39.28
CA ASN C 225 18.07 28.39 -39.53
C ASN C 225 17.74 27.23 -40.48
N THR C 226 18.00 27.45 -41.78
CA THR C 226 17.66 26.44 -42.77
C THR C 226 18.59 25.25 -42.71
N GLU C 227 19.90 25.49 -42.60
CA GLU C 227 20.90 24.42 -42.59
C GLU C 227 20.99 23.84 -41.19
N GLU C 228 20.06 22.94 -40.88
CA GLU C 228 19.95 22.39 -39.54
C GLU C 228 21.02 21.34 -39.25
N HIS C 229 21.59 20.71 -40.28
CA HIS C 229 22.58 19.67 -40.06
C HIS C 229 23.84 20.22 -39.42
N GLN C 230 24.34 21.35 -39.92
CA GLN C 230 25.53 21.96 -39.33
C GLN C 230 25.23 22.47 -37.93
N ARG C 231 24.01 22.97 -37.69
CA ARG C 231 23.63 23.37 -36.35
C ARG C 231 23.65 22.18 -35.39
N TYR C 232 23.15 21.03 -35.85
CA TYR C 232 23.18 19.82 -35.02
C TYR C 232 24.62 19.41 -34.72
N GLY C 233 25.48 19.46 -35.73
CA GLY C 233 26.88 19.10 -35.52
C GLY C 233 27.57 20.01 -34.52
N HIS C 234 27.38 21.31 -34.68
CA HIS C 234 27.97 22.27 -33.74
C HIS C 234 27.40 22.07 -32.34
N TYR C 235 26.10 21.78 -32.24
CA TYR C 235 25.46 21.59 -30.96
C TYR C 235 26.00 20.36 -30.24
N VAL C 236 26.12 19.24 -30.96
CA VAL C 236 26.64 18.03 -30.31
C VAL C 236 28.08 18.23 -29.90
N PHE C 237 28.87 18.93 -30.74
CA PHE C 237 30.26 19.22 -30.38
C PHE C 237 30.34 20.03 -29.09
N THR C 238 29.60 21.14 -29.03
CA THR C 238 29.72 22.05 -27.89
C THR C 238 29.13 21.41 -26.63
N LEU C 239 28.10 20.58 -26.78
CA LEU C 239 27.53 19.90 -25.62
C LEU C 239 28.47 18.82 -25.10
N SER C 240 29.14 18.12 -26.01
CA SER C 240 30.12 17.09 -25.59
C SER C 240 31.28 17.76 -24.88
N HIS C 241 31.70 18.94 -25.36
CA HIS C 241 32.82 19.65 -24.77
C HIS C 241 32.40 20.74 -23.81
N MET C 242 31.16 20.70 -23.30
CA MET C 242 30.71 21.74 -22.39
C MET C 242 31.14 21.46 -20.95
N PHE C 243 31.27 20.18 -20.59
CA PHE C 243 31.56 19.83 -19.21
C PHE C 243 32.95 20.31 -18.80
N LEU C 244 33.85 20.50 -19.76
CA LEU C 244 35.20 20.93 -19.45
C LEU C 244 35.22 22.34 -18.86
N LYS C 245 34.44 23.24 -19.44
CA LYS C 245 34.44 24.65 -19.04
C LYS C 245 33.13 24.99 -18.35
N SER C 246 33.22 25.53 -17.14
CA SER C 246 32.06 25.99 -16.40
C SER C 246 31.86 27.49 -16.58
N ARG C 247 30.73 27.98 -16.08
CA ARG C 247 30.39 29.40 -16.16
C ARG C 247 29.89 29.86 -14.80
N SER C 248 29.65 31.18 -14.71
CA SER C 248 29.13 31.74 -13.46
C SER C 248 27.74 31.20 -13.17
N PHE C 249 26.88 31.10 -14.19
CA PHE C 249 25.51 30.60 -14.04
C PHE C 249 24.74 31.40 -12.99
N LEU C 250 25.00 32.71 -12.95
CA LEU C 250 24.33 33.57 -11.99
C LEU C 250 22.86 33.80 -12.36
N GLY C 251 22.52 33.77 -13.65
CA GLY C 251 21.15 34.00 -14.05
C GLY C 251 20.63 35.38 -13.68
N GLY C 252 21.47 36.40 -13.82
CA GLY C 252 21.08 37.74 -13.40
C GLY C 252 20.80 37.79 -11.91
N SER C 253 19.63 38.32 -11.55
CA SER C 253 19.22 38.36 -10.15
C SER C 253 18.75 36.97 -9.72
N ILE C 254 19.61 36.24 -9.01
CA ILE C 254 19.32 34.87 -8.60
C ILE C 254 18.21 34.88 -7.56
N PRO C 255 17.10 34.19 -7.80
CA PRO C 255 16.04 34.10 -6.79
C PRO C 255 16.47 33.22 -5.63
N ASP C 256 16.04 33.60 -4.43
CA ASP C 256 16.34 32.80 -3.24
C ASP C 256 15.66 31.44 -3.30
N ASN C 257 14.42 31.40 -3.79
CA ASN C 257 13.69 30.15 -3.91
C ASN C 257 14.39 29.21 -4.88
N SER C 258 14.51 27.94 -4.46
CA SER C 258 15.19 26.95 -5.29
C SER C 258 14.46 26.72 -6.60
N TYR C 259 13.12 26.67 -6.55
CA TYR C 259 12.35 26.41 -7.76
C TYR C 259 12.54 27.53 -8.79
N GLN C 260 12.37 28.78 -8.35
CA GLN C 260 12.51 29.91 -9.27
C GLN C 260 13.93 30.01 -9.80
N ALA C 261 14.93 29.78 -8.95
CA ALA C 261 16.31 29.84 -9.41
C ALA C 261 16.60 28.77 -10.44
N GLY C 262 16.12 27.54 -10.20
CA GLY C 262 16.32 26.47 -11.16
C GLY C 262 15.62 26.75 -12.48
N VAL C 263 14.40 27.28 -12.43
CA VAL C 263 13.67 27.58 -13.65
C VAL C 263 14.38 28.67 -14.44
N ALA C 264 14.85 29.71 -13.74
CA ALA C 264 15.59 30.78 -14.42
C ALA C 264 16.88 30.26 -15.04
N LEU C 265 17.56 29.36 -14.32
CA LEU C 265 18.80 28.75 -14.87
C LEU C 265 18.45 27.99 -16.15
N ALA C 266 17.37 27.21 -16.11
CA ALA C 266 16.96 26.45 -17.30
C ALA C 266 16.65 27.38 -18.46
N VAL C 267 15.94 28.48 -18.18
CA VAL C 267 15.62 29.44 -19.24
C VAL C 267 16.89 30.03 -19.84
N GLU C 268 17.85 30.38 -18.99
CA GLU C 268 19.13 30.88 -19.49
C GLU C 268 19.85 29.80 -20.29
N ALA C 269 19.75 28.54 -19.87
CA ALA C 269 20.41 27.45 -20.58
C ALA C 269 19.84 27.26 -21.97
N LEU C 270 18.53 27.42 -22.13
CA LEU C 270 17.93 27.26 -23.44
C LEU C 270 18.05 28.49 -24.31
N GLY C 271 18.64 29.57 -23.80
CA GLY C 271 18.93 30.74 -24.62
C GLY C 271 18.07 31.94 -24.32
N PHE C 272 16.82 31.71 -23.94
CA PHE C 272 15.90 32.81 -23.68
C PHE C 272 16.32 33.58 -22.42
N SER C 273 16.16 34.90 -22.45
CA SER C 273 16.49 35.72 -21.30
C SER C 273 15.47 35.51 -20.19
N ASN C 274 15.92 35.71 -18.95
CA ASN C 274 15.02 35.56 -17.80
C ASN C 274 13.90 36.60 -17.83
N ASP C 275 14.21 37.83 -18.21
CA ASP C 275 13.24 38.91 -18.26
C ASP C 275 12.55 39.04 -19.61
N ASP C 276 12.90 38.19 -20.58
CA ASP C 276 12.24 38.20 -21.87
C ASP C 276 10.79 37.75 -21.73
N THR C 277 9.92 38.36 -22.53
CA THR C 277 8.50 37.99 -22.50
C THR C 277 8.32 36.52 -22.87
N SER C 278 8.88 36.11 -24.01
CA SER C 278 8.93 34.69 -24.33
C SER C 278 9.76 33.92 -23.30
N GLY C 279 10.80 34.56 -22.76
CA GLY C 279 11.53 33.95 -21.66
C GLY C 279 10.67 33.77 -20.42
N VAL C 280 9.79 34.75 -20.13
CA VAL C 280 8.88 34.61 -19.01
C VAL C 280 7.88 33.48 -19.25
N LEU C 281 7.38 33.36 -20.49
CA LEU C 281 6.48 32.24 -20.81
C LEU C 281 7.18 30.90 -20.64
N VAL C 282 8.44 30.82 -21.08
CA VAL C 282 9.23 29.61 -20.90
C VAL C 282 9.43 29.32 -19.42
N LYS C 283 9.66 30.38 -18.62
CA LYS C 283 9.77 30.22 -17.18
C LYS C 283 8.50 29.62 -16.60
N GLU C 284 7.33 30.14 -17.03
CA GLU C 284 6.07 29.62 -16.53
C GLU C 284 5.86 28.16 -16.92
N CYS C 285 6.19 27.80 -18.16
CA CYS C 285 5.96 26.42 -18.59
C CYS C 285 6.92 25.46 -17.90
N ILE C 286 8.15 25.91 -17.62
CA ILE C 286 9.08 25.08 -16.85
C ILE C 286 8.59 24.91 -15.42
N GLU C 287 8.03 25.98 -14.84
CA GLU C 287 7.46 25.88 -13.50
C GLU C 287 6.31 24.87 -13.47
N THR C 288 5.46 24.90 -14.50
CA THR C 288 4.34 23.97 -14.57
C THR C 288 4.75 22.58 -15.05
N ALA C 289 5.98 22.41 -15.52
CA ALA C 289 6.40 21.12 -16.06
C ALA C 289 6.46 20.05 -14.98
N THR C 290 7.11 20.34 -13.87
CA THR C 290 7.27 19.37 -12.79
C THR C 290 6.04 19.41 -11.88
N ARG C 291 5.44 18.23 -11.68
CA ARG C 291 4.26 18.13 -10.84
C ARG C 291 4.67 18.09 -9.36
N ILE C 292 3.96 18.86 -8.54
CA ILE C 292 4.29 19.00 -7.13
C ILE C 292 3.33 18.12 -6.34
N VAL C 293 3.80 16.94 -5.94
CA VAL C 293 3.02 16.01 -5.13
C VAL C 293 3.91 15.47 -4.02
N ARG C 294 3.28 14.82 -3.05
CA ARG C 294 4.02 14.16 -1.98
C ARG C 294 4.89 13.05 -2.56
N ALA C 295 6.07 12.85 -1.97
CA ALA C 295 7.02 11.87 -2.45
C ALA C 295 6.42 10.48 -2.48
N PRO C 296 6.57 9.74 -3.58
CA PRO C 296 5.94 8.41 -3.68
C PRO C 296 6.39 7.43 -2.61
N ILE C 297 7.66 7.53 -2.17
CA ILE C 297 8.17 6.59 -1.17
C ILE C 297 7.41 6.75 0.14
N LEU C 298 7.16 7.99 0.55
CA LEU C 298 6.40 8.22 1.78
C LEU C 298 4.95 7.76 1.62
N ARG C 299 4.38 7.91 0.42
CA ARG C 299 3.01 7.51 0.16
C ARG C 299 2.86 6.00 0.20
N SER C 300 3.94 5.29 -0.16
CA SER C 300 3.95 3.82 -0.10
C SER C 300 3.76 3.35 1.34
N ALA C 301 4.43 4.02 2.28
CA ALA C 301 4.27 3.67 3.69
C ALA C 301 2.84 3.91 4.17
N GLU C 302 2.22 5.02 3.74
CA GLU C 302 0.84 5.28 4.14
C GLU C 302 -0.11 4.24 3.53
N LEU C 303 0.18 3.79 2.30
CA LEU C 303 -0.60 2.70 1.72
C LEU C 303 -0.43 1.42 2.52
N ALA C 304 0.79 1.16 3.00
CA ALA C 304 1.02 -0.01 3.85
C ALA C 304 0.19 0.09 5.13
N ASN C 305 0.17 1.28 5.74
CA ASN C 305 -0.64 1.47 6.94
C ASN C 305 -2.13 1.29 6.65
N GLU C 306 -2.60 1.81 5.51
CA GLU C 306 -4.00 1.63 5.14
C GLU C 306 -4.34 0.16 4.91
N LEU C 307 -3.42 -0.58 4.30
CA LEU C 307 -3.62 -2.02 4.11
C LEU C 307 -3.69 -2.73 5.46
N ALA C 308 -2.83 -2.33 6.39
CA ALA C 308 -2.88 -2.90 7.74
C ALA C 308 -4.20 -2.59 8.43
N SER C 309 -4.74 -1.39 8.19
CA SER C 309 -6.01 -1.01 8.80
C SER C 309 -7.18 -1.77 8.18
N VAL C 310 -7.10 -2.06 6.88
CA VAL C 310 -8.17 -2.79 6.20
C VAL C 310 -8.08 -4.29 6.48
N LEU C 311 -6.90 -4.79 6.85
CA LEU C 311 -6.71 -6.22 7.03
C LEU C 311 -7.68 -6.84 8.03
N PRO C 312 -7.98 -6.23 9.18
CA PRO C 312 -8.97 -6.86 10.08
C PRO C 312 -10.35 -7.05 9.46
N ALA C 313 -10.74 -6.20 8.51
CA ALA C 313 -12.00 -6.42 7.81
C ALA C 313 -11.95 -7.71 7.00
N ARG C 314 -10.82 -7.97 6.34
CA ARG C 314 -10.65 -9.24 5.65
C ARG C 314 -10.60 -10.40 6.64
N LEU C 315 -10.04 -10.17 7.82
CA LEU C 315 -10.09 -11.20 8.86
C LEU C 315 -11.53 -11.54 9.22
N GLU C 316 -12.38 -10.52 9.35
CA GLU C 316 -13.76 -10.75 9.74
C GLU C 316 -14.55 -11.40 8.61
N ILE C 317 -14.24 -11.06 7.35
CA ILE C 317 -14.93 -11.72 6.24
C ILE C 317 -14.51 -13.18 6.16
N GLN C 318 -13.22 -13.47 6.45
CA GLN C 318 -12.78 -14.86 6.51
C GLN C 318 -13.46 -15.61 7.65
N TRP C 319 -13.65 -14.94 8.80
CA TRP C 319 -14.36 -15.56 9.91
C TRP C 319 -15.80 -15.87 9.52
N TYR C 320 -16.45 -14.95 8.80
CA TYR C 320 -17.81 -15.20 8.31
C TYR C 320 -17.84 -16.39 7.38
N LYS C 321 -16.87 -16.48 6.48
CA LYS C 321 -16.82 -17.61 5.55
C LYS C 321 -16.64 -18.92 6.30
N ASP C 322 -15.77 -18.93 7.30
CA ASP C 322 -15.56 -20.14 8.10
C ASP C 322 -16.84 -20.53 8.85
N ARG C 323 -17.54 -19.54 9.41
CA ARG C 323 -18.78 -19.82 10.12
C ARG C 323 -19.84 -20.38 9.18
N CYS C 324 -19.92 -19.81 7.96
CA CYS C 324 -20.88 -20.31 6.98
C CYS C 324 -20.54 -21.74 6.56
N ASP C 325 -19.24 -22.04 6.42
CA ASP C 325 -18.83 -23.39 6.10
C ASP C 325 -19.18 -24.36 7.23
N ALA C 326 -19.04 -23.90 8.48
CA ALA C 326 -19.32 -24.77 9.62
C ALA C 326 -20.81 -24.94 9.86
N SER C 327 -21.65 -24.21 9.12
CA SER C 327 -23.10 -24.28 9.31
C SER C 327 -23.63 -25.67 9.00
N GLU C 328 -24.67 -26.09 9.72
CA GLU C 328 -25.24 -27.43 9.53
C GLU C 328 -25.99 -27.56 8.21
N GLU C 329 -26.44 -26.43 7.63
CA GLU C 329 -27.19 -26.50 6.39
C GLU C 329 -26.33 -26.99 5.24
N GLN C 330 -25.02 -26.73 5.29
CA GLN C 330 -24.08 -27.12 4.23
C GLN C 330 -24.50 -26.54 2.87
N LEU C 331 -25.05 -25.33 2.89
CA LEU C 331 -25.55 -24.71 1.63
C LEU C 331 -24.39 -24.12 0.82
N GLY C 332 -23.31 -23.71 1.48
CA GLY C 332 -22.18 -23.09 0.80
C GLY C 332 -22.20 -21.59 1.02
N TYR C 333 -21.03 -21.02 1.32
CA TYR C 333 -20.97 -19.60 1.66
C TYR C 333 -21.35 -18.73 0.47
N TYR C 334 -21.06 -19.20 -0.75
CA TYR C 334 -21.54 -18.48 -1.93
C TYR C 334 -23.06 -18.47 -1.98
N ASP C 335 -23.68 -19.63 -1.76
CA ASP C 335 -25.14 -19.71 -1.75
C ASP C 335 -25.73 -19.01 -0.53
N PHE C 336 -25.01 -19.07 0.61
CA PHE C 336 -25.46 -18.34 1.79
C PHE C 336 -25.50 -16.84 1.53
N PHE C 337 -24.47 -16.31 0.88
CA PHE C 337 -24.47 -14.88 0.55
C PHE C 337 -25.51 -14.57 -0.52
N LYS C 338 -25.73 -15.49 -1.47
CA LYS C 338 -26.78 -15.30 -2.46
C LYS C 338 -28.14 -15.21 -1.80
N ARG C 339 -28.37 -16.07 -0.80
CA ARG C 339 -29.65 -16.04 -0.05
C ARG C 339 -29.44 -15.24 1.23
N TYR C 340 -29.39 -13.91 1.12
CA TYR C 340 -29.09 -13.08 2.32
C TYR C 340 -30.35 -12.94 3.18
N SER C 341 -30.39 -13.64 4.31
CA SER C 341 -31.56 -13.53 5.23
C SER C 341 -31.05 -13.28 6.65
N LEU C 342 -29.75 -13.42 6.88
CA LEU C 342 -29.16 -13.18 8.23
C LEU C 342 -28.36 -11.88 8.21
N LYS C 343 -28.36 -11.14 9.32
CA LYS C 343 -27.62 -9.89 9.42
C LYS C 343 -26.13 -10.07 9.16
N ARG C 344 -25.63 -11.31 9.32
CA ARG C 344 -24.25 -11.60 8.99
C ARG C 344 -23.94 -11.25 7.55
N ASP C 345 -24.87 -11.55 6.64
CA ASP C 345 -24.68 -11.21 5.24
C ASP C 345 -24.59 -9.70 5.05
N PHE C 346 -25.43 -8.95 5.75
CA PHE C 346 -25.41 -7.49 5.64
C PHE C 346 -24.06 -6.93 6.08
N LYS C 347 -23.58 -7.38 7.24
CA LYS C 347 -22.33 -6.82 7.76
C LYS C 347 -21.13 -7.30 6.95
N VAL C 348 -21.20 -8.52 6.40
CA VAL C 348 -20.12 -8.99 5.55
C VAL C 348 -20.12 -8.24 4.22
N ASN C 349 -21.29 -7.81 3.76
CA ASN C 349 -21.36 -6.94 2.59
C ASN C 349 -20.72 -5.59 2.90
N MET C 350 -20.97 -5.07 4.12
CA MET C 350 -20.26 -3.89 4.59
C MET C 350 -18.75 -4.07 4.47
N SER C 351 -18.24 -5.18 5.01
CA SER C 351 -16.80 -5.42 5.00
C SER C 351 -16.26 -5.53 3.59
N ARG C 352 -16.97 -6.25 2.72
CA ARG C 352 -16.50 -6.42 1.35
C ARG C 352 -16.52 -5.10 0.58
N ILE C 353 -17.50 -4.24 0.85
CA ILE C 353 -17.55 -2.95 0.17
C ILE C 353 -16.41 -2.07 0.66
N ARG C 354 -16.05 -2.16 1.95
CA ARG C 354 -14.91 -1.43 2.45
C ARG C 354 -13.61 -1.88 1.78
N LEU C 355 -13.45 -3.21 1.66
CA LEU C 355 -12.26 -3.74 0.99
C LEU C 355 -12.21 -3.30 -0.47
N ALA C 356 -13.36 -3.32 -1.15
CA ALA C 356 -13.41 -2.91 -2.55
C ALA C 356 -13.04 -1.44 -2.70
N LYS C 357 -13.55 -0.59 -1.81
CA LYS C 357 -13.21 0.83 -1.86
C LYS C 357 -11.71 1.04 -1.66
N PHE C 358 -11.13 0.37 -0.67
CA PHE C 358 -9.70 0.53 -0.39
C PHE C 358 -8.86 0.09 -1.59
N TRP C 359 -9.19 -1.08 -2.15
CA TRP C 359 -8.38 -1.60 -3.26
C TRP C 359 -8.57 -0.78 -4.52
N ASP C 360 -9.78 -0.26 -4.75
CA ASP C 360 -10.00 0.63 -5.88
C ASP C 360 -9.17 1.90 -5.74
N THR C 361 -9.12 2.47 -4.54
CA THR C 361 -8.29 3.65 -4.32
C THR C 361 -6.83 3.34 -4.58
N VAL C 362 -6.36 2.19 -4.08
CA VAL C 362 -4.96 1.81 -4.25
C VAL C 362 -4.62 1.66 -5.74
N ILE C 363 -5.49 0.97 -6.49
CA ILE C 363 -5.23 0.75 -7.91
C ILE C 363 -5.28 2.06 -8.68
N LYS C 364 -6.25 2.92 -8.36
CA LYS C 364 -6.36 4.20 -9.05
C LYS C 364 -5.10 5.05 -8.82
N MET C 365 -4.61 5.06 -7.58
CA MET C 365 -3.40 5.84 -7.29
C MET C 365 -2.17 5.20 -7.92
N VAL C 366 -2.18 3.88 -8.06
CA VAL C 366 -1.11 3.19 -8.80
C VAL C 366 -1.07 3.66 -10.24
N GLU C 367 -2.25 3.76 -10.87
CA GLU C 367 -2.32 4.18 -12.26
C GLU C 367 -1.83 5.62 -12.43
N THR C 368 -2.16 6.50 -11.49
CA THR C 368 -1.89 7.92 -11.62
C THR C 368 -0.44 8.29 -11.29
N ASN C 369 0.35 7.35 -10.77
CA ASN C 369 1.79 7.52 -10.60
C ASN C 369 2.09 8.52 -9.46
N GLU C 370 1.48 8.29 -8.30
CA GLU C 370 1.97 8.82 -7.04
C GLU C 370 2.79 7.80 -6.24
N LEU C 371 3.17 6.69 -6.86
CA LEU C 371 3.88 5.60 -6.22
C LEU C 371 5.09 5.21 -7.05
N PRO C 372 6.07 4.55 -6.45
CA PRO C 372 7.23 4.09 -7.22
C PRO C 372 6.81 3.17 -8.35
N PHE C 373 7.52 3.27 -9.49
CA PHE C 373 7.11 2.48 -10.68
C PHE C 373 7.13 0.98 -10.37
N ASP C 374 7.96 0.55 -9.41
CA ASP C 374 8.07 -0.86 -9.09
C ASP C 374 7.12 -1.29 -7.99
N PHE C 375 6.01 -0.57 -7.82
CA PHE C 375 5.05 -0.90 -6.77
C PHE C 375 4.44 -2.28 -6.99
N HIS C 376 4.16 -2.62 -8.25
CA HIS C 376 3.61 -3.95 -8.55
C HIS C 376 4.63 -5.04 -8.23
N LEU C 377 5.92 -4.71 -8.31
CA LEU C 377 6.98 -5.68 -8.07
C LEU C 377 7.34 -5.72 -6.58
N GLY C 378 6.41 -5.29 -5.72
CA GLY C 378 6.64 -5.25 -4.30
C GLY C 378 6.46 -6.57 -3.56
N LYS C 379 6.12 -7.64 -4.28
CA LYS C 379 5.97 -8.98 -3.70
C LYS C 379 4.87 -9.03 -2.64
N LYS C 380 5.03 -8.28 -1.56
CA LYS C 380 4.03 -8.28 -0.49
C LYS C 380 2.69 -7.77 -1.00
N TRP C 381 2.71 -6.71 -1.80
CA TRP C 381 1.47 -6.18 -2.37
C TRP C 381 0.81 -7.20 -3.29
N ILE C 382 1.61 -7.95 -4.05
CA ILE C 382 1.07 -8.99 -4.92
C ILE C 382 0.35 -10.04 -4.10
N TYR C 383 0.98 -10.50 -3.01
CA TYR C 383 0.36 -11.53 -2.19
C TYR C 383 -0.90 -11.02 -1.51
N ALA C 384 -0.88 -9.77 -1.05
CA ALA C 384 -2.07 -9.18 -0.44
C ALA C 384 -3.21 -9.10 -1.45
N SER C 385 -2.90 -8.67 -2.68
CA SER C 385 -3.92 -8.61 -3.72
C SER C 385 -4.46 -10.00 -4.05
N GLN C 386 -3.57 -11.00 -4.09
CA GLN C 386 -4.01 -12.37 -4.37
C GLN C 386 -4.95 -12.88 -3.29
N PHE C 387 -4.59 -12.62 -2.03
CA PHE C 387 -5.46 -13.07 -0.90
C PHE C 387 -6.81 -12.35 -1.00
N TYR C 388 -6.78 -11.04 -1.23
CA TYR C 388 -8.03 -10.28 -1.34
C TYR C 388 -8.89 -10.83 -2.47
N GLN C 389 -8.30 -11.10 -3.63
CA GLN C 389 -9.07 -11.63 -4.75
C GLN C 389 -9.64 -12.99 -4.43
N LEU C 390 -8.86 -13.85 -3.77
CA LEU C 390 -9.34 -15.18 -3.42
C LEU C 390 -10.43 -15.15 -2.35
N LEU C 391 -10.47 -14.12 -1.52
CA LEU C 391 -11.43 -14.06 -0.43
C LEU C 391 -12.59 -13.10 -0.69
N ALA C 392 -12.57 -12.31 -1.76
CA ALA C 392 -13.61 -11.32 -1.99
C ALA C 392 -14.38 -11.56 -3.28
N GLU C 393 -13.70 -11.75 -4.41
CA GLU C 393 -14.36 -11.78 -5.72
C GLU C 393 -15.54 -12.77 -5.81
N PRO C 394 -15.46 -14.00 -5.29
CA PRO C 394 -16.66 -14.87 -5.31
C PRO C 394 -17.86 -14.22 -4.66
N LEU C 395 -17.64 -13.50 -3.55
CA LEU C 395 -18.74 -12.81 -2.90
C LEU C 395 -19.26 -11.65 -3.74
N ASP C 396 -18.35 -10.94 -4.43
CA ASP C 396 -18.78 -9.87 -5.31
C ASP C 396 -19.66 -10.39 -6.44
N ILE C 397 -19.25 -11.50 -7.06
CA ILE C 397 -20.06 -12.05 -8.15
C ILE C 397 -21.35 -12.66 -7.61
N ALA C 398 -21.33 -13.18 -6.37
CA ALA C 398 -22.57 -13.66 -5.76
C ALA C 398 -23.56 -12.52 -5.57
N ASN C 399 -23.08 -11.37 -5.06
CA ASN C 399 -23.94 -10.21 -4.91
C ASN C 399 -24.45 -9.72 -6.26
N PHE C 400 -23.58 -9.70 -7.27
CA PHE C 400 -24.00 -9.27 -8.60
C PHE C 400 -25.09 -10.17 -9.15
N TYR C 401 -24.92 -11.49 -9.00
CA TYR C 401 -25.91 -12.44 -9.49
C TYR C 401 -27.22 -12.31 -8.71
N LYS C 402 -27.13 -12.06 -7.40
CA LYS C 402 -28.34 -11.84 -6.61
C LYS C 402 -29.08 -10.60 -7.09
N ASN C 403 -28.33 -9.57 -7.49
CA ASN C 403 -28.96 -8.33 -8.00
C ASN C 403 -29.17 -8.44 -9.51
N ARG C 404 -28.71 -9.52 -10.13
CA ARG C 404 -28.82 -9.68 -11.57
C ARG C 404 -30.24 -10.14 -11.93
N ASP C 405 -30.91 -9.38 -12.79
CA ASP C 405 -32.21 -9.76 -13.28
C ASP C 405 -32.09 -10.94 -14.26
N ILE C 406 -33.21 -11.62 -14.48
CA ILE C 406 -33.21 -12.74 -15.42
C ILE C 406 -32.88 -12.27 -16.83
N LYS C 407 -33.34 -11.06 -17.18
CA LYS C 407 -33.03 -10.51 -18.50
C LYS C 407 -31.56 -10.14 -18.61
N THR C 408 -30.89 -9.91 -17.48
CA THR C 408 -29.48 -9.54 -17.49
C THR C 408 -28.60 -10.77 -17.74
N GLY C 409 -28.33 -11.06 -19.01
CA GLY C 409 -27.51 -12.18 -19.40
C GLY C 409 -26.03 -11.89 -19.54
N GLY C 410 -25.58 -10.71 -19.10
CA GLY C 410 -24.18 -10.37 -19.25
C GLY C 410 -23.25 -11.26 -18.43
N HIS C 411 -23.74 -11.76 -17.29
CA HIS C 411 -22.96 -12.61 -16.39
C HIS C 411 -21.70 -11.89 -15.92
N TYR C 412 -20.71 -12.64 -15.44
CA TYR C 412 -19.48 -12.07 -14.94
C TYR C 412 -18.29 -12.25 -15.87
N LEU C 413 -18.27 -13.30 -16.67
CA LEU C 413 -17.19 -13.48 -17.64
C LEU C 413 -17.27 -12.43 -18.76
N GLU C 414 -18.48 -12.18 -19.26
CA GLU C 414 -18.69 -11.21 -20.33
C GLU C 414 -18.93 -9.84 -19.69
N GLY C 415 -17.86 -9.15 -19.37
CA GLY C 415 -17.96 -7.84 -18.76
C GLY C 415 -18.42 -7.93 -17.31
N ASN C 416 -18.79 -6.77 -16.76
CA ASN C 416 -19.25 -6.63 -15.39
C ASN C 416 -18.22 -7.11 -14.38
N ARG C 417 -16.94 -6.99 -14.73
CA ARG C 417 -15.85 -7.39 -13.85
C ARG C 417 -15.04 -6.16 -13.45
N PRO C 418 -14.81 -5.91 -12.17
CA PRO C 418 -14.05 -4.73 -11.76
C PRO C 418 -12.65 -4.73 -12.34
N LYS C 419 -12.17 -3.55 -12.72
CA LYS C 419 -10.83 -3.41 -13.28
C LYS C 419 -9.75 -3.71 -12.24
N ARG C 420 -10.06 -3.49 -10.96
CA ARG C 420 -9.11 -3.85 -9.91
C ARG C 420 -8.75 -5.31 -9.96
N TYR C 421 -9.73 -6.17 -10.30
CA TYR C 421 -9.44 -7.60 -10.42
C TYR C 421 -8.54 -7.88 -11.62
N GLU C 422 -8.72 -7.12 -12.69
CA GLU C 422 -7.82 -7.29 -13.86
C GLU C 422 -6.39 -6.96 -13.40
N VAL C 423 -6.21 -5.79 -12.79
CA VAL C 423 -4.87 -5.38 -12.36
C VAL C 423 -4.27 -6.40 -11.41
N ILE C 424 -5.09 -6.92 -10.49
CA ILE C 424 -4.63 -7.94 -9.56
C ILE C 424 -4.22 -9.20 -10.33
N ASP C 425 -4.99 -9.56 -11.37
CA ASP C 425 -4.66 -10.73 -12.17
C ASP C 425 -3.32 -10.54 -12.88
N LYS C 426 -3.06 -9.34 -13.39
CA LYS C 426 -1.74 -9.06 -13.96
C LYS C 426 -0.64 -9.20 -12.91
N TRP C 427 -0.90 -8.69 -11.70
CA TRP C 427 0.10 -8.78 -10.64
C TRP C 427 0.39 -10.23 -10.27
N GLN C 428 -0.63 -11.08 -10.22
CA GLN C 428 -0.39 -12.50 -9.98
C GLN C 428 0.23 -13.18 -11.20
N LYS C 429 0.02 -12.64 -12.40
CA LYS C 429 0.79 -13.10 -13.55
C LYS C 429 2.27 -12.79 -13.38
N GLY C 430 2.60 -11.76 -12.60
CA GLY C 430 3.97 -11.43 -12.31
C GLY C 430 4.68 -12.29 -11.28
N VAL C 431 4.00 -13.31 -10.73
CA VAL C 431 4.60 -14.16 -9.69
C VAL C 431 5.42 -15.29 -10.31
N LYS C 432 6.20 -15.96 -9.49
CA LYS C 432 6.98 -17.12 -9.92
C LYS C 432 6.07 -18.26 -10.35
N VAL C 433 6.67 -19.28 -10.95
CA VAL C 433 5.95 -20.47 -11.37
C VAL C 433 5.51 -21.24 -10.13
N PRO C 434 4.21 -21.53 -9.98
CA PRO C 434 3.77 -22.28 -8.79
C PRO C 434 4.32 -23.69 -8.79
N GLU C 435 4.68 -24.18 -7.60
CA GLU C 435 5.16 -25.54 -7.46
C GLU C 435 4.00 -26.51 -7.53
N GLU C 436 4.13 -27.54 -8.38
CA GLU C 436 3.06 -28.52 -8.58
C GLU C 436 3.13 -29.61 -7.51
N CYS C 437 2.94 -29.18 -6.26
CA CYS C 437 2.89 -30.09 -5.12
C CYS C 437 1.47 -30.58 -4.93
N VAL C 438 1.30 -31.90 -4.81
CA VAL C 438 -0.02 -32.49 -4.65
C VAL C 438 -0.60 -32.07 -3.31
N ARG C 439 -1.80 -31.50 -3.34
CA ARG C 439 -2.44 -31.03 -2.12
C ARG C 439 -2.93 -32.23 -1.30
N SER C 440 -2.44 -32.33 -0.07
CA SER C 440 -2.87 -33.43 0.80
C SER C 440 -4.37 -33.34 1.10
N ARG C 441 -4.86 -32.13 1.37
CA ARG C 441 -6.27 -31.89 1.64
C ARG C 441 -6.79 -30.81 0.68
N TYR C 442 -8.09 -30.54 0.77
CA TYR C 442 -8.70 -29.55 -0.11
C TYR C 442 -8.18 -28.15 0.22
N ALA C 443 -8.04 -27.33 -0.83
CA ALA C 443 -7.51 -25.99 -0.65
C ALA C 443 -8.45 -25.14 0.19
N SER C 444 -7.87 -24.20 0.95
CA SER C 444 -8.67 -23.31 1.78
C SER C 444 -9.57 -22.43 0.92
N THR C 445 -9.04 -21.90 -0.18
CA THR C 445 -9.79 -21.05 -1.09
C THR C 445 -9.63 -21.59 -2.51
N THR C 446 -10.67 -21.37 -3.32
CA THR C 446 -10.64 -21.82 -4.71
C THR C 446 -9.57 -21.06 -5.49
N GLN C 447 -8.73 -21.80 -6.20
CA GLN C 447 -7.66 -21.17 -6.98
C GLN C 447 -8.25 -20.31 -8.10
N ASP C 448 -9.27 -20.80 -8.77
CA ASP C 448 -9.93 -20.01 -9.81
C ASP C 448 -10.81 -18.95 -9.17
N THR C 449 -10.64 -17.71 -9.63
CA THR C 449 -11.40 -16.58 -9.12
C THR C 449 -12.69 -16.34 -9.88
N CYS C 450 -12.92 -17.10 -10.96
CA CYS C 450 -14.16 -16.99 -11.73
C CYS C 450 -14.89 -18.32 -11.85
N PHE C 451 -14.54 -19.31 -11.01
CA PHE C 451 -15.14 -20.64 -11.12
C PHE C 451 -16.64 -20.61 -10.87
N TRP C 452 -17.08 -19.81 -9.90
CA TRP C 452 -18.50 -19.76 -9.57
C TRP C 452 -19.31 -19.17 -10.71
N ALA C 453 -18.78 -18.14 -11.38
CA ALA C 453 -19.49 -17.55 -12.51
C ALA C 453 -19.61 -18.53 -13.68
N LYS C 454 -18.54 -19.27 -13.96
CA LYS C 454 -18.61 -20.30 -14.99
C LYS C 454 -19.60 -21.40 -14.61
N LEU C 455 -19.66 -21.74 -13.31
CA LEU C 455 -20.66 -22.70 -12.85
C LEU C 455 -22.07 -22.18 -13.07
N GLU C 456 -22.29 -20.90 -12.81
CA GLU C 456 -23.61 -20.31 -13.05
C GLU C 456 -23.95 -20.35 -14.54
N GLN C 457 -22.98 -20.05 -15.40
CA GLN C 457 -23.22 -20.12 -16.84
C GLN C 457 -23.55 -21.54 -17.28
N ALA C 458 -22.84 -22.53 -16.72
CA ALA C 458 -23.13 -23.93 -17.03
C ALA C 458 -24.51 -24.32 -16.54
N LYS C 459 -24.92 -23.82 -15.36
CA LYS C 459 -26.26 -24.07 -14.88
C LYS C 459 -27.31 -23.49 -15.82
N GLU C 460 -27.07 -22.28 -16.33
CA GLU C 460 -27.99 -21.69 -17.30
C GLU C 460 -28.06 -22.54 -18.56
N TRP C 461 -26.90 -23.02 -19.04
CA TRP C 461 -26.89 -23.86 -20.23
C TRP C 461 -27.65 -25.15 -20.01
N LEU C 462 -27.46 -25.79 -18.85
CA LEU C 462 -28.18 -27.03 -18.56
C LEU C 462 -29.67 -26.80 -18.43
N ASP C 463 -30.07 -25.69 -17.81
CA ASP C 463 -31.48 -25.35 -17.71
C ASP C 463 -32.09 -25.12 -19.10
N GLU C 464 -31.33 -24.45 -19.98
CA GLU C 464 -31.79 -24.28 -21.36
C GLU C 464 -31.94 -25.62 -22.05
N ALA C 465 -31.00 -26.54 -21.81
CA ALA C 465 -31.08 -27.87 -22.41
C ALA C 465 -32.32 -28.61 -21.93
N ARG C 466 -32.65 -28.46 -20.64
CA ARG C 466 -33.80 -29.27 -20.11
C ARG C 466 -35.13 -28.57 -20.45
N LYS C 467 -35.13 -27.29 -20.78
CA LYS C 467 -36.39 -26.62 -21.18
C LYS C 467 -36.34 -26.18 -22.65
N GLU C 468 -35.35 -26.65 -23.42
CA GLU C 468 -35.30 -26.31 -24.86
C GLU C 468 -34.38 -27.27 -25.60
N SER C 469 -34.14 -27.00 -26.90
CA SER C 469 -33.25 -27.86 -27.72
C SER C 469 -33.64 -29.33 -27.56
N SER C 470 -34.94 -29.61 -27.46
CA SER C 470 -35.40 -31.02 -27.38
C SER C 470 -34.79 -31.79 -28.56
N ASP C 471 -34.63 -31.13 -29.71
CA ASP C 471 -33.97 -31.77 -30.86
C ASP C 471 -32.73 -32.50 -30.33
N PRO C 472 -32.62 -33.83 -30.50
CA PRO C 472 -31.50 -34.58 -29.92
C PRO C 472 -30.16 -33.94 -30.28
N GLN C 473 -29.98 -33.59 -31.55
CA GLN C 473 -28.68 -33.01 -32.00
C GLN C 473 -28.43 -31.69 -31.26
N ARG C 474 -29.43 -30.79 -31.26
CA ARG C 474 -29.28 -29.51 -30.52
C ARG C 474 -28.91 -29.85 -29.07
N ARG C 475 -29.68 -30.73 -28.44
CA ARG C 475 -29.34 -31.17 -27.06
C ARG C 475 -27.93 -31.77 -27.08
N SER C 476 -27.62 -32.58 -28.09
CA SER C 476 -26.30 -33.18 -28.15
C SER C 476 -25.20 -32.13 -28.18
N LEU C 477 -25.39 -31.05 -28.95
CA LEU C 477 -24.40 -29.97 -28.94
C LEU C 477 -24.30 -29.33 -27.55
N LEU C 478 -25.45 -29.15 -26.91
CA LEU C 478 -25.44 -28.57 -25.54
C LEU C 478 -24.63 -29.51 -24.63
N ARG C 479 -24.90 -30.82 -24.69
CA ARG C 479 -24.15 -31.78 -23.88
C ARG C 479 -22.66 -31.69 -24.16
N GLU C 480 -22.30 -31.52 -25.44
CA GLU C 480 -20.90 -31.33 -25.81
C GLU C 480 -20.35 -30.04 -25.20
N LYS C 481 -21.21 -29.05 -24.99
CA LYS C 481 -20.79 -27.82 -24.32
C LYS C 481 -20.54 -28.03 -22.84
N ILE C 482 -21.39 -28.85 -22.20
CA ILE C 482 -21.28 -28.99 -20.72
C ILE C 482 -20.19 -29.99 -20.35
N VAL C 483 -19.92 -30.98 -21.21
CA VAL C 483 -18.97 -32.03 -20.84
C VAL C 483 -17.55 -31.51 -20.58
N PRO C 484 -16.99 -30.54 -21.37
CA PRO C 484 -15.63 -30.07 -21.04
C PRO C 484 -15.59 -29.35 -19.71
N PHE C 485 -16.66 -28.61 -19.41
CA PHE C 485 -16.69 -27.87 -18.15
C PHE C 485 -16.75 -28.81 -16.96
N GLU C 486 -17.56 -29.87 -17.03
CA GLU C 486 -17.62 -30.81 -15.93
C GLU C 486 -16.33 -31.61 -15.83
N SER C 487 -15.66 -31.88 -16.96
CA SER C 487 -14.35 -32.52 -16.90
C SER C 487 -13.34 -31.61 -16.22
N TYR C 488 -13.42 -30.31 -16.52
CA TYR C 488 -12.50 -29.32 -15.88
C TYR C 488 -12.77 -29.32 -14.37
N ALA C 489 -14.05 -29.30 -14.00
CA ALA C 489 -14.40 -29.30 -12.59
C ALA C 489 -13.90 -30.55 -11.89
N ASN C 490 -14.01 -31.71 -12.55
CA ASN C 490 -13.50 -32.95 -11.98
C ASN C 490 -11.99 -32.89 -11.80
N THR C 491 -11.27 -32.34 -12.80
CA THR C 491 -9.83 -32.19 -12.67
C THR C 491 -9.48 -31.26 -11.52
N LEU C 492 -10.22 -30.17 -11.37
CA LEU C 492 -10.00 -29.25 -10.25
C LEU C 492 -10.23 -29.96 -8.92
N VAL C 493 -11.24 -30.81 -8.86
CA VAL C 493 -11.51 -31.57 -7.63
C VAL C 493 -10.35 -32.53 -7.33
N THR C 494 -9.86 -33.20 -8.37
CA THR C 494 -8.78 -34.17 -8.16
C THR C 494 -7.51 -33.51 -7.64
N LYS C 495 -7.17 -32.34 -8.19
CA LYS C 495 -6.04 -31.57 -7.68
C LYS C 495 -6.38 -30.82 -6.39
N LYS C 496 -7.64 -30.88 -5.95
CA LYS C 496 -8.08 -30.26 -4.70
C LYS C 496 -7.84 -28.76 -4.72
N GLU C 497 -8.24 -28.11 -5.81
CA GLU C 497 -8.13 -26.67 -5.98
C GLU C 497 -9.43 -25.95 -5.66
N VAL C 498 -10.41 -26.66 -5.10
CA VAL C 498 -11.68 -26.07 -4.70
C VAL C 498 -11.94 -26.44 -3.24
N SER C 499 -12.50 -25.49 -2.49
CA SER C 499 -12.72 -25.68 -1.07
C SER C 499 -13.89 -26.65 -0.82
N LEU C 500 -14.19 -26.86 0.45
CA LEU C 500 -15.27 -27.77 0.83
C LEU C 500 -16.63 -27.25 0.42
N ASP C 501 -16.74 -25.94 0.14
CA ASP C 501 -18.01 -25.37 -0.26
C ASP C 501 -18.50 -25.96 -1.58
N VAL C 502 -17.57 -26.19 -2.51
CA VAL C 502 -17.95 -26.77 -3.80
C VAL C 502 -18.46 -28.19 -3.61
N LYS C 503 -17.89 -28.93 -2.66
CA LYS C 503 -18.27 -30.31 -2.40
C LYS C 503 -19.41 -30.43 -1.39
N ALA C 504 -20.01 -29.29 -1.02
CA ALA C 504 -21.12 -29.29 -0.04
C ALA C 504 -22.33 -30.02 -0.62
N LYS C 505 -23.08 -30.75 0.22
CA LYS C 505 -24.22 -31.52 -0.26
C LYS C 505 -25.29 -30.62 -0.88
N ASN C 506 -25.57 -29.48 -0.25
CA ASN C 506 -26.59 -28.57 -0.73
C ASN C 506 -26.03 -27.46 -1.60
N SER C 507 -24.76 -27.58 -1.98
CA SER C 507 -24.10 -26.54 -2.81
C SER C 507 -24.65 -26.54 -4.23
N SER C 508 -24.63 -25.38 -4.89
CA SER C 508 -25.14 -25.28 -6.25
C SER C 508 -24.42 -26.24 -7.18
N TYR C 509 -23.13 -26.48 -6.94
CA TYR C 509 -22.37 -27.39 -7.79
C TYR C 509 -22.91 -28.82 -7.69
N SER C 510 -23.24 -29.25 -6.47
CA SER C 510 -23.77 -30.61 -6.30
C SER C 510 -25.12 -30.77 -6.97
N VAL C 511 -26.00 -29.79 -6.83
CA VAL C 511 -27.31 -29.85 -7.46
C VAL C 511 -27.17 -29.85 -8.98
N TRP C 512 -26.26 -29.02 -9.49
CA TRP C 512 -26.00 -28.99 -10.93
C TRP C 512 -25.45 -30.33 -11.43
N GLU C 513 -24.55 -30.94 -10.66
CA GLU C 513 -24.01 -32.25 -11.06
C GLU C 513 -25.10 -33.31 -11.06
N ALA C 514 -25.99 -33.28 -10.06
CA ALA C 514 -27.09 -34.22 -10.03
C ALA C 514 -28.02 -34.03 -11.24
N ASN C 515 -28.32 -32.78 -11.56
CA ASN C 515 -29.15 -32.51 -12.74
C ASN C 515 -28.47 -32.97 -14.01
N LEU C 516 -27.15 -32.78 -14.11
CA LEU C 516 -26.41 -33.25 -15.27
C LEU C 516 -26.49 -34.78 -15.39
N LYS C 517 -26.33 -35.48 -14.27
CA LYS C 517 -26.41 -36.93 -14.29
C LYS C 517 -27.80 -37.40 -14.72
N GLU C 518 -28.83 -36.75 -14.19
CA GLU C 518 -30.21 -37.11 -14.56
C GLU C 518 -30.45 -36.87 -16.04
N PHE C 519 -29.98 -35.72 -16.56
CA PHE C 519 -30.16 -35.43 -17.98
C PHE C 519 -29.41 -36.43 -18.84
N LYS C 520 -28.19 -36.79 -18.45
CA LYS C 520 -27.41 -37.75 -19.21
C LYS C 520 -28.11 -39.11 -19.25
N CYS C 521 -28.68 -39.52 -18.11
CA CYS C 521 -29.44 -40.77 -18.08
C CYS C 521 -30.69 -40.67 -18.95
N LYS C 522 -31.36 -39.52 -18.94
CA LYS C 522 -32.66 -39.41 -19.61
C LYS C 522 -32.50 -39.36 -21.13
N MET C 523 -31.51 -38.61 -21.62
CA MET C 523 -31.17 -38.69 -23.04
C MET C 523 -30.40 -39.94 -23.42
N GLY C 524 -29.82 -40.64 -22.46
CA GLY C 524 -28.95 -41.75 -22.78
C GLY C 524 -27.70 -41.36 -23.52
N TYR C 525 -27.14 -40.19 -23.19
CA TYR C 525 -25.94 -39.68 -23.84
C TYR C 525 -24.66 -40.21 -23.21
N GLU C 526 -24.77 -41.07 -22.20
CA GLU C 526 -23.58 -41.61 -21.53
C GLU C 526 -22.73 -42.38 -22.53
N ASN C 527 -21.42 -42.12 -22.51
CA ASN C 527 -20.46 -42.77 -23.39
C ASN C 527 -20.85 -42.61 -24.86
P RIA D . 7.48 -8.90 2.82
OP1 RIA D . 6.35 -8.18 3.43
OP2 RIA D . 8.64 -8.80 3.75
OP3 RIA D . 7.84 -8.23 1.40
O5A RIA D . 7.08 -10.47 2.59
C5A RIA D . 6.07 -10.75 1.69
C4A RIA D . 4.83 -10.76 2.39
O4' RIA D . 3.83 -11.65 1.66
C3A RIA D . 5.04 -11.38 3.83
O3A RIA D . 4.55 -10.38 4.88
C2A RIA D . 4.20 -12.60 3.81
O2A RIA D . 3.40 -12.70 5.06
C1A RIA D . 3.19 -12.36 2.52
N9 RIA D . 2.91 -13.63 1.94
C8 RIA D . 3.79 -14.56 1.69
N7 RIA D . 3.20 -15.62 1.16
C5 RIA D . 1.90 -15.35 1.09
C6 RIA D . 0.78 -16.07 0.62
N6 RIA D . 0.95 -17.44 0.07
N1 RIA D . -0.39 -15.49 0.67
C2 RIA D . -0.54 -14.27 1.17
N3 RIA D . 0.48 -13.56 1.61
C4 RIA D . 1.71 -14.09 1.58
C1' RIA D . 3.23 -14.10 5.40
O1' RIA D . 1.81 -14.59 4.94
C2' RIA D . 3.19 -14.27 6.89
O2' RIA D . 3.71 -15.57 7.27
C3' RIA D . 1.57 -14.16 7.21
O3' RIA D . 1.28 -14.77 8.48
C4' RIA D . 0.98 -14.82 6.26
C5' RIA D . -0.45 -14.28 6.05
O5' RIA D . -0.36 -12.96 5.53
P' RIA D . -1.66 -11.92 5.80
O1X RIA D . -1.94 -11.87 7.28
O2X RIA D . -1.31 -10.52 5.30
O3X RIA D . -2.90 -12.45 5.07
#